data_3OSX
# 
_entry.id   3OSX 
# 
_audit_conform.dict_name       mmcif_pdbx.dic 
_audit_conform.dict_version    5.380 
_audit_conform.dict_location   http://mmcif.pdb.org/dictionaries/ascii/mmcif_pdbx.dic 
# 
loop_
_database_2.database_id 
_database_2.database_code 
_database_2.pdbx_database_accession 
_database_2.pdbx_DOI 
PDB   3OSX         pdb_00003osx 10.2210/pdb3osx/pdb 
RCSB  RCSB061532   ?            ?                   
WWPDB D_1000061532 ?            ?                   
# 
_pdbx_database_status.entry_id                        3OSX 
_pdbx_database_status.status_code                     REL 
_pdbx_database_status.deposit_site                    RCSB 
_pdbx_database_status.process_site                    PDBJ 
_pdbx_database_status.recvd_initial_deposition_date   2010-09-10 
_pdbx_database_status.status_code_sf                  REL 
_pdbx_database_status.status_code_mr                  ? 
_pdbx_database_status.SG_entry                        ? 
_pdbx_database_status.status_code_cs                  ? 
_pdbx_database_status.pdb_format_compatible           Y 
_pdbx_database_status.status_code_nmr_data            ? 
_pdbx_database_status.methods_development_category    ? 
# 
loop_
_audit_author.name 
_audit_author.pdbx_ordinal 
'Viswanathan, R.' 1 
'Arockiasamy, A.' 2 
# 
_citation.id                        primary 
_citation.title                     'Crystal Structure of Apical Domain of Insecticidal GroEL from Xenorhapdus nematophila' 
_citation.journal_abbrev            'To be published' 
_citation.journal_volume            ? 
_citation.page_first                ? 
_citation.page_last                 ? 
_citation.year                      ? 
_citation.journal_id_ASTM           ? 
_citation.country                   ? 
_citation.journal_id_ISSN           ? 
_citation.journal_id_CSD            0353 
_citation.book_publisher            ? 
_citation.pdbx_database_id_PubMed   ? 
_citation.pdbx_database_id_DOI      ? 
# 
loop_
_citation_author.citation_id 
_citation_author.name 
_citation_author.ordinal 
_citation_author.identifier_ORCID 
primary 'Viswanathan, R.' 1 ? 
primary 'Krishnadas, B.'  2 ? 
primary 'Shashi, K.'      3 ? 
primary 'Iyer, L.M.'      4 ? 
primary 'Aravind, L.'     5 ? 
primary 'Nirupama, B.'    6 ? 
primary 'Arockiasamy, A.' 7 ? 
# 
_cell.length_a           39.983 
_cell.length_b           61.882 
_cell.length_c           75.332 
_cell.angle_alpha        90.000 
_cell.angle_beta         90.000 
_cell.angle_gamma        90.000 
_cell.entry_id           3OSX 
_cell.pdbx_unique_axis   ? 
_cell.Z_PDB              4 
_cell.length_a_esd       ? 
_cell.length_b_esd       ? 
_cell.length_c_esd       ? 
_cell.angle_alpha_esd    ? 
_cell.angle_beta_esd     ? 
_cell.angle_gamma_esd    ? 
# 
_symmetry.space_group_name_H-M             'P 21 21 21' 
_symmetry.entry_id                         3OSX 
_symmetry.pdbx_full_space_group_name_H-M   ? 
_symmetry.Int_Tables_number                19 
_symmetry.cell_setting                     ? 
_symmetry.space_group_name_Hall            ? 
# 
loop_
_entity.id 
_entity.type 
_entity.src_method 
_entity.pdbx_description 
_entity.formula_weight 
_entity.pdbx_number_of_molecules 
_entity.pdbx_ec 
_entity.pdbx_mutation 
_entity.pdbx_fragment 
_entity.details 
1 polymer man '60 kDa chaperonin' 22007.082 1   ? ? 'Apical Domain (UNP residues 191-376)' ? 
2 water   nat water               18.015    298 ? ? ?                                      ? 
# 
_entity_poly.entity_id                      1 
_entity_poly.type                           'polypeptide(L)' 
_entity_poly.nstd_linkage                   no 
_entity_poly.nstd_monomer                   no 
_entity_poly.pdbx_seq_one_letter_code       
;MRGSHHHHHHGSEGMQFDRGYLSPYFINKPESGSVELENPYILLVDKKISNIRELLPVLEGVAKASKPLVIIAEDVEGEA
LATLVVNNMRGIVKVASVKAPGFGDRRKAMLQDIATLTNGTVISEEIGLELEKATLEDLGQAKRVVINKDTTTIIDGVGE
EGAIAARVTQIRQQIEESTSDYDREKLQERVAKLAGGVKLN
;
_entity_poly.pdbx_seq_one_letter_code_can   
;MRGSHHHHHHGSEGMQFDRGYLSPYFINKPESGSVELENPYILLVDKKISNIRELLPVLEGVAKASKPLVIIAEDVEGEA
LATLVVNNMRGIVKVASVKAPGFGDRRKAMLQDIATLTNGTVISEEIGLELEKATLEDLGQAKRVVINKDTTTIIDGVGE
EGAIAARVTQIRQQIEESTSDYDREKLQERVAKLAGGVKLN
;
_entity_poly.pdbx_strand_id                 A 
_entity_poly.pdbx_target_identifier         ? 
# 
loop_
_entity_poly_seq.entity_id 
_entity_poly_seq.num 
_entity_poly_seq.mon_id 
_entity_poly_seq.hetero 
1 1   MET n 
1 2   ARG n 
1 3   GLY n 
1 4   SER n 
1 5   HIS n 
1 6   HIS n 
1 7   HIS n 
1 8   HIS n 
1 9   HIS n 
1 10  HIS n 
1 11  GLY n 
1 12  SER n 
1 13  GLU n 
1 14  GLY n 
1 15  MET n 
1 16  GLN n 
1 17  PHE n 
1 18  ASP n 
1 19  ARG n 
1 20  GLY n 
1 21  TYR n 
1 22  LEU n 
1 23  SER n 
1 24  PRO n 
1 25  TYR n 
1 26  PHE n 
1 27  ILE n 
1 28  ASN n 
1 29  LYS n 
1 30  PRO n 
1 31  GLU n 
1 32  SER n 
1 33  GLY n 
1 34  SER n 
1 35  VAL n 
1 36  GLU n 
1 37  LEU n 
1 38  GLU n 
1 39  ASN n 
1 40  PRO n 
1 41  TYR n 
1 42  ILE n 
1 43  LEU n 
1 44  LEU n 
1 45  VAL n 
1 46  ASP n 
1 47  LYS n 
1 48  LYS n 
1 49  ILE n 
1 50  SER n 
1 51  ASN n 
1 52  ILE n 
1 53  ARG n 
1 54  GLU n 
1 55  LEU n 
1 56  LEU n 
1 57  PRO n 
1 58  VAL n 
1 59  LEU n 
1 60  GLU n 
1 61  GLY n 
1 62  VAL n 
1 63  ALA n 
1 64  LYS n 
1 65  ALA n 
1 66  SER n 
1 67  LYS n 
1 68  PRO n 
1 69  LEU n 
1 70  VAL n 
1 71  ILE n 
1 72  ILE n 
1 73  ALA n 
1 74  GLU n 
1 75  ASP n 
1 76  VAL n 
1 77  GLU n 
1 78  GLY n 
1 79  GLU n 
1 80  ALA n 
1 81  LEU n 
1 82  ALA n 
1 83  THR n 
1 84  LEU n 
1 85  VAL n 
1 86  VAL n 
1 87  ASN n 
1 88  ASN n 
1 89  MET n 
1 90  ARG n 
1 91  GLY n 
1 92  ILE n 
1 93  VAL n 
1 94  LYS n 
1 95  VAL n 
1 96  ALA n 
1 97  SER n 
1 98  VAL n 
1 99  LYS n 
1 100 ALA n 
1 101 PRO n 
1 102 GLY n 
1 103 PHE n 
1 104 GLY n 
1 105 ASP n 
1 106 ARG n 
1 107 ARG n 
1 108 LYS n 
1 109 ALA n 
1 110 MET n 
1 111 LEU n 
1 112 GLN n 
1 113 ASP n 
1 114 ILE n 
1 115 ALA n 
1 116 THR n 
1 117 LEU n 
1 118 THR n 
1 119 ASN n 
1 120 GLY n 
1 121 THR n 
1 122 VAL n 
1 123 ILE n 
1 124 SER n 
1 125 GLU n 
1 126 GLU n 
1 127 ILE n 
1 128 GLY n 
1 129 LEU n 
1 130 GLU n 
1 131 LEU n 
1 132 GLU n 
1 133 LYS n 
1 134 ALA n 
1 135 THR n 
1 136 LEU n 
1 137 GLU n 
1 138 ASP n 
1 139 LEU n 
1 140 GLY n 
1 141 GLN n 
1 142 ALA n 
1 143 LYS n 
1 144 ARG n 
1 145 VAL n 
1 146 VAL n 
1 147 ILE n 
1 148 ASN n 
1 149 LYS n 
1 150 ASP n 
1 151 THR n 
1 152 THR n 
1 153 THR n 
1 154 ILE n 
1 155 ILE n 
1 156 ASP n 
1 157 GLY n 
1 158 VAL n 
1 159 GLY n 
1 160 GLU n 
1 161 GLU n 
1 162 GLY n 
1 163 ALA n 
1 164 ILE n 
1 165 ALA n 
1 166 ALA n 
1 167 ARG n 
1 168 VAL n 
1 169 THR n 
1 170 GLN n 
1 171 ILE n 
1 172 ARG n 
1 173 GLN n 
1 174 GLN n 
1 175 ILE n 
1 176 GLU n 
1 177 GLU n 
1 178 SER n 
1 179 THR n 
1 180 SER n 
1 181 ASP n 
1 182 TYR n 
1 183 ASP n 
1 184 ARG n 
1 185 GLU n 
1 186 LYS n 
1 187 LEU n 
1 188 GLN n 
1 189 GLU n 
1 190 ARG n 
1 191 VAL n 
1 192 ALA n 
1 193 LYS n 
1 194 LEU n 
1 195 ALA n 
1 196 GLY n 
1 197 GLY n 
1 198 VAL n 
1 199 LYS n 
1 200 LEU n 
1 201 ASN n 
# 
_entity_src_gen.entity_id                          1 
_entity_src_gen.pdbx_src_id                        1 
_entity_src_gen.pdbx_alt_source_flag               sample 
_entity_src_gen.pdbx_seq_type                      ? 
_entity_src_gen.pdbx_beg_seq_num                   ? 
_entity_src_gen.pdbx_end_seq_num                   ? 
_entity_src_gen.gene_src_common_name               ? 
_entity_src_gen.gene_src_genus                     ? 
_entity_src_gen.pdbx_gene_src_gene                 'groEL, groL' 
_entity_src_gen.gene_src_species                   ? 
_entity_src_gen.gene_src_strain                    ? 
_entity_src_gen.gene_src_tissue                    ? 
_entity_src_gen.gene_src_tissue_fraction           ? 
_entity_src_gen.gene_src_details                   ? 
_entity_src_gen.pdbx_gene_src_fragment             ? 
_entity_src_gen.pdbx_gene_src_scientific_name      'Xenorhabdus nematophila' 
_entity_src_gen.pdbx_gene_src_ncbi_taxonomy_id     628 
_entity_src_gen.pdbx_gene_src_variant              ? 
_entity_src_gen.pdbx_gene_src_cell_line            ? 
_entity_src_gen.pdbx_gene_src_atcc                 ? 
_entity_src_gen.pdbx_gene_src_organ                ? 
_entity_src_gen.pdbx_gene_src_organelle            ? 
_entity_src_gen.pdbx_gene_src_cell                 ? 
_entity_src_gen.pdbx_gene_src_cellular_location    ? 
_entity_src_gen.host_org_common_name               ? 
_entity_src_gen.pdbx_host_org_scientific_name      'Escherichia coli' 
_entity_src_gen.pdbx_host_org_ncbi_taxonomy_id     562 
_entity_src_gen.host_org_genus                     ? 
_entity_src_gen.pdbx_host_org_gene                 ? 
_entity_src_gen.pdbx_host_org_organ                ? 
_entity_src_gen.host_org_species                   ? 
_entity_src_gen.pdbx_host_org_tissue               ? 
_entity_src_gen.pdbx_host_org_tissue_fraction      ? 
_entity_src_gen.pdbx_host_org_strain               M15 
_entity_src_gen.pdbx_host_org_variant              ? 
_entity_src_gen.pdbx_host_org_cell_line            ? 
_entity_src_gen.pdbx_host_org_atcc                 ? 
_entity_src_gen.pdbx_host_org_culture_collection   ? 
_entity_src_gen.pdbx_host_org_cell                 ? 
_entity_src_gen.pdbx_host_org_organelle            ? 
_entity_src_gen.pdbx_host_org_cellular_location    ? 
_entity_src_gen.pdbx_host_org_vector_type          plasmid 
_entity_src_gen.pdbx_host_org_vector               ? 
_entity_src_gen.host_org_details                   ? 
_entity_src_gen.expression_system_id               ? 
_entity_src_gen.plasmid_name                       pQE30 
_entity_src_gen.plasmid_details                    ? 
_entity_src_gen.pdbx_description                   ? 
# 
_struct_ref.id                         1 
_struct_ref.db_name                    UNP 
_struct_ref.db_code                    Q6Y3X3_XENNE 
_struct_ref.pdbx_db_accession          Q6Y3X3 
_struct_ref.entity_id                  1 
_struct_ref.pdbx_seq_one_letter_code   
;EGMQFDRGYLSPYFINKPESGSVELENPYILLVDKKISNIRELLPVLEGVAKASKPLVIIAEDVEGEALATLVVNNMRGI
VKVASVKAPGFGDRRKAMLQDIATLTNGTVISEEIGLELEKATLEDLGQAKRVVINKDTTTIIDGVGEEGAIAARVTQIR
QQIEESTSDYDREKLQERVAKLAGGV
;
_struct_ref.pdbx_align_begin           191 
_struct_ref.pdbx_db_isoform            ? 
# 
_struct_ref_seq.align_id                      1 
_struct_ref_seq.ref_id                        1 
_struct_ref_seq.pdbx_PDB_id_code              3OSX 
_struct_ref_seq.pdbx_strand_id                A 
_struct_ref_seq.seq_align_beg                 13 
_struct_ref_seq.pdbx_seq_align_beg_ins_code   ? 
_struct_ref_seq.seq_align_end                 198 
_struct_ref_seq.pdbx_seq_align_end_ins_code   ? 
_struct_ref_seq.pdbx_db_accession             Q6Y3X3 
_struct_ref_seq.db_align_beg                  191 
_struct_ref_seq.pdbx_db_align_beg_ins_code    ? 
_struct_ref_seq.db_align_end                  376 
_struct_ref_seq.pdbx_db_align_end_ins_code    ? 
_struct_ref_seq.pdbx_auth_seq_align_beg       191 
_struct_ref_seq.pdbx_auth_seq_align_end       376 
# 
loop_
_struct_ref_seq_dif.align_id 
_struct_ref_seq_dif.pdbx_pdb_id_code 
_struct_ref_seq_dif.mon_id 
_struct_ref_seq_dif.pdbx_pdb_strand_id 
_struct_ref_seq_dif.seq_num 
_struct_ref_seq_dif.pdbx_pdb_ins_code 
_struct_ref_seq_dif.pdbx_seq_db_name 
_struct_ref_seq_dif.pdbx_seq_db_accession_code 
_struct_ref_seq_dif.db_mon_id 
_struct_ref_seq_dif.pdbx_seq_db_seq_num 
_struct_ref_seq_dif.details 
_struct_ref_seq_dif.pdbx_auth_seq_num 
_struct_ref_seq_dif.pdbx_ordinal 
1 3OSX MET A 1   ? UNP Q6Y3X3 ? ? 'expression tag' 179 1  
1 3OSX ARG A 2   ? UNP Q6Y3X3 ? ? 'expression tag' 180 2  
1 3OSX GLY A 3   ? UNP Q6Y3X3 ? ? 'expression tag' 181 3  
1 3OSX SER A 4   ? UNP Q6Y3X3 ? ? 'expression tag' 182 4  
1 3OSX HIS A 5   ? UNP Q6Y3X3 ? ? 'expression tag' 183 5  
1 3OSX HIS A 6   ? UNP Q6Y3X3 ? ? 'expression tag' 184 6  
1 3OSX HIS A 7   ? UNP Q6Y3X3 ? ? 'expression tag' 185 7  
1 3OSX HIS A 8   ? UNP Q6Y3X3 ? ? 'expression tag' 186 8  
1 3OSX HIS A 9   ? UNP Q6Y3X3 ? ? 'expression tag' 187 9  
1 3OSX HIS A 10  ? UNP Q6Y3X3 ? ? 'expression tag' 188 10 
1 3OSX GLY A 11  ? UNP Q6Y3X3 ? ? 'expression tag' 189 11 
1 3OSX SER A 12  ? UNP Q6Y3X3 ? ? 'expression tag' 190 12 
1 3OSX LYS A 199 ? UNP Q6Y3X3 ? ? 'expression tag' 377 13 
1 3OSX LEU A 200 ? UNP Q6Y3X3 ? ? 'expression tag' 378 14 
1 3OSX ASN A 201 ? UNP Q6Y3X3 ? ? 'expression tag' 379 15 
# 
loop_
_chem_comp.id 
_chem_comp.type 
_chem_comp.mon_nstd_flag 
_chem_comp.name 
_chem_comp.pdbx_synonyms 
_chem_comp.formula 
_chem_comp.formula_weight 
ALA 'L-peptide linking' y ALANINE         ? 'C3 H7 N O2'     89.093  
ARG 'L-peptide linking' y ARGININE        ? 'C6 H15 N4 O2 1' 175.209 
ASN 'L-peptide linking' y ASPARAGINE      ? 'C4 H8 N2 O3'    132.118 
ASP 'L-peptide linking' y 'ASPARTIC ACID' ? 'C4 H7 N O4'     133.103 
GLN 'L-peptide linking' y GLUTAMINE       ? 'C5 H10 N2 O3'   146.144 
GLU 'L-peptide linking' y 'GLUTAMIC ACID' ? 'C5 H9 N O4'     147.129 
GLY 'peptide linking'   y GLYCINE         ? 'C2 H5 N O2'     75.067  
HIS 'L-peptide linking' y HISTIDINE       ? 'C6 H10 N3 O2 1' 156.162 
HOH non-polymer         . WATER           ? 'H2 O'           18.015  
ILE 'L-peptide linking' y ISOLEUCINE      ? 'C6 H13 N O2'    131.173 
LEU 'L-peptide linking' y LEUCINE         ? 'C6 H13 N O2'    131.173 
LYS 'L-peptide linking' y LYSINE          ? 'C6 H15 N2 O2 1' 147.195 
MET 'L-peptide linking' y METHIONINE      ? 'C5 H11 N O2 S'  149.211 
PHE 'L-peptide linking' y PHENYLALANINE   ? 'C9 H11 N O2'    165.189 
PRO 'L-peptide linking' y PROLINE         ? 'C5 H9 N O2'     115.130 
SER 'L-peptide linking' y SERINE          ? 'C3 H7 N O3'     105.093 
THR 'L-peptide linking' y THREONINE       ? 'C4 H9 N O3'     119.119 
TYR 'L-peptide linking' y TYROSINE        ? 'C9 H11 N O3'    181.189 
VAL 'L-peptide linking' y VALINE          ? 'C5 H11 N O2'    117.146 
# 
_exptl.crystals_number   1 
_exptl.entry_id          3OSX 
_exptl.method            'X-RAY DIFFRACTION' 
# 
_exptl_crystal.id                    1 
_exptl_crystal.pdbx_mosaicity        ? 
_exptl_crystal.pdbx_mosaicity_esd    ? 
_exptl_crystal.density_Matthews      2.12 
_exptl_crystal.density_diffrn        ? 
_exptl_crystal.density_meas          ? 
_exptl_crystal.density_meas_temp     ? 
_exptl_crystal.density_percent_sol   41.91 
_exptl_crystal.size_max              ? 
_exptl_crystal.size_mid              ? 
_exptl_crystal.size_min              ? 
_exptl_crystal.size_rad              ? 
_exptl_crystal.description           ? 
_exptl_crystal.F_000                 ? 
_exptl_crystal.preparation           ? 
# 
_exptl_crystal_grow.crystal_id      1 
_exptl_crystal_grow.method          'VAPOR DIFFUSION, HANGING DROP' 
_exptl_crystal_grow.pH              ? 
_exptl_crystal_grow.temp            291 
_exptl_crystal_grow.pdbx_details    'Sodium Chloride, vapor diffusion, hanging drop, temperature 291K' 
_exptl_crystal_grow.temp_details    ? 
_exptl_crystal_grow.pdbx_pH_range   ? 
# 
_diffrn.id                     1 
_diffrn.ambient_temp           100 
_diffrn.ambient_temp_details   ? 
_diffrn.crystal_id             1 
# 
_diffrn_detector.diffrn_id              1 
_diffrn_detector.detector               'IMAGE PLATE' 
_diffrn_detector.type                   'MAR scanner 345 mm plate' 
_diffrn_detector.pdbx_collection_date   2009-10-15 
_diffrn_detector.details                ? 
# 
_diffrn_radiation.diffrn_id                        1 
_diffrn_radiation.pdbx_diffrn_protocol             'SINGLE WAVELENGTH' 
_diffrn_radiation.monochromator                    GRAPHITE 
_diffrn_radiation.wavelength_id                    1 
_diffrn_radiation.pdbx_monochromatic_or_laue_m_l   M 
_diffrn_radiation.pdbx_scattering_type             x-ray 
# 
_diffrn_radiation_wavelength.id           1 
_diffrn_radiation_wavelength.wavelength   1.548 
_diffrn_radiation_wavelength.wt           1.0 
# 
_diffrn_source.diffrn_id                   1 
_diffrn_source.source                      'ROTATING ANODE' 
_diffrn_source.type                        RIGAKU 
_diffrn_source.pdbx_wavelength_list        1.548 
_diffrn_source.pdbx_wavelength             ? 
_diffrn_source.pdbx_synchrotron_site       ? 
_diffrn_source.pdbx_synchrotron_beamline   ? 
# 
_reflns.entry_id                     3OSX 
_reflns.observed_criterion_sigma_F   ? 
_reflns.observed_criterion_sigma_I   ? 
_reflns.d_resolution_high            1.55 
_reflns.d_resolution_low             24.47 
_reflns.number_all                   ? 
_reflns.number_obs                   27300 
_reflns.percent_possible_obs         ? 
_reflns.pdbx_Rmerge_I_obs            ? 
_reflns.pdbx_Rsym_value              ? 
_reflns.pdbx_netI_over_sigmaI        ? 
_reflns.B_iso_Wilson_estimate        ? 
_reflns.pdbx_redundancy              ? 
_reflns.R_free_details               ? 
_reflns.limit_h_max                  ? 
_reflns.limit_h_min                  ? 
_reflns.limit_k_max                  ? 
_reflns.limit_k_min                  ? 
_reflns.limit_l_max                  ? 
_reflns.limit_l_min                  ? 
_reflns.observed_criterion_F_max     ? 
_reflns.observed_criterion_F_min     ? 
_reflns.pdbx_chi_squared             ? 
_reflns.pdbx_scaling_rejects         ? 
_reflns.pdbx_ordinal                 1 
_reflns.pdbx_diffrn_id               1 
# 
_refine.entry_id                                 3OSX 
_refine.ls_d_res_high                            1.5500 
_refine.ls_d_res_low                             24.4700 
_refine.pdbx_ls_sigma_F                          0.000 
_refine.pdbx_data_cutoff_high_absF               ? 
_refine.pdbx_data_cutoff_low_absF                ? 
_refine.ls_percent_reflns_obs                    95.5200 
_refine.ls_number_reflns_obs                     26036 
_refine.ls_number_reflns_all                     ? 
_refine.pdbx_ls_cross_valid_method               THROUGHOUT 
_refine.pdbx_R_Free_selection_details            RANDOM 
_refine.details                                  'HYDROGENS HAVE BEEN ADDED IN THE RIDING POSITIONS U VALUES' 
_refine.ls_R_factor_all                          ? 
_refine.ls_R_factor_obs                          0.2052 
_refine.ls_R_factor_R_work                       0.1478 
_refine.ls_wR_factor_R_work                      0.1430 
_refine.ls_R_factor_R_free                       0.2097 
_refine.ls_wR_factor_R_free                      0.1992 
_refine.ls_percent_reflns_R_free                 92.7000 
_refine.ls_number_reflns_R_free                  24131 
_refine.ls_R_factor_R_free_error                 ? 
_refine.B_iso_mean                               22.3193 
_refine.solvent_model_param_bsol                 ? 
_refine.solvent_model_param_ksol                 ? 
_refine.pdbx_isotropic_thermal_model             ? 
_refine.aniso_B[1][1]                            0.2500 
_refine.aniso_B[2][2]                            0.5900 
_refine.aniso_B[3][3]                            -0.8400 
_refine.aniso_B[1][2]                            0.0000 
_refine.aniso_B[1][3]                            0.0000 
_refine.aniso_B[2][3]                            0.0000 
_refine.correlation_coeff_Fo_to_Fc               0.9760 
_refine.correlation_coeff_Fo_to_Fc_free          0.9570 
_refine.overall_SU_R_Cruickshank_DPI             ? 
_refine.overall_SU_R_free                        0.7548 
_refine.pdbx_overall_ESU_R_Free                  0.7550 
_refine.overall_SU_ML                            0.0530 
_refine.overall_SU_B                             1.4710 
_refine.solvent_model_details                    MASK 
_refine.pdbx_solvent_vdw_probe_radii             1.4000 
_refine.pdbx_solvent_ion_probe_radii             0.8000 
_refine.pdbx_solvent_shrinkage_radii             0.8000 
_refine.ls_number_parameters                     ? 
_refine.ls_number_restraints                     ? 
_refine.pdbx_starting_model                      1LA1 
_refine.pdbx_method_to_determine_struct          'MOLECULAR REPLACEMENT' 
_refine.pdbx_stereochemistry_target_values       'MAXIMUM LIKELIHOOD' 
_refine.pdbx_stereochem_target_val_spec_case     ? 
_refine.overall_FOM_work_R_set                   0.8726 
_refine.B_iso_max                                57.150 
_refine.B_iso_min                                11.450 
_refine.occupancy_max                            1.000 
_refine.occupancy_min                            0.480 
_refine.pdbx_ls_sigma_I                          ? 
_refine.ls_redundancy_reflns_obs                 ? 
_refine.ls_R_factor_R_free_error_details         ? 
_refine.pdbx_data_cutoff_high_rms_absF           ? 
_refine.overall_FOM_free_R_set                   ? 
_refine.pdbx_overall_phase_error                 ? 
_refine.pdbx_refine_id                           'X-RAY DIFFRACTION' 
_refine.pdbx_overall_ESU_R                       ? 
_refine.pdbx_diffrn_id                           1 
_refine.pdbx_TLS_residual_ADP_flag               ? 
_refine.pdbx_overall_SU_R_free_Cruickshank_DPI   ? 
_refine.pdbx_overall_SU_R_Blow_DPI               ? 
_refine.pdbx_overall_SU_R_free_Blow_DPI          ? 
# 
_refine_hist.pdbx_refine_id                   'X-RAY DIFFRACTION' 
_refine_hist.cycle_id                         LAST 
_refine_hist.pdbx_number_atoms_protein        1447 
_refine_hist.pdbx_number_atoms_nucleic_acid   0 
_refine_hist.pdbx_number_atoms_ligand         0 
_refine_hist.number_atoms_solvent             298 
_refine_hist.number_atoms_total               1745 
_refine_hist.d_res_high                       1.5500 
_refine_hist.d_res_low                        24.4700 
# 
loop_
_refine_ls_restr.type 
_refine_ls_restr.number 
_refine_ls_restr.dev_ideal 
_refine_ls_restr.dev_ideal_target 
_refine_ls_restr.weight 
_refine_ls_restr.pdbx_refine_id 
_refine_ls_restr.pdbx_restraint_function 
r_bond_refined_d       1463 0.013  0.022  ? 'X-RAY DIFFRACTION' ? 
r_angle_refined_deg    1977 1.235  1.998  ? 'X-RAY DIFFRACTION' ? 
r_dihedral_angle_1_deg 191  5.413  5.000  ? 'X-RAY DIFFRACTION' ? 
r_dihedral_angle_2_deg 62   34.607 25.645 ? 'X-RAY DIFFRACTION' ? 
r_dihedral_angle_3_deg 279  11.479 15.000 ? 'X-RAY DIFFRACTION' ? 
r_dihedral_angle_4_deg 10   15.248 15.000 ? 'X-RAY DIFFRACTION' ? 
r_chiral_restr         238  0.081  0.200  ? 'X-RAY DIFFRACTION' ? 
r_gen_planes_refined   1071 0.006  0.021  ? 'X-RAY DIFFRACTION' ? 
r_mcbond_it            943  0.980  1.500  ? 'X-RAY DIFFRACTION' ? 
r_mcangle_it           1522 1.740  2.000  ? 'X-RAY DIFFRACTION' ? 
r_scbond_it            520  3.063  3.000  ? 'X-RAY DIFFRACTION' ? 
r_scangle_it           454  5.391  4.500  ? 'X-RAY DIFFRACTION' ? 
# 
_refine_ls_shell.d_res_high                       1.5470 
_refine_ls_shell.d_res_low                        1.5870 
_refine_ls_shell.pdbx_total_number_of_bins_used   20 
_refine_ls_shell.percent_reflns_obs               88.4400 
_refine_ls_shell.number_reflns_R_work             114 
_refine_ls_shell.R_factor_all                     ? 
_refine_ls_shell.R_factor_R_work                  0.3490 
_refine_ls_shell.R_factor_R_free                  0.4530 
_refine_ls_shell.percent_reflns_R_free            ? 
_refine_ls_shell.number_reflns_R_free             1478 
_refine_ls_shell.R_factor_R_free_error            ? 
_refine_ls_shell.number_reflns_all                1592 
_refine_ls_shell.number_reflns_obs                ? 
_refine_ls_shell.pdbx_refine_id                   'X-RAY DIFFRACTION' 
_refine_ls_shell.redundancy_reflns_obs            ? 
# 
_struct.entry_id                  3OSX 
_struct.title                     'Crystal Structure of Apical Domain of Insecticidal GroEL from Xenorhapdus nematophila' 
_struct.pdbx_model_details        ? 
_struct.pdbx_CASP_flag            ? 
_struct.pdbx_model_type_details   ? 
# 
_struct_keywords.entry_id        3OSX 
_struct_keywords.text            'alpha, beta, Apical Domain, CHAPERONE' 
_struct_keywords.pdbx_keywords   CHAPERONE 
# 
loop_
_struct_asym.id 
_struct_asym.pdbx_blank_PDB_chainid_flag 
_struct_asym.pdbx_modified 
_struct_asym.entity_id 
_struct_asym.details 
A N N 1 ? 
B N N 2 ? 
# 
_struct_biol.id        1 
_struct_biol.details   ? 
# 
loop_
_struct_conf.conf_type_id 
_struct_conf.id 
_struct_conf.pdbx_PDB_helix_id 
_struct_conf.beg_label_comp_id 
_struct_conf.beg_label_asym_id 
_struct_conf.beg_label_seq_id 
_struct_conf.pdbx_beg_PDB_ins_code 
_struct_conf.end_label_comp_id 
_struct_conf.end_label_asym_id 
_struct_conf.end_label_seq_id 
_struct_conf.pdbx_end_PDB_ins_code 
_struct_conf.beg_auth_comp_id 
_struct_conf.beg_auth_asym_id 
_struct_conf.beg_auth_seq_id 
_struct_conf.end_auth_comp_id 
_struct_conf.end_auth_asym_id 
_struct_conf.end_auth_seq_id 
_struct_conf.pdbx_PDB_helix_class 
_struct_conf.details 
_struct_conf.pdbx_PDB_helix_length 
HELX_P HELX_P1 1 SER A 23  ? ILE A 27  ? SER A 201 ILE A 205 5 ? 5  
HELX_P HELX_P2 2 ASN A 51  ? LYS A 64  ? ASN A 229 LYS A 242 1 ? 14 
HELX_P HELX_P3 3 GLU A 77  ? ARG A 90  ? GLU A 255 ARG A 268 1 ? 14 
HELX_P HELX_P4 4 PHE A 103 ? ASN A 119 ? PHE A 281 ASN A 297 1 ? 17 
HELX_P HELX_P5 5 SER A 124 ? GLY A 128 ? SER A 302 GLY A 306 5 ? 5  
HELX_P HELX_P6 6 GLU A 130 ? ALA A 134 ? GLU A 308 ALA A 312 5 ? 5  
HELX_P HELX_P7 7 THR A 135 ? LEU A 139 ? THR A 313 LEU A 317 5 ? 5  
HELX_P HELX_P8 8 GLU A 160 ? GLU A 177 ? GLU A 338 GLU A 355 1 ? 18 
HELX_P HELX_P9 9 SER A 180 ? GLY A 197 ? SER A 358 GLY A 375 1 ? 18 
# 
_struct_conf_type.id          HELX_P 
_struct_conf_type.criteria    ? 
_struct_conf_type.reference   ? 
# 
loop_
_struct_sheet.id 
_struct_sheet.type 
_struct_sheet.number_strands 
_struct_sheet.details 
A ? 4 ? 
B ? 6 ? 
# 
loop_
_struct_sheet_order.sheet_id 
_struct_sheet_order.range_id_1 
_struct_sheet_order.range_id_2 
_struct_sheet_order.offset 
_struct_sheet_order.sense 
A 1 2 ? anti-parallel 
A 2 3 ? anti-parallel 
A 3 4 ? anti-parallel 
B 1 2 ? anti-parallel 
B 2 3 ? anti-parallel 
B 3 4 ? anti-parallel 
B 4 5 ? parallel      
B 5 6 ? parallel      
# 
loop_
_struct_sheet_range.sheet_id 
_struct_sheet_range.id 
_struct_sheet_range.beg_label_comp_id 
_struct_sheet_range.beg_label_asym_id 
_struct_sheet_range.beg_label_seq_id 
_struct_sheet_range.pdbx_beg_PDB_ins_code 
_struct_sheet_range.end_label_comp_id 
_struct_sheet_range.end_label_asym_id 
_struct_sheet_range.end_label_seq_id 
_struct_sheet_range.pdbx_end_PDB_ins_code 
_struct_sheet_range.beg_auth_comp_id 
_struct_sheet_range.beg_auth_asym_id 
_struct_sheet_range.beg_auth_seq_id 
_struct_sheet_range.end_auth_comp_id 
_struct_sheet_range.end_auth_asym_id 
_struct_sheet_range.end_auth_seq_id 
A 1 MET A 15  ? PHE A 17  ? MET A 193 PHE A 195 
A 2 THR A 152 ? GLY A 157 ? THR A 330 GLY A 335 
A 3 GLY A 140 ? ILE A 147 ? GLY A 318 ILE A 325 
A 4 VAL A 35  ? GLU A 38  ? VAL A 213 GLU A 216 
B 1 MET A 15  ? PHE A 17  ? MET A 193 PHE A 195 
B 2 THR A 152 ? GLY A 157 ? THR A 330 GLY A 335 
B 3 GLY A 140 ? ILE A 147 ? GLY A 318 ILE A 325 
B 4 TYR A 41  ? ILE A 49  ? TYR A 219 ILE A 227 
B 5 LEU A 69  ? VAL A 76  ? LEU A 247 VAL A 254 
B 6 VAL A 95  ? LYS A 99  ? VAL A 273 LYS A 277 
# 
loop_
_pdbx_struct_sheet_hbond.sheet_id 
_pdbx_struct_sheet_hbond.range_id_1 
_pdbx_struct_sheet_hbond.range_id_2 
_pdbx_struct_sheet_hbond.range_1_label_atom_id 
_pdbx_struct_sheet_hbond.range_1_label_comp_id 
_pdbx_struct_sheet_hbond.range_1_label_asym_id 
_pdbx_struct_sheet_hbond.range_1_label_seq_id 
_pdbx_struct_sheet_hbond.range_1_PDB_ins_code 
_pdbx_struct_sheet_hbond.range_1_auth_atom_id 
_pdbx_struct_sheet_hbond.range_1_auth_comp_id 
_pdbx_struct_sheet_hbond.range_1_auth_asym_id 
_pdbx_struct_sheet_hbond.range_1_auth_seq_id 
_pdbx_struct_sheet_hbond.range_2_label_atom_id 
_pdbx_struct_sheet_hbond.range_2_label_comp_id 
_pdbx_struct_sheet_hbond.range_2_label_asym_id 
_pdbx_struct_sheet_hbond.range_2_label_seq_id 
_pdbx_struct_sheet_hbond.range_2_PDB_ins_code 
_pdbx_struct_sheet_hbond.range_2_auth_atom_id 
_pdbx_struct_sheet_hbond.range_2_auth_comp_id 
_pdbx_struct_sheet_hbond.range_2_auth_asym_id 
_pdbx_struct_sheet_hbond.range_2_auth_seq_id 
A 1 2 N MET A 15  ? N MET A 193 O ILE A 154 ? O ILE A 332 
A 2 3 O ILE A 155 ? O ILE A 333 N ARG A 144 ? N ARG A 322 
A 3 4 O ILE A 147 ? O ILE A 325 N VAL A 35  ? N VAL A 213 
B 1 2 N MET A 15  ? N MET A 193 O ILE A 154 ? O ILE A 332 
B 2 3 O ILE A 155 ? O ILE A 333 N ARG A 144 ? N ARG A 322 
B 3 4 O GLY A 140 ? O GLY A 318 N ILE A 42  ? N ILE A 220 
B 4 5 N LEU A 43  ? N LEU A 221 O ILE A 72  ? O ILE A 250 
B 5 6 N ILE A 71  ? N ILE A 249 O ALA A 96  ? O ALA A 274 
# 
_atom_sites.entry_id                    3OSX 
_atom_sites.fract_transf_matrix[1][1]   -0.00564762 
_atom_sites.fract_transf_matrix[1][2]   -0.02390590 
_atom_sites.fract_transf_matrix[1][3]   0.00470769 
_atom_sites.fract_transf_matrix[2][1]   0.01516723 
_atom_sites.fract_transf_matrix[2][2]   -0.00261296 
_atom_sites.fract_transf_matrix[2][3]   0.00492677 
_atom_sites.fract_transf_matrix[3][1]   -0.00346436 
_atom_sites.fract_transf_matrix[3][2]   0.00325906 
_atom_sites.fract_transf_matrix[3][3]   0.01239364 
_atom_sites.fract_transf_vector[1]      0.636418 
_atom_sites.fract_transf_vector[2]      0.927259 
_atom_sites.fract_transf_vector[3]      0.113493 
# 
loop_
_atom_type.symbol 
C 
N 
O 
S 
# 
loop_
_atom_site.group_PDB 
_atom_site.id 
_atom_site.type_symbol 
_atom_site.label_atom_id 
_atom_site.label_alt_id 
_atom_site.label_comp_id 
_atom_site.label_asym_id 
_atom_site.label_entity_id 
_atom_site.label_seq_id 
_atom_site.pdbx_PDB_ins_code 
_atom_site.Cartn_x 
_atom_site.Cartn_y 
_atom_site.Cartn_z 
_atom_site.occupancy 
_atom_site.B_iso_or_equiv 
_atom_site.pdbx_formal_charge 
_atom_site.auth_seq_id 
_atom_site.auth_comp_id 
_atom_site.auth_asym_id 
_atom_site.auth_atom_id 
_atom_site.pdbx_PDB_model_num 
ATOM   1    N N   . SER A 1 12  ? -3.167  -9.323  15.466  1.00 20.50 ? 190 SER A N   1 
ATOM   2    C CA  . SER A 1 12  ? -2.173  -8.263  15.845  1.00 20.79 ? 190 SER A CA  1 
ATOM   3    C C   . SER A 1 12  ? -0.860  -8.282  15.019  1.00 20.76 ? 190 SER A C   1 
ATOM   4    O O   . SER A 1 12  ? 0.078   -7.493  15.297  1.00 19.87 ? 190 SER A O   1 
ATOM   5    C CB  . SER A 1 12  ? -1.853  -8.402  17.342  1.00 20.12 ? 190 SER A CB  1 
ATOM   6    O OG  . SER A 1 12  ? -0.639  -9.115  17.525  1.00 19.96 ? 190 SER A OG  1 
ATOM   7    N N   . GLU A 1 13  ? -0.782  -9.161  14.012  1.00 20.75 ? 191 GLU A N   1 
ATOM   8    C CA  . GLU A 1 13  ? 0.489   -9.380  13.295  1.00 19.78 ? 191 GLU A CA  1 
ATOM   9    C C   . GLU A 1 13  ? 0.634   -8.633  11.953  1.00 20.55 ? 191 GLU A C   1 
ATOM   10   O O   . GLU A 1 13  ? 1.206   -9.177  10.987  1.00 20.47 ? 191 GLU A O   1 
ATOM   11   C CB  . GLU A 1 13  ? 0.746   -10.867 13.083  1.00 20.05 ? 191 GLU A CB  1 
ATOM   12   C CG  . GLU A 1 13  ? 0.797   -11.673 14.336  1.00 18.27 ? 191 GLU A CG  1 
ATOM   13   C CD  . GLU A 1 13  ? 1.382   -13.003 14.110  1.00 18.93 ? 191 GLU A CD  1 
ATOM   14   O OE1 . GLU A 1 13  ? 1.667   -13.367 12.934  1.00 21.12 ? 191 GLU A OE1 1 
ATOM   15   O OE2 . GLU A 1 13  ? 1.581   -13.689 15.122  1.00 20.78 ? 191 GLU A OE2 1 
ATOM   16   N N   . GLY A 1 14  ? 0.142   -7.389  11.906  1.00 19.27 ? 192 GLY A N   1 
ATOM   17   C CA  . GLY A 1 14  ? 0.171   -6.595  10.686  1.00 18.64 ? 192 GLY A CA  1 
ATOM   18   C C   . GLY A 1 14  ? -1.191  -6.376  10.097  1.00 16.46 ? 192 GLY A C   1 
ATOM   19   O O   . GLY A 1 14  ? -2.133  -7.083  10.439  1.00 17.16 ? 192 GLY A O   1 
ATOM   20   N N   . MET A 1 15  ? -1.273  -5.408  9.193   1.00 14.86 ? 193 MET A N   1 
ATOM   21   C CA  . MET A 1 15  ? -2.455  -5.176  8.402   1.00 14.87 ? 193 MET A CA  1 
ATOM   22   C C   . MET A 1 15  ? -2.360  -6.083  7.198   1.00 15.90 ? 193 MET A C   1 
ATOM   23   O O   . MET A 1 15  ? -1.475  -5.911  6.356   1.00 15.15 ? 193 MET A O   1 
ATOM   24   C CB  . MET A 1 15  ? -2.485  -3.716  7.914   1.00 15.92 ? 193 MET A CB  1 
ATOM   25   C CG  . MET A 1 15  ? -3.570  -3.447  6.885   1.00 15.56 ? 193 MET A CG  1 
ATOM   26   S SD  . MET A 1 15  ? -3.610  -1.769  6.278   1.00 18.73 ? 193 MET A SD  1 
ATOM   27   C CE  . MET A 1 15  ? -4.527  -0.996  7.611   1.00 20.56 ? 193 MET A CE  1 
ATOM   28   N N   . GLN A 1 16  ? -3.279  -7.034  7.085   1.00 15.37 ? 194 GLN A N   1 
ATOM   29   C CA  . GLN A 1 16  ? -3.255  -7.954  5.959   1.00 17.70 ? 194 GLN A CA  1 
ATOM   30   C C   . GLN A 1 16  ? -4.465  -7.758  5.069   1.00 17.28 ? 194 GLN A C   1 
ATOM   31   O O   . GLN A 1 16  ? -5.585  -7.686  5.561   1.00 19.27 ? 194 GLN A O   1 
ATOM   32   C CB  . GLN A 1 16  ? -3.149  -9.398  6.458   1.00 17.85 ? 194 GLN A CB  1 
ATOM   33   C CG  . GLN A 1 16  ? -2.915  -10.442 5.346   1.00 22.65 ? 194 GLN A CG  1 
ATOM   34   C CD  . GLN A 1 16  ? -2.842  -11.859 5.856   1.00 30.06 ? 194 GLN A CD  1 
ATOM   35   O OE1 . GLN A 1 16  ? -3.851  -12.574 5.909   1.00 30.35 ? 194 GLN A OE1 1 
ATOM   36   N NE2 . GLN A 1 16  ? -1.643  -12.289 6.229   1.00 30.49 ? 194 GLN A NE2 1 
ATOM   37   N N   . PHE A 1 17  ? -4.246  -7.715  3.762   1.00 17.43 ? 195 PHE A N   1 
ATOM   38   C CA  . PHE A 1 17  ? -5.368  -7.644  2.818   1.00 17.37 ? 195 PHE A CA  1 
ATOM   39   C C   . PHE A 1 17  ? -5.176  -8.607  1.674   1.00 17.53 ? 195 PHE A C   1 
ATOM   40   O O   . PHE A 1 17  ? -4.048  -9.047  1.407   1.00 16.84 ? 195 PHE A O   1 
ATOM   41   C CB  . PHE A 1 17  ? -5.661  -6.217  2.335   1.00 18.73 ? 195 PHE A CB  1 
ATOM   42   C CG  . PHE A 1 17  ? -4.519  -5.539  1.655   1.00 17.32 ? 195 PHE A CG  1 
ATOM   43   C CD1 . PHE A 1 17  ? -3.664  -4.681  2.358   1.00 19.28 ? 195 PHE A CD1 1 
ATOM   44   C CD2 . PHE A 1 17  ? -4.308  -5.699  0.298   1.00 17.27 ? 195 PHE A CD2 1 
ATOM   45   C CE1 . PHE A 1 17  ? -2.601  -4.054  1.718   1.00 18.97 ? 195 PHE A CE1 1 
ATOM   46   C CE2 . PHE A 1 17  ? -3.264  -5.023  -0.354  1.00 18.94 ? 195 PHE A CE2 1 
ATOM   47   C CZ  . PHE A 1 17  ? -2.410  -4.219  0.364   1.00 15.89 ? 195 PHE A CZ  1 
ATOM   48   N N   . ASP A 1 18  ? -6.288  -8.945  1.018   1.00 18.64 ? 196 ASP A N   1 
ATOM   49   C CA  . ASP A 1 18  ? -6.316  -10.088 0.100   1.00 18.51 ? 196 ASP A CA  1 
ATOM   50   C C   . ASP A 1 18  ? -5.956  -9.758  -1.352  1.00 18.21 ? 196 ASP A C   1 
ATOM   51   O O   . ASP A 1 18  ? -6.650  -10.141 -2.284  1.00 18.50 ? 196 ASP A O   1 
ATOM   52   C CB  . ASP A 1 18  ? -7.660  -10.810 0.180   1.00 19.59 ? 196 ASP A CB  1 
ATOM   53   C CG  . ASP A 1 18  ? -7.837  -11.586 1.482   1.00 26.49 ? 196 ASP A CG  1 
ATOM   54   O OD1 . ASP A 1 18  ? -6.846  -12.082 2.074   1.00 34.09 ? 196 ASP A OD1 1 
ATOM   55   O OD2 . ASP A 1 18  ? -8.990  -11.704 1.923   1.00 32.95 ? 196 ASP A OD2 1 
ATOM   56   N N   . ARG A 1 19  ? -4.865  -9.032  -1.516  1.00 16.33 ? 197 ARG A N   1 
ATOM   57   C CA  . ARG A 1 19  ? -4.247  -8.821  -2.803  1.00 16.55 ? 197 ARG A CA  1 
ATOM   58   C C   . ARG A 1 19  ? -2.785  -9.234  -2.708  1.00 16.37 ? 197 ARG A C   1 
ATOM   59   O O   . ARG A 1 19  ? -2.083  -8.846  -1.762  1.00 18.29 ? 197 ARG A O   1 
ATOM   60   C CB  . ARG A 1 19  ? -4.393  -7.365  -3.242  1.00 17.51 ? 197 ARG A CB  1 
ATOM   61   C CG  . ARG A 1 19  ? -5.838  -6.938  -3.545  1.00 20.37 ? 197 ARG A CG  1 
ATOM   62   C CD  . ARG A 1 19  ? -6.450  -7.779  -4.660  1.00 25.86 ? 197 ARG A CD  1 
ATOM   63   N NE  . ARG A 1 19  ? -7.555  -7.135  -5.375  1.00 32.67 ? 197 ARG A NE  1 
ATOM   64   C CZ  . ARG A 1 19  ? -8.133  -7.646  -6.457  1.00 34.71 ? 197 ARG A CZ  1 
ATOM   65   N NH1 . ARG A 1 19  ? -7.718  -8.807  -6.947  1.00 36.06 ? 197 ARG A NH1 1 
ATOM   66   N NH2 . ARG A 1 19  ? -9.129  -7.006  -7.054  1.00 37.22 ? 197 ARG A NH2 1 
ATOM   67   N N   . GLY A 1 20  ? -2.336  -10.056 -3.656  1.00 17.12 ? 198 GLY A N   1 
ATOM   68   C CA  . GLY A 1 20  ? -0.953  -10.499 -3.754  1.00 16.74 ? 198 GLY A CA  1 
ATOM   69   C C   . GLY A 1 20  ? -0.119  -9.800  -4.827  1.00 16.44 ? 198 GLY A C   1 
ATOM   70   O O   . GLY A 1 20  ? -0.522  -8.784  -5.379  1.00 17.75 ? 198 GLY A O   1 
ATOM   71   N N   . TYR A 1 21  ? 1.067   -10.324 -5.116  1.00 14.86 ? 199 TYR A N   1 
ATOM   72   C CA  . TYR A 1 21  ? 1.944   -9.654  -6.070  1.00 14.82 ? 199 TYR A CA  1 
ATOM   73   C C   . TYR A 1 21  ? 1.317   -9.580  -7.462  1.00 14.96 ? 199 TYR A C   1 
ATOM   74   O O   . TYR A 1 21  ? 0.615   -10.497 -7.883  1.00 14.91 ? 199 TYR A O   1 
ATOM   75   C CB  . TYR A 1 21  ? 3.370   -10.311 -6.136  1.00 13.84 ? 199 TYR A CB  1 
ATOM   76   C CG  . TYR A 1 21  ? 3.381   -11.840 -6.269  1.00 16.20 ? 199 TYR A CG  1 
ATOM   77   C CD1 . TYR A 1 21  ? 2.942   -12.471 -7.444  1.00 15.16 ? 199 TYR A CD1 1 
ATOM   78   C CD2 . TYR A 1 21  ? 3.872   -12.641 -5.218  1.00 17.03 ? 199 TYR A CD2 1 
ATOM   79   C CE1 . TYR A 1 21  ? 2.960   -13.862 -7.567  1.00 16.54 ? 199 TYR A CE1 1 
ATOM   80   C CE2 . TYR A 1 21  ? 3.930   -14.008 -5.331  1.00 16.44 ? 199 TYR A CE2 1 
ATOM   81   C CZ  . TYR A 1 21  ? 3.450   -14.628 -6.497  1.00 17.49 ? 199 TYR A CZ  1 
ATOM   82   O OH  . TYR A 1 21  ? 3.493   -15.998 -6.577  1.00 19.11 ? 199 TYR A OH  1 
ATOM   83   N N   . LEU A 1 22  ? 1.589   -8.497  -8.179  1.00 15.04 ? 200 LEU A N   1 
ATOM   84   C CA  . LEU A 1 22  ? 1.096   -8.307  -9.553  1.00 16.34 ? 200 LEU A CA  1 
ATOM   85   C C   . LEU A 1 22  ? 1.933   -9.071  -10.572 1.00 17.42 ? 200 LEU A C   1 
ATOM   86   O O   . LEU A 1 22  ? 1.535   -9.211  -11.731 1.00 19.71 ? 200 LEU A O   1 
ATOM   87   C CB  . LEU A 1 22  ? 0.976   -6.812  -9.919  1.00 16.35 ? 200 LEU A CB  1 
ATOM   88   C CG  . LEU A 1 22  ? -0.323  -6.106  -9.486  1.00 17.68 ? 200 LEU A CG  1 
ATOM   89   C CD1 . LEU A 1 22  ? -0.271  -4.592  -9.707  1.00 18.32 ? 200 LEU A CD1 1 
ATOM   90   C CD2 . LEU A 1 22  ? -1.501  -6.717  -10.245 1.00 22.43 ? 200 LEU A CD2 1 
ATOM   91   N N   . SER A 1 23  ? 3.123   -9.494  -10.139 1.00 16.63 ? 201 SER A N   1 
ATOM   92   C CA  . SER A 1 23  ? 3.998   -10.386 -10.911 1.00 17.02 ? 201 SER A CA  1 
ATOM   93   C C   . SER A 1 23  ? 4.848   -11.233 -9.968  1.00 16.09 ? 201 SER A C   1 
ATOM   94   O O   . SER A 1 23  ? 5.377   -10.705 -8.985  1.00 15.39 ? 201 SER A O   1 
ATOM   95   C CB  . SER A 1 23  ? 4.922   -9.566  -11.798 1.00 17.26 ? 201 SER A CB  1 
ATOM   96   O OG  . SER A 1 23  ? 5.863   -10.421 -12.429 1.00 15.30 ? 201 SER A OG  1 
ATOM   97   N N   . PRO A 1 24  ? 5.011   -12.533 -10.262 1.00 16.19 ? 202 PRO A N   1 
ATOM   98   C CA  . PRO A 1 24  ? 5.891   -13.360 -9.446  1.00 16.28 ? 202 PRO A CA  1 
ATOM   99   C C   . PRO A 1 24  ? 7.339   -12.933 -9.578  1.00 15.69 ? 202 PRO A C   1 
ATOM   100  O O   . PRO A 1 24  ? 8.203   -13.366 -8.765  1.00 15.07 ? 202 PRO A O   1 
ATOM   101  C CB  . PRO A 1 24  ? 5.666   -14.776 -10.003 1.00 17.11 ? 202 PRO A CB  1 
ATOM   102  C CG  . PRO A 1 24  ? 5.251   -14.558 -11.398 1.00 17.63 ? 202 PRO A CG  1 
ATOM   103  C CD  . PRO A 1 24  ? 4.424   -13.305 -11.371 1.00 16.93 ? 202 PRO A CD  1 
ATOM   104  N N   . TYR A 1 25  ? 7.633   -12.083 -10.569 1.00 14.55 ? 203 TYR A N   1 
ATOM   105  C CA  . TYR A 1 25  ? 9.024   -11.613 -10.683 1.00 14.09 ? 203 TYR A CA  1 
ATOM   106  C C   . TYR A 1 25  ? 9.418   -10.613 -9.597  1.00 14.19 ? 203 TYR A C   1 
ATOM   107  O O   . TYR A 1 25  ? 10.558  -10.204 -9.519  1.00 16.29 ? 203 TYR A O   1 
ATOM   108  C CB  . TYR A 1 25  ? 9.329   -11.031 -12.081 1.00 13.84 ? 203 TYR A CB  1 
ATOM   109  C CG  . TYR A 1 25  ? 9.207   -12.052 -13.190 1.00 15.27 ? 203 TYR A CG  1 
ATOM   110  C CD1 . TYR A 1 25  ? 10.080  -13.130 -13.261 1.00 15.12 ? 203 TYR A CD1 1 
ATOM   111  C CD2 . TYR A 1 25  ? 8.227   -11.940 -14.181 1.00 13.93 ? 203 TYR A CD2 1 
ATOM   112  C CE1 . TYR A 1 25  ? 9.998   -14.069 -14.269 1.00 16.27 ? 203 TYR A CE1 1 
ATOM   113  C CE2 . TYR A 1 25  ? 8.140   -12.909 -15.197 1.00 14.12 ? 203 TYR A CE2 1 
ATOM   114  C CZ  . TYR A 1 25  ? 9.033   -13.957 -15.228 1.00 17.51 ? 203 TYR A CZ  1 
ATOM   115  O OH  . TYR A 1 25  ? 8.942   -14.921 -16.218 1.00 18.15 ? 203 TYR A OH  1 
ATOM   116  N N   . PHE A 1 26  ? 8.467   -10.254 -8.727  1.00 14.97 ? 204 PHE A N   1 
ATOM   117  C CA  . PHE A 1 26  ? 8.790   -9.424  -7.583  1.00 14.01 ? 204 PHE A CA  1 
ATOM   118  C C   . PHE A 1 26  ? 9.268   -10.284 -6.401  1.00 13.94 ? 204 PHE A C   1 
ATOM   119  O O   . PHE A 1 26  ? 9.811   -9.754  -5.444  1.00 15.04 ? 204 PHE A O   1 
ATOM   120  C CB  . PHE A 1 26  ? 7.579   -8.606  -7.169  1.00 12.96 ? 204 PHE A CB  1 
ATOM   121  C CG  . PHE A 1 26  ? 7.146   -7.589  -8.163  1.00 14.28 ? 204 PHE A CG  1 
ATOM   122  C CD1 . PHE A 1 26  ? 8.050   -6.794  -8.857  1.00 15.30 ? 204 PHE A CD1 1 
ATOM   123  C CD2 . PHE A 1 26  ? 5.774   -7.447  -8.429  1.00 12.91 ? 204 PHE A CD2 1 
ATOM   124  C CE1 . PHE A 1 26  ? 7.593   -5.828  -9.791  1.00 15.84 ? 204 PHE A CE1 1 
ATOM   125  C CE2 . PHE A 1 26  ? 5.324   -6.526  -9.369  1.00 16.08 ? 204 PHE A CE2 1 
ATOM   126  C CZ  . PHE A 1 26  ? 6.247   -5.704  -10.037 1.00 15.68 ? 204 PHE A CZ  1 
ATOM   127  N N   . ILE A 1 27  ? 9.084   -11.597 -6.487  1.00 14.03 ? 205 ILE A N   1 
ATOM   128  C CA  . ILE A 1 27  ? 9.511   -12.506 -5.423  1.00 15.70 ? 205 ILE A CA  1 
ATOM   129  C C   . ILE A 1 27  ? 10.993  -12.286 -5.130  1.00 15.92 ? 205 ILE A C   1 
ATOM   130  O O   . ILE A 1 27  ? 11.808  -12.193 -6.048  1.00 16.81 ? 205 ILE A O   1 
ATOM   131  C CB  . ILE A 1 27  ? 9.214   -13.998 -5.779  1.00 15.57 ? 205 ILE A CB  1 
ATOM   132  C CG1 . ILE A 1 27  ? 7.699   -14.242 -5.674  1.00 15.61 ? 205 ILE A CG1 1 
ATOM   133  C CG2 . ILE A 1 27  ? 9.979   -14.978 -4.895  1.00 16.89 ? 205 ILE A CG2 1 
ATOM   134  C CD1 . ILE A 1 27  ? 7.231   -15.568 -6.153  1.00 15.13 ? 205 ILE A CD1 1 
ATOM   135  N N   . ASN A 1 28  ? 11.336  -12.224 -3.848  1.00 15.81 ? 206 ASN A N   1 
ATOM   136  C CA  . ASN A 1 28  ? 12.752  -12.188 -3.452  1.00 16.07 ? 206 ASN A CA  1 
ATOM   137  C C   . ASN A 1 28  ? 13.112  -13.236 -2.399  1.00 17.88 ? 206 ASN A C   1 
ATOM   138  O O   . ASN A 1 28  ? 14.239  -13.271 -1.937  1.00 18.71 ? 206 ASN A O   1 
ATOM   139  C CB  . ASN A 1 28  ? 13.169  -10.782 -3.012  1.00 16.50 ? 206 ASN A CB  1 
ATOM   140  C CG  . ASN A 1 28  ? 12.516  -10.366 -1.699  1.00 15.59 ? 206 ASN A CG  1 
ATOM   141  O OD1 . ASN A 1 28  ? 11.623  -11.064 -1.170  1.00 16.82 ? 206 ASN A OD1 1 
ATOM   142  N ND2 . ASN A 1 28  ? 12.914  -9.207  -1.190  1.00 19.94 ? 206 ASN A ND2 1 
ATOM   143  N N   . LYS A 1 29  ? 12.127  -14.068 -2.046  1.00 18.00 ? 207 LYS A N   1 
ATOM   144  C CA  . LYS A 1 29  ? 12.321  -15.240 -1.175  1.00 19.28 ? 207 LYS A CA  1 
ATOM   145  C C   . LYS A 1 29  ? 11.717  -16.447 -1.875  1.00 19.39 ? 207 LYS A C   1 
ATOM   146  O O   . LYS A 1 29  ? 10.618  -16.864 -1.590  1.00 19.94 ? 207 LYS A O   1 
ATOM   147  C CB  . LYS A 1 29  ? 11.678  -15.031 0.192   1.00 20.16 ? 207 LYS A CB  1 
ATOM   148  C CG  . LYS A 1 29  ? 12.272  -13.899 0.982   1.00 23.38 ? 207 LYS A CG  1 
ATOM   149  C CD  . LYS A 1 29  ? 13.750  -14.121 1.318   1.00 28.31 ? 207 LYS A CD  1 
ATOM   150  C CE  . LYS A 1 29  ? 14.228  -13.133 2.365   1.00 32.07 ? 207 LYS A CE  1 
ATOM   151  N NZ  . LYS A 1 29  ? 14.141  -11.730 1.905   1.00 37.83 ? 207 LYS A NZ  1 
ATOM   152  N N   . PRO A 1 30  ? 12.445  -16.980 -2.849  1.00 20.12 ? 208 PRO A N   1 
ATOM   153  C CA  . PRO A 1 30  ? 11.949  -18.075 -3.671  1.00 21.03 ? 208 PRO A CA  1 
ATOM   154  C C   . PRO A 1 30  ? 11.508  -19.327 -2.908  1.00 22.57 ? 208 PRO A C   1 
ATOM   155  O O   . PRO A 1 30  ? 10.573  -20.010 -3.353  1.00 22.80 ? 208 PRO A O   1 
ATOM   156  C CB  . PRO A 1 30  ? 13.144  -18.423 -4.562  1.00 20.43 ? 208 PRO A CB  1 
ATOM   157  C CG  . PRO A 1 30  ? 14.055  -17.298 -4.479  1.00 20.55 ? 208 PRO A CG  1 
ATOM   158  C CD  . PRO A 1 30  ? 13.802  -16.565 -3.226  1.00 18.13 ? 208 PRO A CD  1 
ATOM   159  N N   . GLU A 1 31  ? 12.158  -19.619 -1.789  1.00 24.57 ? 209 GLU A N   1 
ATOM   160  C CA  . GLU A 1 31  ? 11.853  -20.809 -0.996  1.00 26.67 ? 209 GLU A CA  1 
ATOM   161  C C   . GLU A 1 31  ? 10.469  -20.734 -0.345  1.00 26.51 ? 209 GLU A C   1 
ATOM   162  O O   . GLU A 1 31  ? 9.862   -21.775 -0.084  1.00 27.63 ? 209 GLU A O   1 
ATOM   163  C CB  . GLU A 1 31  ? 12.952  -21.108 0.039   1.00 27.57 ? 209 GLU A CB  1 
ATOM   164  C CG  . GLU A 1 31  ? 14.321  -21.423 -0.591  1.00 31.56 ? 209 GLU A CG  1 
ATOM   165  C CD  . GLU A 1 31  ? 15.427  -21.796 0.411   1.00 36.63 ? 209 GLU A CD  1 
ATOM   166  O OE1 . GLU A 1 31  ? 16.446  -22.372 -0.035  1.00 38.65 ? 209 GLU A OE1 1 
ATOM   167  O OE2 . GLU A 1 31  ? 15.300  -21.504 1.618   1.00 38.86 ? 209 GLU A OE2 1 
ATOM   168  N N   . SER A 1 32  ? 9.954   -19.509 -0.146  1.00 26.20 ? 210 SER A N   1 
ATOM   169  C CA  . SER A 1 32  ? 8.598   -19.307 0.378   1.00 25.29 ? 210 SER A CA  1 
ATOM   170  C C   . SER A 1 32  ? 7.614   -18.707 -0.605  1.00 24.36 ? 210 SER A C   1 
ATOM   171  O O   . SER A 1 32  ? 6.488   -18.433 -0.228  1.00 24.25 ? 210 SER A O   1 
ATOM   172  C CB  . SER A 1 32  ? 8.601   -18.415 1.611   1.00 24.98 ? 210 SER A CB  1 
ATOM   173  O OG  . SER A 1 32  ? 9.210   -17.180 1.332   1.00 26.63 ? 210 SER A OG  1 
ATOM   174  N N   . GLY A 1 33  ? 8.063   -18.453 -1.830  1.00 23.00 ? 211 GLY A N   1 
ATOM   175  C CA  . GLY A 1 33  ? 7.243   -17.831 -2.855  1.00 20.57 ? 211 GLY A CA  1 
ATOM   176  C C   . GLY A 1 33  ? 6.768   -16.424 -2.517  1.00 19.37 ? 211 GLY A C   1 
ATOM   177  O O   . GLY A 1 33  ? 5.644   -16.038 -2.841  1.00 20.34 ? 211 GLY A O   1 
ATOM   178  N N   . SER A 1 34  ? 7.616   -15.655 -1.838  1.00 18.10 ? 212 SER A N   1 
ATOM   179  C CA  . SER A 1 34  ? 7.169   -14.405 -1.284  1.00 18.29 ? 212 SER A CA  1 
ATOM   180  C C   . SER A 1 34  ? 8.097   -13.224 -1.588  1.00 17.34 ? 212 SER A C   1 
ATOM   181  O O   . SER A 1 34  ? 9.246   -13.393 -2.011  1.00 16.41 ? 212 SER A O   1 
ATOM   182  C CB  . SER A 1 34  ? 6.942   -14.583 0.224   1.00 16.54 ? 212 SER A CB  1 
ATOM   183  O OG  . SER A 1 34  ? 8.182   -14.832 0.905   1.00 20.84 ? 212 SER A OG  1 
ATOM   184  N N   . VAL A 1 35  ? 7.563   -12.021 -1.385  1.00 16.56 ? 213 VAL A N   1 
ATOM   185  C CA  . VAL A 1 35  ? 8.349   -10.798 -1.354  1.00 15.94 ? 213 VAL A CA  1 
ATOM   186  C C   . VAL A 1 35  ? 8.453   -10.363 0.091   1.00 16.09 ? 213 VAL A C   1 
ATOM   187  O O   . VAL A 1 35  ? 7.422   -10.184 0.761   1.00 18.13 ? 213 VAL A O   1 
ATOM   188  C CB  . VAL A 1 35  ? 7.661   -9.675  -2.152  1.00 16.24 ? 213 VAL A CB  1 
ATOM   189  C CG1 . VAL A 1 35  ? 8.645   -8.465  -2.377  1.00 17.52 ? 213 VAL A CG1 1 
ATOM   190  C CG2 . VAL A 1 35  ? 7.118   -10.211 -3.469  1.00 15.94 ? 213 VAL A CG2 1 
ATOM   191  N N   . GLU A 1 36  ? 9.683   -10.230 0.597   1.00 16.37 ? 214 GLU A N   1 
ATOM   192  C CA  . GLU A 1 36  ? 9.857   -9.672  1.938   1.00 17.42 ? 214 GLU A CA  1 
ATOM   193  C C   . GLU A 1 36  ? 10.715  -8.438  1.836   1.00 17.05 ? 214 GLU A C   1 
ATOM   194  O O   . GLU A 1 36  ? 11.884  -8.524  1.454   1.00 17.15 ? 214 GLU A O   1 
ATOM   195  C CB  . GLU A 1 36  ? 10.458  -10.701 2.919   1.00 19.09 ? 214 GLU A CB  1 
ATOM   196  C CG  . GLU A 1 36  ? 9.581   -11.951 3.130   1.00 24.16 ? 214 GLU A CG  1 
ATOM   197  C CD  . GLU A 1 36  ? 10.136  -12.916 4.154   1.00 30.16 ? 214 GLU A CD  1 
ATOM   198  O OE1 . GLU A 1 36  ? 11.150  -12.602 4.818   1.00 31.26 ? 214 GLU A OE1 1 
ATOM   199  O OE2 . GLU A 1 36  ? 9.548   -14.002 4.301   1.00 35.16 ? 214 GLU A OE2 1 
ATOM   200  N N   . LEU A 1 37  ? 10.138  -7.286  2.144   1.00 16.74 ? 215 LEU A N   1 
ATOM   201  C CA  . LEU A 1 37  ? 10.861  -6.017  2.024   1.00 17.04 ? 215 LEU A CA  1 
ATOM   202  C C   . LEU A 1 37  ? 10.963  -5.338  3.374   1.00 16.80 ? 215 LEU A C   1 
ATOM   203  O O   . LEU A 1 37  ? 9.961   -5.103  4.040   1.00 16.79 ? 215 LEU A O   1 
ATOM   204  C CB  . LEU A 1 37  ? 10.175  -5.110  1.019   1.00 18.87 ? 215 LEU A CB  1 
ATOM   205  C CG  . LEU A 1 37  ? 10.148  -5.709  -0.408  1.00 20.45 ? 215 LEU A CG  1 
ATOM   206  C CD1 . LEU A 1 37  ? 9.323   -4.854  -1.377  1.00 24.06 ? 215 LEU A CD1 1 
ATOM   207  C CD2 . LEU A 1 37  ? 11.569  -5.922  -0.955  1.00 23.68 ? 215 LEU A CD2 1 
ATOM   208  N N   . GLU A 1 38  ? 12.186  -5.003  3.747   1.00 17.77 ? 216 GLU A N   1 
ATOM   209  C CA  . GLU A 1 38  ? 12.505  -4.358  5.032   1.00 19.76 ? 216 GLU A CA  1 
ATOM   210  C C   . GLU A 1 38  ? 12.515  -2.866  4.894   1.00 18.85 ? 216 GLU A C   1 
ATOM   211  O O   . GLU A 1 38  ? 13.116  -2.308  3.955   1.00 17.88 ? 216 GLU A O   1 
ATOM   212  C CB  . GLU A 1 38  ? 13.874  -4.786  5.531   1.00 20.65 ? 216 GLU A CB  1 
ATOM   213  C CG  . GLU A 1 38  ? 13.887  -6.146  6.197   1.00 27.33 ? 216 GLU A CG  1 
ATOM   214  C CD  . GLU A 1 38  ? 12.969  -6.199  7.402   1.00 32.05 ? 216 GLU A CD  1 
ATOM   215  O OE1 . GLU A 1 38  ? 13.222  -5.473  8.383   1.00 37.49 ? 216 GLU A OE1 1 
ATOM   216  O OE2 . GLU A 1 38  ? 11.987  -6.952  7.370   1.00 34.39 ? 216 GLU A OE2 1 
ATOM   217  N N   . ASN A 1 39  ? 11.854  -2.212  5.845   1.00 18.66 ? 217 ASN A N   1 
ATOM   218  C CA  . ASN A 1 39  ? 11.767  -0.744  5.854   1.00 18.13 ? 217 ASN A CA  1 
ATOM   219  C C   . ASN A 1 39  ? 11.496  -0.112  4.486   1.00 17.04 ? 217 ASN A C   1 
ATOM   220  O O   . ASN A 1 39  ? 12.211  0.792   4.048   1.00 18.41 ? 217 ASN A O   1 
ATOM   221  C CB  . ASN A 1 39  ? 13.040  -0.153  6.473   1.00 19.34 ? 217 ASN A CB  1 
ATOM   222  C CG  . ASN A 1 39  ? 13.189  -0.515  7.947   1.00 24.11 ? 217 ASN A CG  1 
ATOM   223  O OD1 . ASN A 1 39  ? 14.158  -1.154  8.336   1.00 27.85 ? 217 ASN A OD1 1 
ATOM   224  N ND2 . ASN A 1 39  ? 12.233  -0.090  8.765   1.00 27.48 ? 217 ASN A ND2 1 
ATOM   225  N N   . PRO A 1 40  ? 10.447  -0.577  3.803   1.00 16.32 ? 218 PRO A N   1 
ATOM   226  C CA  . PRO A 1 40  ? 10.099  -0.044  2.502   1.00 16.61 ? 218 PRO A CA  1 
ATOM   227  C C   . PRO A 1 40  ? 9.413   1.324   2.537   1.00 16.31 ? 218 PRO A C   1 
ATOM   228  O O   . PRO A 1 40  ? 8.804   1.700   3.534   1.00 16.71 ? 218 PRO A O   1 
ATOM   229  C CB  . PRO A 1 40  ? 9.108   -1.079  1.958   1.00 17.16 ? 218 PRO A CB  1 
ATOM   230  C CG  . PRO A 1 40  ? 8.436   -1.589  3.153   1.00 16.83 ? 218 PRO A CG  1 
ATOM   231  C CD  . PRO A 1 40  ? 9.472   -1.578  4.265   1.00 16.04 ? 218 PRO A CD  1 
ATOM   232  N N   . TYR A 1 41  ? 9.527   2.053   1.435   1.00 15.07 ? 219 TYR A N   1 
ATOM   233  C CA  . TYR A 1 41  ? 8.601   3.116   1.112   1.00 14.16 ? 219 TYR A CA  1 
ATOM   234  C C   . TYR A 1 41  ? 7.341   2.511   0.529   1.00 14.14 ? 219 TYR A C   1 
ATOM   235  O O   . TYR A 1 41  ? 7.376   1.458   -0.124  1.00 15.20 ? 219 TYR A O   1 
ATOM   236  C CB  . TYR A 1 41  ? 9.180   4.029   0.039   1.00 16.32 ? 219 TYR A CB  1 
ATOM   237  C CG  . TYR A 1 41  ? 10.366  4.884   0.451   1.00 15.08 ? 219 TYR A CG  1 
ATOM   238  C CD1 . TYR A 1 41  ? 10.230  5.853   1.417   1.00 15.85 ? 219 TYR A CD1 1 
ATOM   239  C CD2 . TYR A 1 41  ? 11.611  4.757   -0.180  1.00 18.30 ? 219 TYR A CD2 1 
ATOM   240  C CE1 . TYR A 1 41  ? 11.299  6.632   1.815   1.00 19.08 ? 219 TYR A CE1 1 
ATOM   241  C CE2 . TYR A 1 41  ? 12.677  5.579   0.183   1.00 16.39 ? 219 TYR A CE2 1 
ATOM   242  C CZ  . TYR A 1 41  ? 12.519  6.504   1.180   1.00 18.17 ? 219 TYR A CZ  1 
ATOM   243  O OH  . TYR A 1 41  ? 13.584  7.302   1.540   1.00 19.84 ? 219 TYR A OH  1 
ATOM   244  N N   . ILE A 1 42  ? 6.240   3.204   0.740   1.00 12.77 ? 220 ILE A N   1 
ATOM   245  C CA  . ILE A 1 42  ? 4.957   2.722   0.261   1.00 13.34 ? 220 ILE A CA  1 
ATOM   246  C C   . ILE A 1 42  ? 4.228   3.817   -0.526  1.00 12.37 ? 220 ILE A C   1 
ATOM   247  O O   . ILE A 1 42  ? 3.825   4.845   0.037   1.00 14.04 ? 220 ILE A O   1 
ATOM   248  C CB  . ILE A 1 42  ? 4.049   2.246   1.424   1.00 13.65 ? 220 ILE A CB  1 
ATOM   249  C CG1 . ILE A 1 42  ? 4.807   1.220   2.267   1.00 13.68 ? 220 ILE A CG1 1 
ATOM   250  C CG2 . ILE A 1 42  ? 2.726   1.639   0.878   1.00 14.27 ? 220 ILE A CG2 1 
ATOM   251  C CD1 . ILE A 1 42  ? 4.093   0.868   3.580   1.00 17.23 ? 220 ILE A CD1 1 
ATOM   252  N N   . LEU A 1 43  ? 4.069   3.582   -1.826  1.00 12.59 ? 221 LEU A N   1 
ATOM   253  C CA  . LEU A 1 43  ? 3.389   4.532   -2.697  1.00 12.95 ? 221 LEU A CA  1 
ATOM   254  C C   . LEU A 1 43  ? 1.933   4.101   -2.861  1.00 13.69 ? 221 LEU A C   1 
ATOM   255  O O   . LEU A 1 43  ? 1.687   2.976   -3.269  1.00 13.29 ? 221 LEU A O   1 
ATOM   256  C CB  . LEU A 1 43  ? 4.065   4.552   -4.068  1.00 13.64 ? 221 LEU A CB  1 
ATOM   257  C CG  . LEU A 1 43  ? 3.395   5.349   -5.185  1.00 14.29 ? 221 LEU A CG  1 
ATOM   258  C CD1 . LEU A 1 43  ? 3.278   6.867   -4.842  1.00 14.00 ? 221 LEU A CD1 1 
ATOM   259  C CD2 . LEU A 1 43  ? 4.097   5.139   -6.489  1.00 15.13 ? 221 LEU A CD2 1 
ATOM   260  N N   . LEU A 1 44  ? 1.012   5.026   -2.573  1.00 12.66 ? 222 LEU A N   1 
ATOM   261  C CA  . LEU A 1 44  ? -0.413  4.788   -2.529  1.00 13.22 ? 222 LEU A CA  1 
ATOM   262  C C   . LEU A 1 44  ? -1.074  5.647   -3.579  1.00 13.85 ? 222 LEU A C   1 
ATOM   263  O O   . LEU A 1 44  ? -0.975  6.880   -3.544  1.00 11.93 ? 222 LEU A O   1 
ATOM   264  C CB  . LEU A 1 44  ? -0.952  5.114   -1.117  1.00 13.31 ? 222 LEU A CB  1 
ATOM   265  C CG  . LEU A 1 44  ? -0.236  4.388   0.028   1.00 14.70 ? 222 LEU A CG  1 
ATOM   266  C CD1 . LEU A 1 44  ? -0.657  5.014   1.319   1.00 14.84 ? 222 LEU A CD1 1 
ATOM   267  C CD2 . LEU A 1 44  ? -0.561  2.890   0.050   1.00 16.00 ? 222 LEU A CD2 1 
ATOM   268  N N   . VAL A 1 45  ? -1.691  4.985   -4.549  1.00 13.51 ? 223 VAL A N   1 
ATOM   269  C CA  . VAL A 1 45  ? -2.290  5.688   -5.703  1.00 13.88 ? 223 VAL A CA  1 
ATOM   270  C C   . VAL A 1 45  ? -3.685  5.177   -6.036  1.00 14.35 ? 223 VAL A C   1 
ATOM   271  O O   . VAL A 1 45  ? -3.875  3.991   -6.263  1.00 15.52 ? 223 VAL A O   1 
ATOM   272  C CB  . VAL A 1 45  ? -1.379  5.553   -6.946  1.00 13.17 ? 223 VAL A CB  1 
ATOM   273  C CG1 . VAL A 1 45  ? -1.961  6.361   -8.125  1.00 12.88 ? 223 VAL A CG1 1 
ATOM   274  C CG2 . VAL A 1 45  ? -0.009  6.025   -6.613  1.00 16.66 ? 223 VAL A CG2 1 
ATOM   275  N N   . ASP A 1 46  ? -4.668  6.080   -6.019  1.00 14.48 ? 224 ASP A N   1 
ATOM   276  C CA  . ASP A 1 46  ? -6.063  5.689   -6.204  1.00 17.84 ? 224 ASP A CA  1 
ATOM   277  C C   . ASP A 1 46  ? -6.522  5.684   -7.679  1.00 17.24 ? 224 ASP A C   1 
ATOM   278  O O   . ASP A 1 46  ? -7.689  6.053   -7.988  1.00 21.72 ? 224 ASP A O   1 
ATOM   279  C CB  . ASP A 1 46  ? -7.003  6.543   -5.325  1.00 18.58 ? 224 ASP A CB  1 
ATOM   280  C CG  . ASP A 1 46  ? -7.177  7.940   -5.845  1.00 23.91 ? 224 ASP A CG  1 
ATOM   281  O OD1 . ASP A 1 46  ? -6.257  8.410   -6.558  1.00 29.64 ? 224 ASP A OD1 1 
ATOM   282  O OD2 . ASP A 1 46  ? -8.234  8.564   -5.565  1.00 28.57 ? 224 ASP A OD2 1 
ATOM   283  N N   . LYS A 1 47  ? -5.619  5.294   -8.566  1.00 15.88 ? 225 LYS A N   1 
ATOM   284  C CA  . LYS A 1 47  ? -5.931  5.112   -9.985  1.00 16.25 ? 225 LYS A CA  1 
ATOM   285  C C   . LYS A 1 47  ? -5.068  3.987   -10.548 1.00 17.74 ? 225 LYS A C   1 
ATOM   286  O O   . LYS A 1 47  ? -4.192  3.458   -9.866  1.00 17.29 ? 225 LYS A O   1 
ATOM   287  C CB  . LYS A 1 47  ? -5.745  6.422   -10.779 1.00 17.21 ? 225 LYS A CB  1 
ATOM   288  C CG  . LYS A 1 47  ? -4.271  6.786   -10.978 1.00 17.61 ? 225 LYS A CG  1 
ATOM   289  C CD  . LYS A 1 47  ? -4.065  7.862   -12.025 1.00 21.31 ? 225 LYS A CD  1 
ATOM   290  C CE  . LYS A 1 47  ? -2.568  8.057   -12.304 1.00 25.21 ? 225 LYS A CE  1 
ATOM   291  N NZ  . LYS A 1 47  ? -2.343  9.124   -13.329 1.00 27.07 ? 225 LYS A NZ  1 
ATOM   292  N N   . LYS A 1 48  ? -5.319  3.633   -11.800 1.00 17.75 ? 226 LYS A N   1 
ATOM   293  C CA  . LYS A 1 48  ? -4.464  2.719   -12.527 1.00 18.39 ? 226 LYS A CA  1 
ATOM   294  C C   . LYS A 1 48  ? -3.228  3.442   -13.036 1.00 17.94 ? 226 LYS A C   1 
ATOM   295  O O   . LYS A 1 48  ? -3.318  4.555   -13.567 1.00 19.25 ? 226 LYS A O   1 
ATOM   296  C CB  . LYS A 1 48  ? -5.218  2.111   -13.701 1.00 17.23 ? 226 LYS A CB  1 
ATOM   297  C CG  . LYS A 1 48  ? -6.272  1.053   -13.288 1.00 22.16 ? 226 LYS A CG  1 
ATOM   298  C CD  . LYS A 1 48  ? -6.776  0.254   -14.474 1.00 24.68 ? 226 LYS A CD  1 
ATOM   299  C CE  . LYS A 1 48  ? -7.677  -0.879  -14.033 1.00 30.68 ? 226 LYS A CE  1 
ATOM   300  N NZ  . LYS A 1 48  ? -8.141  -1.706  -15.185 1.00 31.59 ? 226 LYS A NZ  1 
ATOM   301  N N   . ILE A 1 49  ? -2.071  2.799   -12.882 1.00 18.10 ? 227 ILE A N   1 
ATOM   302  C CA  . ILE A 1 49  ? -0.819  3.313   -13.405 1.00 18.50 ? 227 ILE A CA  1 
ATOM   303  C C   . ILE A 1 49  ? -0.393  2.489   -14.625 1.00 17.35 ? 227 ILE A C   1 
ATOM   304  O O   . ILE A 1 49  ? -0.193  1.290   -14.513 1.00 18.94 ? 227 ILE A O   1 
ATOM   305  C CB  . ILE A 1 49  ? 0.289   3.277   -12.359 1.00 17.95 ? 227 ILE A CB  1 
ATOM   306  C CG1 . ILE A 1 49  ? -0.167  3.995   -11.078 1.00 19.41 ? 227 ILE A CG1 1 
ATOM   307  C CG2 . ILE A 1 49  ? 1.594   3.942   -12.895 1.00 18.98 ? 227 ILE A CG2 1 
ATOM   308  C CD1 . ILE A 1 49  ? 0.759   3.806   -9.918  1.00 17.40 ? 227 ILE A CD1 1 
ATOM   309  N N   . SER A 1 50  ? -0.246  3.142   -15.780 1.00 18.09 ? 228 SER A N   1 
ATOM   310  C CA  . SER A 1 50  ? 0.163   2.459   -17.024 1.00 19.07 ? 228 SER A CA  1 
ATOM   311  C C   . SER A 1 50  ? 1.339   3.126   -17.683 1.00 18.28 ? 228 SER A C   1 
ATOM   312  O O   . SER A 1 50  ? 2.069   2.499   -18.441 1.00 18.85 ? 228 SER A O   1 
ATOM   313  C CB  . SER A 1 50  ? -0.976  2.318   -18.027 1.00 19.51 ? 228 SER A CB  1 
ATOM   314  O OG  . SER A 1 50  ? -1.431  3.563   -18.500 1.00 24.95 ? 228 SER A OG  1 
ATOM   315  N N   . ASN A 1 51  ? 1.515   4.411   -17.387 1.00 17.60 ? 229 ASN A N   1 
ATOM   316  C CA  . ASN A 1 51  ? 2.583   5.199   -17.999 1.00 17.39 ? 229 ASN A CA  1 
ATOM   317  C C   . ASN A 1 51  ? 3.790   5.301   -17.092 1.00 17.77 ? 229 ASN A C   1 
ATOM   318  O O   . ASN A 1 51  ? 3.729   5.919   -16.028 1.00 18.21 ? 229 ASN A O   1 
ATOM   319  C CB  . ASN A 1 51  ? 2.057   6.600   -18.339 1.00 15.64 ? 229 ASN A CB  1 
ATOM   320  C CG  . ASN A 1 51  ? 2.958   7.350   -19.289 1.00 21.29 ? 229 ASN A CG  1 
ATOM   321  O OD1 . ASN A 1 51  ? 4.177   7.262   -19.208 1.00 20.25 ? 229 ASN A OD1 1 
ATOM   322  N ND2 . ASN A 1 51  ? 2.344   8.134   -20.197 1.00 19.36 ? 229 ASN A ND2 1 
ATOM   323  N N   . ILE A 1 52  ? 4.908   4.719   -17.521 1.00 16.94 ? 230 ILE A N   1 
ATOM   324  C CA  . ILE A 1 52  ? 6.100   4.698   -16.693 1.00 17.61 ? 230 ILE A CA  1 
ATOM   325  C C   . ILE A 1 52  ? 6.580   6.111   -16.373 1.00 18.80 ? 230 ILE A C   1 
ATOM   326  O O   . ILE A 1 52  ? 7.150   6.341   -15.308 1.00 19.91 ? 230 ILE A O   1 
ATOM   327  C CB  . ILE A 1 52  ? 7.228   3.882   -17.332 1.00 17.94 ? 230 ILE A CB  1 
ATOM   328  C CG1 . ILE A 1 52  ? 8.393   3.675   -16.320 1.00 15.53 ? 230 ILE A CG1 1 
ATOM   329  C CG2 . ILE A 1 52  ? 7.707   4.557   -18.595 1.00 17.21 ? 230 ILE A CG2 1 
ATOM   330  C CD1 . ILE A 1 52  ? 7.936   3.053   -15.023 1.00 16.54 ? 230 ILE A CD1 1 
ATOM   331  N N   . ARG A 1 53  ? 6.320   7.063   -17.264 1.00 18.45 ? 231 ARG A N   1 
ATOM   332  C CA  . ARG A 1 53  ? 6.772   8.424   -17.061 1.00 19.28 ? 231 ARG A CA  1 
ATOM   333  C C   . ARG A 1 53  ? 6.217   9.048   -15.796 1.00 20.37 ? 231 ARG A C   1 
ATOM   334  O O   . ARG A 1 53  ? 6.873   9.884   -15.199 1.00 22.08 ? 231 ARG A O   1 
ATOM   335  C CB  . ARG A 1 53  ? 6.426   9.277   -18.287 1.00 18.42 ? 231 ARG A CB  1 
ATOM   336  C CG  . ARG A 1 53  ? 7.135   8.853   -19.568 1.00 20.51 ? 231 ARG A CG  1 
ATOM   337  C CD  . ARG A 1 53  ? 6.664   9.731   -20.734 1.00 25.58 ? 231 ARG A CD  1 
ATOM   338  N NE  . ARG A 1 53  ? 7.301   9.342   -21.988 1.00 31.12 ? 231 ARG A NE  1 
ATOM   339  C CZ  . ARG A 1 53  ? 8.240   10.063  -22.586 1.00 34.57 ? 231 ARG A CZ  1 
ATOM   340  N NH1 . ARG A 1 53  ? 8.629   11.222  -22.055 1.00 35.40 ? 231 ARG A NH1 1 
ATOM   341  N NH2 . ARG A 1 53  ? 8.780   9.637   -23.716 1.00 37.18 ? 231 ARG A NH2 1 
ATOM   342  N N   . GLU A 1 54  ? 5.020   8.646   -15.373 1.00 21.09 ? 232 GLU A N   1 
ATOM   343  C CA  . GLU A 1 54  ? 4.445   9.126   -14.130 1.00 21.12 ? 232 GLU A CA  1 
ATOM   344  C C   . GLU A 1 54  ? 5.250   8.710   -12.900 1.00 20.86 ? 232 GLU A C   1 
ATOM   345  O O   . GLU A 1 54  ? 5.246   9.425   -11.891 1.00 22.10 ? 232 GLU A O   1 
ATOM   346  C CB  . GLU A 1 54  ? 3.029   8.605   -13.970 1.00 22.18 ? 232 GLU A CB  1 
ATOM   347  C CG  . GLU A 1 54  ? 2.035   9.331   -14.857 1.00 22.99 ? 232 GLU A CG  1 
ATOM   348  C CD  . GLU A 1 54  ? 0.620   9.194   -14.347 1.00 27.55 ? 232 GLU A CD  1 
ATOM   349  O OE1 . GLU A 1 54  ? 0.027   8.126   -14.583 1.00 31.24 ? 232 GLU A OE1 1 
ATOM   350  O OE2 . GLU A 1 54  ? 0.113   10.150  -13.712 1.00 26.95 ? 232 GLU A OE2 1 
ATOM   351  N N   . LEU A 1 55  ? 5.929   7.567   -12.987 1.00 19.46 ? 233 LEU A N   1 
ATOM   352  C CA  . LEU A 1 55  ? 6.644   7.022   -11.820 1.00 18.97 ? 233 LEU A CA  1 
ATOM   353  C C   . LEU A 1 55  ? 8.091   7.411   -11.779 1.00 19.85 ? 233 LEU A C   1 
ATOM   354  O O   . LEU A 1 55  ? 8.702   7.267   -10.753 1.00 19.21 ? 233 LEU A O   1 
ATOM   355  C CB  . LEU A 1 55  ? 6.597   5.502   -11.785 1.00 18.87 ? 233 LEU A CB  1 
ATOM   356  C CG  . LEU A 1 55  ? 5.255   4.874   -11.474 1.00 17.28 ? 233 LEU A CG  1 
ATOM   357  C CD1 . LEU A 1 55  ? 5.365   3.351   -11.644 1.00 20.14 ? 233 LEU A CD1 1 
ATOM   358  C CD2 . LEU A 1 55  ? 4.886   5.173   -10.060 1.00 19.84 ? 233 LEU A CD2 1 
ATOM   359  N N   . LEU A 1 56  ? 8.643   7.870   -12.901 1.00 19.89 ? 234 LEU A N   1 
ATOM   360  C CA  . LEU A 1 56  ? 10.053  8.193   -12.968 1.00 20.57 ? 234 LEU A CA  1 
ATOM   361  C C   . LEU A 1 56  ? 10.565  9.123   -11.847 1.00 21.75 ? 234 LEU A C   1 
ATOM   362  O O   . LEU A 1 56  ? 11.593  8.839   -11.245 1.00 21.16 ? 234 LEU A O   1 
ATOM   363  C CB  . LEU A 1 56  ? 10.401  8.772   -14.352 1.00 20.30 ? 234 LEU A CB  1 
ATOM   364  C CG  . LEU A 1 56  ? 10.289  7.792   -15.524 1.00 22.03 ? 234 LEU A CG  1 
ATOM   365  C CD1 . LEU A 1 56  ? 10.727  8.444   -16.827 1.00 23.01 ? 234 LEU A CD1 1 
ATOM   366  C CD2 . LEU A 1 56  ? 11.110  6.523   -15.308 1.00 21.96 ? 234 LEU A CD2 1 
ATOM   367  N N   . PRO A 1 57  ? 9.851   10.229  -11.577 1.00 22.15 ? 235 PRO A N   1 
ATOM   368  C CA  . PRO A 1 57  ? 10.341  11.119  -10.551 1.00 23.83 ? 235 PRO A CA  1 
ATOM   369  C C   . PRO A 1 57  ? 10.448  10.473  -9.166  1.00 24.82 ? 235 PRO A C   1 
ATOM   370  O O   . PRO A 1 57  ? 11.443  10.683  -8.487  1.00 25.90 ? 235 PRO A O   1 
ATOM   371  C CB  . PRO A 1 57  ? 9.318   12.267  -10.559 1.00 24.21 ? 235 PRO A CB  1 
ATOM   372  C CG  . PRO A 1 57  ? 8.687   12.206  -11.895 1.00 24.18 ? 235 PRO A CG  1 
ATOM   373  C CD  . PRO A 1 57  ? 8.641   10.761  -12.234 1.00 22.74 ? 235 PRO A CD  1 
ATOM   374  N N   . VAL A 1 58  ? 9.431   9.715   -8.750  1.00 25.22 ? 236 VAL A N   1 
ATOM   375  C CA  . VAL A 1 58  ? 9.454   9.018   -7.467  1.00 25.79 ? 236 VAL A CA  1 
ATOM   376  C C   . VAL A 1 58  ? 10.553  7.973   -7.467  1.00 25.40 ? 236 VAL A C   1 
ATOM   377  O O   . VAL A 1 58  ? 11.279  7.850   -6.509  1.00 25.86 ? 236 VAL A O   1 
ATOM   378  C CB  . VAL A 1 58  ? 8.086   8.345   -7.114  1.00 25.68 ? 236 VAL A CB  1 
ATOM   379  C CG1 . VAL A 1 58  ? 8.262   7.196   -6.054  1.00 28.11 ? 236 VAL A CG1 1 
ATOM   380  C CG2 . VAL A 1 58  ? 7.121   9.375   -6.608  1.00 27.42 ? 236 VAL A CG2 1 
ATOM   381  N N   . LEU A 1 59  ? 10.680  7.237   -8.566  1.00 25.85 ? 237 LEU A N   1 
ATOM   382  C CA  . LEU A 1 59  ? 11.699  6.202   -8.647  1.00 25.79 ? 237 LEU A CA  1 
ATOM   383  C C   . LEU A 1 59  ? 13.122  6.793   -8.534  1.00 26.76 ? 237 LEU A C   1 
ATOM   384  O O   . LEU A 1 59  ? 14.046  6.140   -8.037  1.00 26.12 ? 237 LEU A O   1 
ATOM   385  C CB  . LEU A 1 59  ? 11.530  5.392   -9.934  1.00 25.60 ? 237 LEU A CB  1 
ATOM   386  C CG  . LEU A 1 59  ? 10.306  4.476   -9.992  1.00 22.63 ? 237 LEU A CG  1 
ATOM   387  C CD1 . LEU A 1 59  ? 10.178  3.867   -11.369 1.00 23.16 ? 237 LEU A CD1 1 
ATOM   388  C CD2 . LEU A 1 59  ? 10.328  3.378   -8.956  1.00 23.88 ? 237 LEU A CD2 1 
ATOM   389  N N   . GLU A 1 60  ? 13.274  8.038   -8.976  1.00 27.96 ? 238 GLU A N   1 
ATOM   390  C CA  . GLU A 1 60  ? 14.524  8.774   -8.833  1.00 29.84 ? 238 GLU A CA  1 
ATOM   391  C C   . GLU A 1 60  ? 14.878  8.960   -7.360  1.00 29.36 ? 238 GLU A C   1 
ATOM   392  O O   . GLU A 1 60  ? 16.049  8.857   -6.980  1.00 29.78 ? 238 GLU A O   1 
ATOM   393  C CB  . GLU A 1 60  ? 14.426  10.150  -9.498  1.00 30.59 ? 238 GLU A CB  1 
ATOM   394  C CG  . GLU A 1 60  ? 14.395  10.170  -11.033 1.00 34.35 ? 238 GLU A CG  1 
ATOM   395  C CD  . GLU A 1 60  ? 14.634  11.562  -11.583 1.00 38.45 ? 238 GLU A CD  1 
ATOM   396  O OE1 . GLU A 1 60  ? 14.474  12.536  -10.816 1.00 40.89 ? 238 GLU A OE1 1 
ATOM   397  O OE2 . GLU A 1 60  ? 14.992  11.684  -12.775 1.00 40.52 ? 238 GLU A OE2 1 
ATOM   398  N N   . GLY A 1 61  ? 13.852  9.246   -6.552  1.00 29.01 ? 239 GLY A N   1 
ATOM   399  C CA  . GLY A 1 61  ? 14.001  9.455   -5.116  1.00 27.24 ? 239 GLY A CA  1 
ATOM   400  C C   . GLY A 1 61  ? 14.389  8.171   -4.425  1.00 26.67 ? 239 GLY A C   1 
ATOM   401  O O   . GLY A 1 61  ? 15.286  8.155   -3.569  1.00 26.56 ? 239 GLY A O   1 
ATOM   402  N N   . VAL A 1 62  ? 13.730  7.088   -4.830  1.00 25.30 ? 240 VAL A N   1 
ATOM   403  C CA  . VAL A 1 62  ? 13.987  5.775   -4.252  1.00 25.35 ? 240 VAL A CA  1 
ATOM   404  C C   . VAL A 1 62  ? 15.388  5.338   -4.630  1.00 26.15 ? 240 VAL A C   1 
ATOM   405  O O   . VAL A 1 62  ? 16.019  4.603   -3.880  1.00 27.31 ? 240 VAL A O   1 
ATOM   406  C CB  . VAL A 1 62  ? 12.950  4.721   -4.691  1.00 24.92 ? 240 VAL A CB  1 
ATOM   407  C CG1 . VAL A 1 62  ? 13.295  3.342   -4.108  1.00 22.99 ? 240 VAL A CG1 1 
ATOM   408  C CG2 . VAL A 1 62  ? 11.540  5.170   -4.271  1.00 24.49 ? 240 VAL A CG2 1 
ATOM   409  N N   . ALA A 1 63  ? 15.872  5.794   -5.786  1.00 27.50 ? 241 ALA A N   1 
ATOM   410  C CA  . ALA A 1 63  ? 17.215  5.414   -6.263  1.00 27.95 ? 241 ALA A CA  1 
ATOM   411  C C   . ALA A 1 63  ? 18.352  6.035   -5.435  1.00 28.31 ? 241 ALA A C   1 
ATOM   412  O O   . ALA A 1 63  ? 19.476  5.533   -5.433  1.00 29.74 ? 241 ALA A O   1 
ATOM   413  C CB  . ALA A 1 63  ? 17.386  5.717   -7.746  1.00 27.43 ? 241 ALA A CB  1 
ATOM   414  N N   . LYS A 1 64  ? 18.034  7.085   -4.687  1.00 29.20 ? 242 LYS A N   1 
ATOM   415  C CA  . LYS A 1 64  ? 18.989  7.736   -3.782  1.00 30.36 ? 242 LYS A CA  1 
ATOM   416  C C   . LYS A 1 64  ? 19.413  6.894   -2.571  1.00 30.61 ? 242 LYS A C   1 
ATOM   417  O O   . LYS A 1 64  ? 20.440  7.190   -1.967  1.00 30.29 ? 242 LYS A O   1 
ATOM   418  C CB  . LYS A 1 64  ? 18.451  9.092   -3.302  1.00 30.29 ? 242 LYS A CB  1 
ATOM   419  N N   . ALA A 1 65  ? 18.644  5.848   -2.240  1.00 30.91 ? 243 ALA A N   1 
ATOM   420  C CA  . ALA A 1 65  ? 18.963  4.936   -1.117  1.00 30.70 ? 243 ALA A CA  1 
ATOM   421  C C   . ALA A 1 65  ? 18.754  3.451   -1.440  1.00 30.79 ? 243 ALA A C   1 
ATOM   422  O O   . ALA A 1 65  ? 18.427  3.092   -2.571  1.00 30.15 ? 243 ALA A O   1 
ATOM   423  C CB  . ALA A 1 65  ? 18.169  5.309   0.111   1.00 30.68 ? 243 ALA A CB  1 
ATOM   424  N N   . SER A 1 66  ? 18.954  2.601   -0.426  1.00 31.39 ? 244 SER A N   1 
ATOM   425  C CA  . SER A 1 66  ? 18.767  1.160   -0.555  1.00 31.72 ? 244 SER A CA  1 
ATOM   426  C C   . SER A 1 66  ? 17.404  0.687   -0.034  1.00 30.71 ? 244 SER A C   1 
ATOM   427  O O   . SER A 1 66  ? 17.188  -0.512  0.164   1.00 31.92 ? 244 SER A O   1 
ATOM   428  C CB  . SER A 1 66  ? 19.900  0.395   0.143   1.00 32.28 ? 244 SER A CB  1 
ATOM   429  O OG  . SER A 1 66  ? 20.001  0.731   1.516   1.00 36.26 ? 244 SER A OG  1 
ATOM   430  N N   . LYS A 1 67  ? 16.487  1.621   0.176   1.00 29.45 ? 245 LYS A N   1 
ATOM   431  C CA  . LYS A 1 67  ? 15.168  1.309   0.653   1.00 27.24 ? 245 LYS A CA  1 
ATOM   432  C C   . LYS A 1 67  ? 14.352  0.756   -0.518  1.00 24.94 ? 245 LYS A C   1 
ATOM   433  O O   . LYS A 1 67  ? 14.350  1.334   -1.613  1.00 24.45 ? 245 LYS A O   1 
ATOM   434  C CB  . LYS A 1 67  ? 14.499  2.561   1.208   1.00 28.46 ? 245 LYS A CB  1 
ATOM   435  C CG  . LYS A 1 67  ? 15.335  3.351   2.198   1.00 28.70 ? 245 LYS A CG  1 
ATOM   436  C CD  . LYS A 1 67  ? 14.768  3.230   3.591   1.00 29.64 ? 245 LYS A CD  1 
ATOM   437  C CE  . LYS A 1 67  ? 13.437  3.958   3.715   1.00 29.38 ? 245 LYS A CE  1 
ATOM   438  N NZ  . LYS A 1 67  ? 12.778  3.554   5.001   1.00 29.15 ? 245 LYS A NZ  1 
ATOM   439  N N   . PRO A 1 68  ? 13.656  -0.372  -0.289  1.00 22.95 ? 246 PRO A N   1 
ATOM   440  C CA  . PRO A 1 68  ? 12.728  -0.903  -1.284  1.00 19.46 ? 246 PRO A CA  1 
ATOM   441  C C   . PRO A 1 68  ? 11.454  -0.051  -1.404  1.00 18.04 ? 246 PRO A C   1 
ATOM   442  O O   . PRO A 1 68  ? 11.164  0.771   -0.524  1.00 17.81 ? 246 PRO A O   1 
ATOM   443  C CB  . PRO A 1 68  ? 12.364  -2.279  -0.706  1.00 20.99 ? 246 PRO A CB  1 
ATOM   444  C CG  . PRO A 1 68  ? 13.321  -2.523  0.367   1.00 21.83 ? 246 PRO A CG  1 
ATOM   445  C CD  . PRO A 1 68  ? 13.661  -1.211  0.918   1.00 21.34 ? 246 PRO A CD  1 
ATOM   446  N N   . LEU A 1 69  ? 10.726  -0.259  -2.495  1.00 15.12 ? 247 LEU A N   1 
ATOM   447  C CA  . LEU A 1 69  ? 9.454   0.402   -2.735  1.00 15.23 ? 247 LEU A CA  1 
ATOM   448  C C   . LEU A 1 69  ? 8.332   -0.622  -2.971  1.00 15.20 ? 247 LEU A C   1 
ATOM   449  O O   . LEU A 1 69  ? 8.490   -1.557  -3.755  1.00 16.27 ? 247 LEU A O   1 
ATOM   450  C CB  . LEU A 1 69  ? 9.558   1.308   -3.972  1.00 15.50 ? 247 LEU A CB  1 
ATOM   451  C CG  . LEU A 1 69  ? 8.297   2.026   -4.465  1.00 15.68 ? 247 LEU A CG  1 
ATOM   452  C CD1 . LEU A 1 69  ? 7.753   2.973   -3.364  1.00 16.68 ? 247 LEU A CD1 1 
ATOM   453  C CD2 . LEU A 1 69  ? 8.539   2.823   -5.740  1.00 15.04 ? 247 LEU A CD2 1 
ATOM   454  N N   . VAL A 1 70  ? 7.211   -0.425  -2.286  1.00 13.83 ? 248 VAL A N   1 
ATOM   455  C CA  . VAL A 1 70  ? 5.982   -1.130  -2.544  1.00 13.50 ? 248 VAL A CA  1 
ATOM   456  C C   . VAL A 1 70  ? 4.987   -0.134  -3.128  1.00 12.72 ? 248 VAL A C   1 
ATOM   457  O O   . VAL A 1 70  ? 4.787   0.918   -2.547  1.00 14.56 ? 248 VAL A O   1 
ATOM   458  C CB  . VAL A 1 70  ? 5.378   -1.730  -1.242  1.00 14.10 ? 248 VAL A CB  1 
ATOM   459  C CG1 . VAL A 1 70  ? 4.126   -2.454  -1.568  1.00 16.41 ? 248 VAL A CG1 1 
ATOM   460  C CG2 . VAL A 1 70  ? 6.359   -2.730  -0.639  1.00 15.72 ? 248 VAL A CG2 1 
ATOM   461  N N   . ILE A 1 71  ? 4.400   -0.474  -4.279  1.00 13.28 ? 249 ILE A N   1 
ATOM   462  C CA  . ILE A 1 71  ? 3.391   0.349   -4.916  1.00 12.73 ? 249 ILE A CA  1 
ATOM   463  C C   . ILE A 1 71  ? 2.037   -0.302  -4.790  1.00 13.38 ? 249 ILE A C   1 
ATOM   464  O O   . ILE A 1 71  ? 1.859   -1.431  -5.244  1.00 14.53 ? 249 ILE A O   1 
ATOM   465  C CB  . ILE A 1 71  ? 3.716   0.575   -6.418  1.00 12.53 ? 249 ILE A CB  1 
ATOM   466  C CG1 . ILE A 1 71  ? 5.069   1.275   -6.587  1.00 13.85 ? 249 ILE A CG1 1 
ATOM   467  C CG2 . ILE A 1 71  ? 2.552   1.335   -7.075  1.00 13.58 ? 249 ILE A CG2 1 
ATOM   468  C CD1 . ILE A 1 71  ? 5.514   1.319   -8.035  1.00 16.41 ? 249 ILE A CD1 1 
ATOM   469  N N   . ILE A 1 72  ? 1.104   0.372   -4.120  1.00 13.95 ? 250 ILE A N   1 
ATOM   470  C CA  . ILE A 1 72  ? -0.270  -0.142  -3.955  1.00 13.90 ? 250 ILE A CA  1 
ATOM   471  C C   . ILE A 1 72  ? -1.167  0.838   -4.730  1.00 14.57 ? 250 ILE A C   1 
ATOM   472  O O   . ILE A 1 72  ? -1.376  1.987   -4.307  1.00 13.65 ? 250 ILE A O   1 
ATOM   473  C CB  . ILE A 1 72  ? -0.708  -0.232  -2.501  1.00 14.49 ? 250 ILE A CB  1 
ATOM   474  C CG1 . ILE A 1 72  ? 0.341   -0.975  -1.689  1.00 13.34 ? 250 ILE A CG1 1 
ATOM   475  C CG2 . ILE A 1 72  ? -2.112  -0.878  -2.398  1.00 13.75 ? 250 ILE A CG2 1 
ATOM   476  C CD1 . ILE A 1 72  ? 0.077   -0.963  -0.181  1.00 12.49 ? 250 ILE A CD1 1 
ATOM   477  N N   . ALA A 1 73  ? -1.619  0.402   -5.907  1.00 16.16 ? 251 ALA A N   1 
ATOM   478  C CA  . ALA A 1 73  ? -2.398  1.262   -6.782  1.00 14.99 ? 251 ALA A CA  1 
ATOM   479  C C   . ALA A 1 73  ? -3.645  0.496   -7.227  1.00 14.88 ? 251 ALA A C   1 
ATOM   480  O O   . ALA A 1 73  ? -3.729  -0.731  -7.023  1.00 14.71 ? 251 ALA A O   1 
ATOM   481  C CB  . ALA A 1 73  ? -1.554  1.706   -7.983  1.00 15.51 ? 251 ALA A CB  1 
ATOM   482  N N   . GLU A 1 74  ? -4.617  1.177   -7.854  1.00 15.87 ? 252 GLU A N   1 
ATOM   483  C CA  . GLU A 1 74  ? -5.803  0.474   -8.293  1.00 17.50 ? 252 GLU A CA  1 
ATOM   484  C C   . GLU A 1 74  ? -5.377  -0.666  -9.210  1.00 18.07 ? 252 GLU A C   1 
ATOM   485  O O   . GLU A 1 74  ? -5.916  -1.770  -9.146  1.00 18.61 ? 252 GLU A O   1 
ATOM   486  C CB  . GLU A 1 74  ? -6.776  1.410   -8.996  1.00 18.19 ? 252 GLU A CB  1 
ATOM   487  C CG  . GLU A 1 74  ? -8.078  0.778   -9.424  1.00 22.01 ? 252 GLU A CG  1 
ATOM   488  C CD  . GLU A 1 74  ? -9.034  1.808   -10.035 1.00 27.93 ? 252 GLU A CD  1 
ATOM   489  O OE1 . GLU A 1 74  ? -9.092  2.957   -9.538  1.00 28.35 ? 252 GLU A OE1 1 
ATOM   490  O OE2 . GLU A 1 74  ? -9.733  1.467   -11.007 1.00 32.48 ? 252 GLU A OE2 1 
ATOM   491  N N   . ASP A 1 75  ? -4.385  -0.386  -10.053 1.00 17.84 ? 253 ASP A N   1 
ATOM   492  C CA  . ASP A 1 75  ? -3.699  -1.431  -10.815 1.00 17.86 ? 253 ASP A CA  1 
ATOM   493  C C   . ASP A 1 75  ? -2.392  -0.839  -11.332 1.00 16.73 ? 253 ASP A C   1 
ATOM   494  O O   . ASP A 1 75  ? -2.200  0.358   -11.291 1.00 16.49 ? 253 ASP A O   1 
ATOM   495  C CB  . ASP A 1 75  ? -4.536  -1.947  -11.976 1.00 18.99 ? 253 ASP A CB  1 
ATOM   496  C CG  . ASP A 1 75  ? -4.169  -3.359  -12.365 1.00 20.53 ? 253 ASP A CG  1 
ATOM   497  O OD1 . ASP A 1 75  ? -3.148  -3.901  -11.884 1.00 19.99 ? 253 ASP A OD1 1 
ATOM   498  O OD2 . ASP A 1 75  ? -4.936  -3.944  -13.153 1.00 26.62 ? 253 ASP A OD2 1 
ATOM   499  N N   . VAL A 1 76  ? -1.480  -1.706  -11.712 1.00 17.03 ? 254 VAL A N   1 
ATOM   500  C CA  . VAL A 1 76  ? -0.251  -1.284  -12.372 1.00 17.65 ? 254 VAL A CA  1 
ATOM   501  C C   . VAL A 1 76  ? -0.119  -2.225  -13.568 1.00 18.24 ? 254 VAL A C   1 
ATOM   502  O O   . VAL A 1 76  ? -0.145  -3.448  -13.415 1.00 20.60 ? 254 VAL A O   1 
ATOM   503  C CB  . VAL A 1 76  ? 0.985   -1.406  -11.445 1.00 17.53 ? 254 VAL A CB  1 
ATOM   504  C CG1 . VAL A 1 76  ? 2.222   -0.858  -12.152 1.00 18.70 ? 254 VAL A CG1 1 
ATOM   505  C CG2 . VAL A 1 76  ? 0.775   -0.621  -10.174 1.00 18.78 ? 254 VAL A CG2 1 
ATOM   506  N N   . GLU A 1 77  ? -0.020  -1.647  -14.751 1.00 18.78 ? 255 GLU A N   1 
ATOM   507  C CA  . GLU A 1 77  ? -0.172  -2.388  -15.988 1.00 18.86 ? 255 GLU A CA  1 
ATOM   508  C C   . GLU A 1 77  ? 0.709   -1.835  -17.078 1.00 18.81 ? 255 GLU A C   1 
ATOM   509  O O   . GLU A 1 77  ? 1.376   -0.820  -16.887 1.00 17.44 ? 255 GLU A O   1 
ATOM   510  C CB  . GLU A 1 77  ? -1.624  -2.357  -16.463 1.00 20.37 ? 255 GLU A CB  1 
ATOM   511  C CG  . GLU A 1 77  ? -2.094  -1.012  -16.916 1.00 25.49 ? 255 GLU A CG  1 
ATOM   512  C CD  . GLU A 1 77  ? -3.582  -0.957  -17.197 1.00 32.35 ? 255 GLU A CD  1 
ATOM   513  O OE1 . GLU A 1 77  ? -4.379  -1.175  -16.259 1.00 37.08 ? 255 GLU A OE1 1 
ATOM   514  O OE2 . GLU A 1 77  ? -3.952  -0.677  -18.354 1.00 37.44 ? 255 GLU A OE2 1 
ATOM   515  N N   . GLY A 1 78  ? 0.710   -2.536  -18.209 1.00 18.65 ? 256 GLY A N   1 
ATOM   516  C CA  . GLY A 1 78  ? 1.422   -2.098  -19.425 1.00 20.38 ? 256 GLY A CA  1 
ATOM   517  C C   . GLY A 1 78  ? 2.871   -1.745  -19.200 1.00 19.87 ? 256 GLY A C   1 
ATOM   518  O O   . GLY A 1 78  ? 3.575   -2.471  -18.493 1.00 19.67 ? 256 GLY A O   1 
ATOM   519  N N   . GLU A 1 79  ? 3.307   -0.633  -19.814 1.00 19.11 ? 257 GLU A N   1 
ATOM   520  C CA  . GLU A 1 79  ? 4.700   -0.177  -19.773 1.00 18.83 ? 257 GLU A CA  1 
ATOM   521  C C   . GLU A 1 79  ? 5.170   0.086   -18.355 1.00 16.76 ? 257 GLU A C   1 
ATOM   522  O O   . GLU A 1 79  ? 6.299   -0.187  -18.042 1.00 17.90 ? 257 GLU A O   1 
ATOM   523  C CB  . GLU A 1 79  ? 4.973   1.049   -20.687 1.00 19.06 ? 257 GLU A CB  1 
ATOM   524  C CG  . GLU A 1 79  ? 6.438   1.561   -20.684 1.00 25.63 ? 257 GLU A CG  1 
ATOM   525  C CD  . GLU A 1 79  ? 6.815   2.488   -21.864 1.00 26.90 ? 257 GLU A CD  1 
ATOM   526  O OE1 . GLU A 1 79  ? 6.200   3.556   -22.051 1.00 27.17 ? 257 GLU A OE1 1 
ATOM   527  O OE2 . GLU A 1 79  ? 7.796   2.174   -22.578 1.00 32.67 ? 257 GLU A OE2 1 
ATOM   528  N N   . ALA A 1 80  ? 4.289   0.593   -17.504 1.00 15.94 ? 258 ALA A N   1 
ATOM   529  C CA  . ALA A 1 80  ? 4.651   0.850   -16.107 1.00 14.45 ? 258 ALA A CA  1 
ATOM   530  C C   . ALA A 1 80  ? 5.011   -0.438  -15.378 1.00 15.28 ? 258 ALA A C   1 
ATOM   531  O O   . ALA A 1 80  ? 6.118   -0.545  -14.796 1.00 14.50 ? 258 ALA A O   1 
ATOM   532  C CB  . ALA A 1 80  ? 3.562   1.636   -15.379 1.00 15.55 ? 258 ALA A CB  1 
ATOM   533  N N   . LEU A 1 81  ? 4.128   -1.428  -15.440 1.00 16.11 ? 259 LEU A N   1 
ATOM   534  C CA  . LEU A 1 81  ? 4.410   -2.719  -14.835 1.00 17.71 ? 259 LEU A CA  1 
ATOM   535  C C   . LEU A 1 81  ? 5.651   -3.385  -15.448 1.00 17.23 ? 259 LEU A C   1 
ATOM   536  O O   . LEU A 1 81  ? 6.522   -3.877  -14.705 1.00 16.47 ? 259 LEU A O   1 
ATOM   537  C CB  . LEU A 1 81  ? 3.203   -3.625  -14.973 1.00 18.33 ? 259 LEU A CB  1 
ATOM   538  C CG  . LEU A 1 81  ? 3.354   -5.001  -14.286 1.00 20.53 ? 259 LEU A CG  1 
ATOM   539  C CD1 . LEU A 1 81  ? 3.460   -4.848  -12.752 1.00 17.75 ? 259 LEU A CD1 1 
ATOM   540  C CD2 . LEU A 1 81  ? 2.215   -5.934  -14.648 1.00 20.86 ? 259 LEU A CD2 1 
ATOM   541  N N   . ALA A 1 82  ? 5.757   -3.361  -16.770 1.00 18.77 ? 260 ALA A N   1 
ATOM   542  C CA  . ALA A 1 82  ? 6.885   -4.017  -17.456 1.00 18.49 ? 260 ALA A CA  1 
ATOM   543  C C   . ALA A 1 82  ? 8.231   -3.437  -17.049 1.00 18.13 ? 260 ALA A C   1 
ATOM   544  O O   . ALA A 1 82  ? 9.204   -4.193  -16.863 1.00 18.41 ? 260 ALA A O   1 
ATOM   545  C CB  . ALA A 1 82  ? 6.698   -3.955  -18.945 1.00 18.34 ? 260 ALA A CB  1 
ATOM   546  N N   . THR A 1 83  ? 8.302   -2.123  -16.873 1.00 17.08 ? 261 THR A N   1 
ATOM   547  C CA  . THR A 1 83  ? 9.546   -1.482  -16.475 1.00 19.15 ? 261 THR A CA  1 
ATOM   548  C C   . THR A 1 83  ? 9.883   -1.815  -15.033 1.00 17.87 ? 261 THR A C   1 
ATOM   549  O O   . THR A 1 83  ? 11.041  -2.088  -14.688 1.00 18.06 ? 261 THR A O   1 
ATOM   550  C CB  . THR A 1 83  ? 9.483   0.036   -16.679 1.00 18.47 ? 261 THR A CB  1 
ATOM   551  O OG1 . THR A 1 83  ? 9.209   0.297   -18.063 1.00 21.90 ? 261 THR A OG1 1 
ATOM   552  C CG2 . THR A 1 83  ? 10.809  0.679   -16.304 1.00 21.11 ? 261 THR A CG2 1 
ATOM   553  N N   . LEU A 1 84  ? 8.868   -1.829  -14.190 1.00 16.91 ? 262 LEU A N   1 
ATOM   554  C CA  . LEU A 1 84  ? 9.093   -2.235  -12.802 1.00 17.52 ? 262 LEU A CA  1 
ATOM   555  C C   . LEU A 1 84  ? 9.611   -3.679  -12.684 1.00 17.14 ? 262 LEU A C   1 
ATOM   556  O O   . LEU A 1 84  ? 10.559  -3.952  -11.933 1.00 16.44 ? 262 LEU A O   1 
ATOM   557  C CB  . LEU A 1 84  ? 7.830   -2.053  -11.984 1.00 17.47 ? 262 LEU A CB  1 
ATOM   558  C CG  . LEU A 1 84  ? 7.339   -0.623  -11.749 1.00 18.84 ? 262 LEU A CG  1 
ATOM   559  C CD1 . LEU A 1 84  ? 5.995   -0.733  -11.088 1.00 19.94 ? 262 LEU A CD1 1 
ATOM   560  C CD2 . LEU A 1 84  ? 8.281   0.200   -10.922 1.00 21.91 ? 262 LEU A CD2 1 
ATOM   561  N N   . VAL A 1 85  ? 9.011   -4.588  -13.453 1.00 17.24 ? 263 VAL A N   1 
ATOM   562  C CA  . VAL A 1 85  ? 9.426   -5.990  -13.473 1.00 16.65 ? 263 VAL A CA  1 
ATOM   563  C C   . VAL A 1 85  ? 10.862  -6.111  -14.002 1.00 15.75 ? 263 VAL A C   1 
ATOM   564  O O   . VAL A 1 85  ? 11.725  -6.746  -13.365 1.00 16.95 ? 263 VAL A O   1 
ATOM   565  C CB  . VAL A 1 85  ? 8.509   -6.852  -14.331 1.00 14.74 ? 263 VAL A CB  1 
ATOM   566  C CG1 . VAL A 1 85  ? 9.167   -8.152  -14.595 1.00 18.47 ? 263 VAL A CG1 1 
ATOM   567  C CG2 . VAL A 1 85  ? 7.149   -7.016  -13.633 1.00 14.54 ? 263 VAL A CG2 1 
ATOM   568  N N   . VAL A 1 86  ? 11.153  -5.487  -15.145 1.00 17.94 ? 264 VAL A N   1 
ATOM   569  C CA  . VAL A 1 86  ? 12.481  -5.588  -15.721 1.00 18.32 ? 264 VAL A CA  1 
ATOM   570  C C   . VAL A 1 86  ? 13.556  -5.007  -14.788 1.00 18.79 ? 264 VAL A C   1 
ATOM   571  O O   . VAL A 1 86  ? 14.593  -5.663  -14.534 1.00 18.32 ? 264 VAL A O   1 
ATOM   572  C CB  . VAL A 1 86  ? 12.556  -4.969  -17.124 1.00 19.47 ? 264 VAL A CB  1 
ATOM   573  C CG1 . VAL A 1 86  ? 14.017  -4.807  -17.580 1.00 22.24 ? 264 VAL A CG1 1 
ATOM   574  C CG2 . VAL A 1 86  ? 11.786  -5.825  -18.101 1.00 20.85 ? 264 VAL A CG2 1 
ATOM   575  N N   . ASN A 1 87  ? 13.299  -3.823  -14.247 1.00 18.70 ? 265 ASN A N   1 
ATOM   576  C CA  . ASN A 1 87  ? 14.249  -3.191  -13.305 1.00 19.45 ? 265 ASN A CA  1 
ATOM   577  C C   . ASN A 1 87  ? 14.466  -3.978  -12.027 1.00 18.05 ? 265 ASN A C   1 
ATOM   578  O O   . ASN A 1 87  ? 15.589  -4.046  -11.494 1.00 18.76 ? 265 ASN A O   1 
ATOM   579  C CB  . ASN A 1 87  ? 13.898  -1.711  -13.069 1.00 18.82 ? 265 ASN A CB  1 
ATOM   580  C CG  . ASN A 1 87  ? 14.082  -0.876  -14.336 1.00 23.61 ? 265 ASN A CG  1 
ATOM   581  O OD1 . ASN A 1 87  ? 14.599  -1.373  -15.339 1.00 29.92 ? 265 ASN A OD1 1 
ATOM   582  N ND2 . ASN A 1 87  ? 13.695  0.393   -14.288 1.00 28.91 ? 265 ASN A ND2 1 
ATOM   583  N N   . ASN A 1 88  ? 13.398  -4.587  -11.540 1.00 17.32 ? 266 ASN A N   1 
ATOM   584  C CA  . ASN A 1 88  ? 13.498  -5.446  -10.385 1.00 16.99 ? 266 ASN A CA  1 
ATOM   585  C C   . ASN A 1 88  ? 14.330  -6.688  -10.642 1.00 17.17 ? 266 ASN A C   1 
ATOM   586  O O   . ASN A 1 88  ? 15.134  -7.082  -9.801  1.00 18.22 ? 266 ASN A O   1 
ATOM   587  C CB  . ASN A 1 88  ? 12.136  -5.883  -9.882  1.00 16.49 ? 266 ASN A CB  1 
ATOM   588  C CG  . ASN A 1 88  ? 12.203  -6.456  -8.451  1.00 16.16 ? 266 ASN A CG  1 
ATOM   589  O OD1 . ASN A 1 88  ? 12.554  -5.741  -7.506  1.00 18.47 ? 266 ASN A OD1 1 
ATOM   590  N ND2 . ASN A 1 88  ? 11.878  -7.727  -8.292  1.00 15.84 ? 266 ASN A ND2 1 
ATOM   591  N N   . MET A 1 89  ? 14.114  -7.299  -11.806 1.00 16.17 ? 267 MET A N   1 
ATOM   592  C CA  . MET A 1 89  ? 14.831  -8.521  -12.189 1.00 15.74 ? 267 MET A CA  1 
ATOM   593  C C   . MET A 1 89  ? 16.300  -8.206  -12.351 1.00 16.92 ? 267 MET A C   1 
ATOM   594  O O   . MET A 1 89  ? 17.141  -9.017  -11.997 1.00 17.42 ? 267 MET A O   1 
ATOM   595  C CB  . MET A 1 89  ? 14.271  -9.109  -13.486 1.00 15.17 ? 267 MET A CB  1 
ATOM   596  C CG  . MET A 1 89  ? 12.856  -9.660  -13.346 1.00 17.17 ? 267 MET A CG  1 
ATOM   597  S SD  . MET A 1 89  ? 12.142  -10.365 -14.835 1.00 17.37 ? 267 MET A SD  1 
ATOM   598  C CE  . MET A 1 89  ? 13.228  -11.763 -15.149 1.00 20.52 ? 267 MET A CE  1 
ATOM   599  N N   . ARG A 1 90  ? 16.597  -7.037  -12.920 1.00 16.95 ? 268 ARG A N   1 
ATOM   600  C CA  . ARG A 1 90  ? 17.994  -6.622  -13.121 1.00 18.47 ? 268 ARG A CA  1 
ATOM   601  C C   . ARG A 1 90  ? 18.716  -6.226  -11.832 1.00 19.68 ? 268 ARG A C   1 
ATOM   602  O O   . ARG A 1 90  ? 19.950  -6.199  -11.797 1.00 21.86 ? 268 ARG A O   1 
ATOM   603  C CB  . ARG A 1 90  ? 18.074  -5.542  -14.186 1.00 18.53 ? 268 ARG A CB  1 
ATOM   604  C CG  . ARG A 1 90  ? 17.703  -6.027  -15.598 1.00 23.51 ? 268 ARG A CG  1 
ATOM   605  C CD  . ARG A 1 90  ? 17.604  -4.877  -16.597 1.00 30.76 ? 268 ARG A CD  1 
ATOM   606  N NE  . ARG A 1 90  ? 18.531  -3.797  -16.262 1.00 35.45 ? 268 ARG A NE  1 
ATOM   607  C CZ  . ARG A 1 90  ? 19.806  -3.738  -16.646 1.00 39.01 ? 268 ARG A CZ  1 
ATOM   608  N NH1 . ARG A 1 90  ? 20.331  -4.685  -17.416 1.00 39.65 ? 268 ARG A NH1 1 
ATOM   609  N NH2 . ARG A 1 90  ? 20.564  -2.718  -16.258 1.00 40.62 ? 268 ARG A NH2 1 
ATOM   610  N N   . GLY A 1 91  ? 17.952  -5.923  -10.780 1.00 19.55 ? 269 GLY A N   1 
ATOM   611  C CA  . GLY A 1 91  ? 18.515  -5.493  -9.519  1.00 20.80 ? 269 GLY A CA  1 
ATOM   612  C C   . GLY A 1 91  ? 18.710  -3.990  -9.396  1.00 21.80 ? 269 GLY A C   1 
ATOM   613  O O   . GLY A 1 91  ? 19.333  -3.532  -8.446  1.00 23.24 ? 269 GLY A O   1 
ATOM   614  N N   . ILE A 1 92  ? 18.171  -3.223  -10.351 1.00 22.98 ? 270 ILE A N   1 
ATOM   615  C CA  . ILE A 1 92  ? 18.308  -1.757  -10.408 1.00 24.38 ? 270 ILE A CA  1 
ATOM   616  C C   . ILE A 1 92  ? 17.525  -1.091  -9.280  1.00 24.28 ? 270 ILE A C   1 
ATOM   617  O O   . ILE A 1 92  ? 17.888  -0.009  -8.767  1.00 24.35 ? 270 ILE A O   1 
ATOM   618  C CB  . ILE A 1 92  ? 17.853  -1.254  -11.815 1.00 25.30 ? 270 ILE A CB  1 
ATOM   619  C CG1 . ILE A 1 92  ? 19.000  -1.369  -12.824 1.00 27.65 ? 270 ILE A CG1 1 
ATOM   620  C CG2 . ILE A 1 92  ? 17.345  0.179   -11.810 1.00 27.20 ? 270 ILE A CG2 1 
ATOM   621  C CD1 . ILE A 1 92  ? 19.714  -2.722  -12.876 1.00 31.41 ? 270 ILE A CD1 1 
ATOM   622  N N   . VAL A 1 93  ? 16.456  -1.771  -8.901  1.00 23.02 ? 271 VAL A N   1 
ATOM   623  C CA  . VAL A 1 93  ? 15.560  -1.336  -7.843  1.00 22.23 ? 271 VAL A CA  1 
ATOM   624  C C   . VAL A 1 93  ? 15.037  -2.590  -7.171  1.00 20.77 ? 271 VAL A C   1 
ATOM   625  O O   . VAL A 1 93  ? 15.072  -3.687  -7.742  1.00 20.18 ? 271 VAL A O   1 
ATOM   626  C CB  . VAL A 1 93  ? 14.375  -0.496  -8.429  1.00 22.75 ? 271 VAL A CB  1 
ATOM   627  C CG1 . VAL A 1 93  ? 13.486  -1.356  -9.339  1.00 23.84 ? 271 VAL A CG1 1 
ATOM   628  C CG2 . VAL A 1 93  ? 13.549  0.151   -7.322  1.00 24.21 ? 271 VAL A CG2 1 
ATOM   629  N N   . LYS A 1 94  ? 14.609  -2.438  -5.929  1.00 18.73 ? 272 LYS A N   1 
ATOM   630  C CA  . LYS A 1 94  ? 13.893  -3.469  -5.240  1.00 18.65 ? 272 LYS A CA  1 
ATOM   631  C C   . LYS A 1 94  ? 12.465  -2.946  -5.106  1.00 18.03 ? 272 LYS A C   1 
ATOM   632  O O   . LYS A 1 94  ? 12.190  -2.035  -4.329  1.00 17.19 ? 272 LYS A O   1 
ATOM   633  C CB  . LYS A 1 94  ? 14.548  -3.771  -3.888  1.00 18.78 ? 272 LYS A CB  1 
ATOM   634  C CG  . LYS A 1 94  ? 16.033  -4.153  -4.004  1.00 23.87 ? 272 LYS A CG  1 
ATOM   635  C CD  . LYS A 1 94  ? 16.662  -4.358  -2.642  1.00 30.92 ? 272 LYS A CD  1 
ATOM   636  C CE  . LYS A 1 94  ? 18.045  -5.017  -2.722  1.00 33.16 ? 272 LYS A CE  1 
ATOM   637  N NZ  . LYS A 1 94  ? 18.495  -5.579  -1.385  1.00 35.47 ? 272 LYS A NZ  1 
ATOM   638  N N   . VAL A 1 95  ? 11.564  -3.552  -5.867  1.00 16.81 ? 273 VAL A N   1 
ATOM   639  C CA  . VAL A 1 95  ? 10.203  -3.055  -5.904  1.00 15.83 ? 273 VAL A CA  1 
ATOM   640  C C   . VAL A 1 95  ? 9.204   -4.189  -5.961  1.00 16.82 ? 273 VAL A C   1 
ATOM   641  O O   . VAL A 1 95  ? 9.509   -5.285  -6.446  1.00 17.20 ? 273 VAL A O   1 
ATOM   642  C CB  . VAL A 1 95  ? 10.004  -2.084  -7.124  1.00 16.13 ? 273 VAL A CB  1 
ATOM   643  C CG1 . VAL A 1 95  ? 10.254  -2.802  -8.441  1.00 15.60 ? 273 VAL A CG1 1 
ATOM   644  C CG2 . VAL A 1 95  ? 8.632   -1.384  -7.125  1.00 15.58 ? 273 VAL A CG2 1 
ATOM   645  N N   . ALA A 1 96  ? 8.009   -3.930  -5.446  1.00 16.50 ? 274 ALA A N   1 
ATOM   646  C CA  . ALA A 1 96  ? 6.892   -4.839  -5.636  1.00 16.36 ? 274 ALA A CA  1 
ATOM   647  C C   . ALA A 1 96  ? 5.648   -3.969  -5.840  1.00 16.53 ? 274 ALA A C   1 
ATOM   648  O O   . ALA A 1 96  ? 5.587   -2.839  -5.355  1.00 17.67 ? 274 ALA A O   1 
ATOM   649  C CB  . ALA A 1 96  ? 6.744   -5.767  -4.439  1.00 17.17 ? 274 ALA A CB  1 
ATOM   650  N N   . SER A 1 97  ? 4.679   -4.491  -6.582  1.00 15.64 ? 275 SER A N   1 
ATOM   651  C CA  A SER A 1 97  ? 3.399   -3.831  -6.807  0.52 15.61 ? 275 SER A CA  1 
ATOM   652  C CA  B SER A 1 97  ? 3.412   -3.827  -6.668  0.48 15.60 ? 275 SER A CA  1 
ATOM   653  C C   . SER A 1 97  ? 2.273   -4.799  -6.458  1.00 15.57 ? 275 SER A C   1 
ATOM   654  O O   . SER A 1 97  ? 2.373   -5.994  -6.758  1.00 16.32 ? 275 SER A O   1 
ATOM   655  C CB  A SER A 1 97  ? 3.246   -3.403  -8.279  0.52 15.14 ? 275 SER A CB  1 
ATOM   656  C CB  B SER A 1 97  ? 3.262   -3.073  -7.984  0.48 14.93 ? 275 SER A CB  1 
ATOM   657  O OG  A SER A 1 97  ? 4.209   -2.448  -8.693  0.52 15.18 ? 275 SER A OG  1 
ATOM   658  O OG  B SER A 1 97  ? 2.094   -2.286  -7.912  0.48 16.06 ? 275 SER A OG  1 
ATOM   659  N N   . VAL A 1 98  ? 1.205   -4.276  -5.871  1.00 15.48 ? 276 VAL A N   1 
ATOM   660  C CA  . VAL A 1 98  ? -0.010  -5.039  -5.584  1.00 15.38 ? 276 VAL A CA  1 
ATOM   661  C C   . VAL A 1 98  ? -1.204  -4.147  -5.897  1.00 15.04 ? 276 VAL A C   1 
ATOM   662  O O   . VAL A 1 98  ? -1.088  -2.920  -5.804  1.00 14.80 ? 276 VAL A O   1 
ATOM   663  C CB  . VAL A 1 98  ? -0.112  -5.541  -4.133  1.00 16.52 ? 276 VAL A CB  1 
ATOM   664  C CG1 . VAL A 1 98  ? 1.189   -6.324  -3.742  1.00 14.84 ? 276 VAL A CG1 1 
ATOM   665  C CG2 . VAL A 1 98  ? -0.331  -4.431  -3.148  1.00 17.90 ? 276 VAL A CG2 1 
ATOM   666  N N   . LYS A 1 99  ? -2.345  -4.767  -6.205  1.00 16.22 ? 277 LYS A N   1 
ATOM   667  C CA  . LYS A 1 99  ? -3.615  -4.018  -6.355  1.00 16.23 ? 277 LYS A CA  1 
ATOM   668  C C   . LYS A 1 99  ? -4.103  -3.554  -4.994  1.00 16.26 ? 277 LYS A C   1 
ATOM   669  O O   . LYS A 1 99  ? -4.004  -4.274  -3.998  1.00 16.66 ? 277 LYS A O   1 
ATOM   670  C CB  . LYS A 1 99  ? -4.718  -4.847  -6.997  1.00 17.07 ? 277 LYS A CB  1 
ATOM   671  C CG  . LYS A 1 99  ? -4.428  -5.281  -8.412  1.00 20.18 ? 277 LYS A CG  1 
ATOM   672  C CD  . LYS A 1 99  ? -5.636  -5.975  -8.975  1.00 22.77 ? 277 LYS A CD  1 
ATOM   673  C CE  . LYS A 1 99  ? -5.331  -6.582  -10.326 1.00 28.02 ? 277 LYS A CE  1 
ATOM   674  N NZ  . LYS A 1 99  ? -6.490  -7.282  -10.906 1.00 32.26 ? 277 LYS A NZ  1 
ATOM   675  N N   . ALA A 1 100 ? -4.637  -2.345  -4.948  1.00 14.62 ? 278 ALA A N   1 
ATOM   676  C CA  . ALA A 1 100 ? -5.286  -1.861  -3.747  1.00 15.71 ? 278 ALA A CA  1 
ATOM   677  C C   . ALA A 1 100 ? -6.487  -2.772  -3.468  1.00 15.98 ? 278 ALA A C   1 
ATOM   678  O O   . ALA A 1 100 ? -7.156  -3.208  -4.396  1.00 17.37 ? 278 ALA A O   1 
ATOM   679  C CB  . ALA A 1 100 ? -5.713  -0.415  -3.966  1.00 15.26 ? 278 ALA A CB  1 
ATOM   680  N N   . PRO A 1 101 ? -6.743  -3.087  -2.182  1.00 17.32 ? 279 PRO A N   1 
ATOM   681  C CA  . PRO A 1 101 ? -7.813  -4.007  -1.795  1.00 16.92 ? 279 PRO A CA  1 
ATOM   682  C C   . PRO A 1 101 ? -9.189  -3.362  -2.066  1.00 18.01 ? 279 PRO A C   1 
ATOM   683  O O   . PRO A 1 101 ? -9.307  -2.116  -2.105  1.00 15.91 ? 279 PRO A O   1 
ATOM   684  C CB  . PRO A 1 101 ? -7.559  -4.222  -0.280  1.00 17.15 ? 279 PRO A CB  1 
ATOM   685  C CG  . PRO A 1 101 ? -6.846  -3.063  0.138   1.00 16.70 ? 279 PRO A CG  1 
ATOM   686  C CD  . PRO A 1 101 ? -5.971  -2.649  -1.013  1.00 16.81 ? 279 PRO A CD  1 
ATOM   687  N N   . GLY A 1 102 ? -10.206 -4.188  -2.299  1.00 17.87 ? 280 GLY A N   1 
ATOM   688  C CA  . GLY A 1 102 ? -11.568 -3.685  -2.336  1.00 18.16 ? 280 GLY A CA  1 
ATOM   689  C C   . GLY A 1 102 ? -12.027 -3.151  -3.650  1.00 18.53 ? 280 GLY A C   1 
ATOM   690  O O   . GLY A 1 102 ? -11.401 -3.380  -4.702  1.00 20.08 ? 280 GLY A O   1 
ATOM   691  N N   . PHE A 1 103 ? -13.168 -2.462  -3.581  1.00 17.37 ? 281 PHE A N   1 
ATOM   692  C CA  . PHE A 1 103 ? -13.865 -2.021  -4.793  1.00 17.79 ? 281 PHE A CA  1 
ATOM   693  C C   . PHE A 1 103 ? -14.442 -0.637  -4.540  1.00 17.61 ? 281 PHE A C   1 
ATOM   694  O O   . PHE A 1 103 ? -14.820 -0.326  -3.405  1.00 16.50 ? 281 PHE A O   1 
ATOM   695  C CB  . PHE A 1 103 ? -14.983 -2.991  -5.178  1.00 18.08 ? 281 PHE A CB  1 
ATOM   696  C CG  . PHE A 1 103 ? -15.880 -2.461  -6.256  1.00 19.87 ? 281 PHE A CG  1 
ATOM   697  C CD1 . PHE A 1 103 ? -15.580 -2.661  -7.589  1.00 22.39 ? 281 PHE A CD1 1 
ATOM   698  C CD2 . PHE A 1 103 ? -17.004 -1.704  -5.937  1.00 20.33 ? 281 PHE A CD2 1 
ATOM   699  C CE1 . PHE A 1 103 ? -16.398 -2.130  -8.605  1.00 25.59 ? 281 PHE A CE1 1 
ATOM   700  C CE2 . PHE A 1 103 ? -17.809 -1.181  -6.937  1.00 24.86 ? 281 PHE A CE2 1 
ATOM   701  C CZ  . PHE A 1 103 ? -17.511 -1.413  -8.268  1.00 24.53 ? 281 PHE A CZ  1 
ATOM   702  N N   . GLY A 1 104 ? -14.450 0.189   -5.586  1.00 17.94 ? 282 GLY A N   1 
ATOM   703  C CA  . GLY A 1 104 ? -15.148 1.479   -5.588  1.00 17.12 ? 282 GLY A CA  1 
ATOM   704  C C   . GLY A 1 104 ? -14.801 2.398   -4.428  1.00 17.69 ? 282 GLY A C   1 
ATOM   705  O O   . GLY A 1 104 ? -13.611 2.630   -4.126  1.00 16.24 ? 282 GLY A O   1 
ATOM   706  N N   . ASP A 1 105 ? -15.837 2.891   -3.735  1.00 17.62 ? 283 ASP A N   1 
ATOM   707  C CA  . ASP A 1 105 ? -15.634 3.846   -2.635  1.00 18.61 ? 283 ASP A CA  1 
ATOM   708  C C   . ASP A 1 105 ? -14.854 3.230   -1.473  1.00 17.64 ? 283 ASP A C   1 
ATOM   709  O O   . ASP A 1 105 ? -14.073 3.921   -0.821  1.00 18.43 ? 283 ASP A O   1 
ATOM   710  C CB  . ASP A 1 105 ? -16.954 4.452   -2.141  1.00 19.83 ? 283 ASP A CB  1 
ATOM   711  C CG  . ASP A 1 105 ? -17.593 5.385   -3.152  1.00 25.25 ? 283 ASP A CG  1 
ATOM   712  O OD1 . ASP A 1 105 ? -16.887 5.845   -4.065  1.00 30.35 ? 283 ASP A OD1 1 
ATOM   713  O OD2 . ASP A 1 105 ? -18.809 5.665   -3.033  1.00 29.71 ? 283 ASP A OD2 1 
ATOM   714  N N   . ARG A 1 106 ? -15.045 1.936   -1.237  1.00 16.67 ? 284 ARG A N   1 
ATOM   715  C CA  . ARG A 1 106 ? -14.432 1.245   -0.124  1.00 17.24 ? 284 ARG A CA  1 
ATOM   716  C C   . ARG A 1 106 ? -12.950 1.043   -0.406  1.00 17.14 ? 284 ARG A C   1 
ATOM   717  O O   . ARG A 1 106 ? -12.115 1.136   0.500   1.00 16.66 ? 284 ARG A O   1 
ATOM   718  C CB  . ARG A 1 106 ? -15.088 -0.123  0.110   1.00 16.99 ? 284 ARG A CB  1 
ATOM   719  C CG  . ARG A 1 106 ? -14.567 -0.805  1.341   1.00 17.93 ? 284 ARG A CG  1 
ATOM   720  C CD  . ARG A 1 106 ? -15.536 -1.815  1.893   1.00 19.81 ? 284 ARG A CD  1 
ATOM   721  N NE  . ARG A 1 106 ? -14.983 -2.518  3.044   1.00 16.59 ? 284 ARG A NE  1 
ATOM   722  C CZ  . ARG A 1 106 ? -14.213 -3.595  2.986   1.00 17.60 ? 284 ARG A CZ  1 
ATOM   723  N NH1 . ARG A 1 106 ? -13.837 -4.093  1.800   1.00 20.23 ? 284 ARG A NH1 1 
ATOM   724  N NH2 . ARG A 1 106 ? -13.757 -4.126  4.109   1.00 17.03 ? 284 ARG A NH2 1 
ATOM   725  N N   . ARG A 1 107 ? -12.621 0.800   -1.678  1.00 16.86 ? 285 ARG A N   1 
ATOM   726  C CA  . ARG A 1 107 ? -11.216 0.777   -2.101  1.00 15.14 ? 285 ARG A CA  1 
ATOM   727  C C   . ARG A 1 107 ? -10.506 2.095   -1.785  1.00 16.22 ? 285 ARG A C   1 
ATOM   728  O O   . ARG A 1 107 ? -9.392  2.093   -1.259  1.00 16.32 ? 285 ARG A O   1 
ATOM   729  C CB  . ARG A 1 107 ? -11.077 0.422   -3.600  1.00 14.72 ? 285 ARG A CB  1 
ATOM   730  C CG  . ARG A 1 107 ? -9.628  0.636   -4.169  1.00 15.36 ? 285 ARG A CG  1 
ATOM   731  C CD  . ARG A 1 107 ? -9.433  -0.113  -5.467  1.00 18.49 ? 285 ARG A CD  1 
ATOM   732  N NE  . ARG A 1 107 ? -10.581 0.073   -6.357  1.00 20.33 ? 285 ARG A NE  1 
ATOM   733  C CZ  . ARG A 1 107 ? -10.901 -0.753  -7.363  1.00 21.83 ? 285 ARG A CZ  1 
ATOM   734  N NH1 . ARG A 1 107 ? -10.168 -1.818  -7.635  1.00 22.61 ? 285 ARG A NH1 1 
ATOM   735  N NH2 . ARG A 1 107 ? -11.958 -0.515  -8.106  1.00 22.09 ? 285 ARG A NH2 1 
ATOM   736  N N   . LYS A 1 108 ? -11.146 3.208   -2.112  1.00 16.75 ? 286 LYS A N   1 
ATOM   737  C CA  . LYS A 1 108 ? -10.618 4.545   -1.783  1.00 15.56 ? 286 LYS A CA  1 
ATOM   738  C C   . LYS A 1 108 ? -10.450 4.753   -0.283  1.00 15.84 ? 286 LYS A C   1 
ATOM   739  O O   . LYS A 1 108 ? -9.393  5.218   0.161   1.00 14.63 ? 286 LYS A O   1 
ATOM   740  C CB  . LYS A 1 108 ? -11.475 5.651   -2.394  1.00 16.61 ? 286 LYS A CB  1 
ATOM   741  C CG  . LYS A 1 108 ? -11.400 5.652   -3.931  1.00 20.29 ? 286 LYS A CG  1 
ATOM   742  C CD  . LYS A 1 108 ? -12.143 6.789   -4.567  1.00 26.78 ? 286 LYS A CD  1 
ATOM   743  C CE  . LYS A 1 108 ? -12.184 6.641   -6.103  1.00 30.05 ? 286 LYS A CE  1 
ATOM   744  N NZ  . LYS A 1 108 ? -10.858 6.624   -6.754  1.00 31.21 ? 286 LYS A NZ  1 
ATOM   745  N N   . ALA A 1 109 ? -11.432 4.295   0.494   1.00 15.49 ? 287 ALA A N   1 
ATOM   746  C CA  . ALA A 1 109 ? -11.364 4.431   1.952   1.00 14.63 ? 287 ALA A CA  1 
ATOM   747  C C   . ALA A 1 109 ? -10.204 3.600   2.518   1.00 14.96 ? 287 ALA A C   1 
ATOM   748  O O   . ALA A 1 109 ? -9.488  4.023   3.434   1.00 14.41 ? 287 ALA A O   1 
ATOM   749  C CB  . ALA A 1 109 ? -12.709 4.007   2.582   1.00 14.66 ? 287 ALA A CB  1 
ATOM   750  N N   . MET A 1 110 ? -10.019 2.409   1.966   1.00 15.34 ? 288 MET A N   1 
ATOM   751  C CA  . MET A 1 110 ? -8.975  1.503   2.470   1.00 15.18 ? 288 MET A CA  1 
ATOM   752  C C   . MET A 1 110 ? -7.569  1.943   2.062   1.00 13.97 ? 288 MET A C   1 
ATOM   753  O O   . MET A 1 110 ? -6.603  1.743   2.813   1.00 14.17 ? 288 MET A O   1 
ATOM   754  C CB  . MET A 1 110 ? -9.275  0.059   2.051   1.00 14.89 ? 288 MET A CB  1 
ATOM   755  C CG  . MET A 1 110 ? -10.475 -0.494  2.847   1.00 15.98 ? 288 MET A CG  1 
ATOM   756  S SD  . MET A 1 110 ? -10.827 -2.230  2.594   1.00 18.65 ? 288 MET A SD  1 
ATOM   757  C CE  . MET A 1 110 ? -10.907 -2.348  0.815   1.00 17.59 ? 288 MET A CE  1 
ATOM   758  N N   . LEU A 1 111 ? -7.463  2.614   0.914   1.00 13.62 ? 289 LEU A N   1 
ATOM   759  C CA  . LEU A 1 111 ? -6.181  3.226   0.564   1.00 13.16 ? 289 LEU A CA  1 
ATOM   760  C C   . LEU A 1 111 ? -5.838  4.273   1.603   1.00 13.86 ? 289 LEU A C   1 
ATOM   761  O O   . LEU A 1 111 ? -4.673  4.397   1.987   1.00 13.59 ? 289 LEU A O   1 
ATOM   762  C CB  . LEU A 1 111 ? -6.182  3.834   -0.854  1.00 14.02 ? 289 LEU A CB  1 
ATOM   763  C CG  . LEU A 1 111 ? -5.803  2.883   -1.994  1.00 16.44 ? 289 LEU A CG  1 
ATOM   764  C CD1 . LEU A 1 111 ? -6.106  3.558   -3.360  1.00 21.06 ? 289 LEU A CD1 1 
ATOM   765  C CD2 . LEU A 1 111 ? -4.337  2.520   -1.892  1.00 16.71 ? 289 LEU A CD2 1 
ATOM   766  N N   . GLN A 1 112 ? -6.841  5.007   2.081   1.00 14.06 ? 290 GLN A N   1 
ATOM   767  C CA  . GLN A 1 112 ? -6.604  5.991   3.108   1.00 14.12 ? 290 GLN A CA  1 
ATOM   768  C C   . GLN A 1 112 ? -6.299  5.333   4.447   1.00 14.62 ? 290 GLN A C   1 
ATOM   769  O O   . GLN A 1 112 ? -5.472  5.846   5.207   1.00 14.24 ? 290 GLN A O   1 
ATOM   770  C CB  . GLN A 1 112 ? -7.781  6.970   3.236   1.00 13.61 ? 290 GLN A CB  1 
ATOM   771  C CG  . GLN A 1 112 ? -7.557  8.045   4.296   1.00 14.15 ? 290 GLN A CG  1 
ATOM   772  C CD  . GLN A 1 112 ? -6.318  8.897   4.035   1.00 17.73 ? 290 GLN A CD  1 
ATOM   773  O OE1 . GLN A 1 112 ? -6.150  9.461   2.949   1.00 16.76 ? 290 GLN A OE1 1 
ATOM   774  N NE2 . GLN A 1 112 ? -5.466  9.041   5.052   1.00 15.01 ? 290 GLN A NE2 1 
ATOM   775  N N   . ASP A 1 113 ? -6.937  4.204   4.740   1.00 14.13 ? 291 ASP A N   1 
ATOM   776  C CA  . ASP A 1 113 ? -6.566  3.436   5.943   1.00 13.75 ? 291 ASP A CA  1 
ATOM   777  C C   . ASP A 1 113 ? -5.083  3.154   5.923   1.00 14.07 ? 291 ASP A C   1 
ATOM   778  O O   . ASP A 1 113 ? -4.384  3.341   6.933   1.00 13.72 ? 291 ASP A O   1 
ATOM   779  C CB  . ASP A 1 113 ? -7.328  2.108   6.051   1.00 13.31 ? 291 ASP A CB  1 
ATOM   780  C CG  . ASP A 1 113 ? -8.825  2.298   6.281   1.00 14.71 ? 291 ASP A CG  1 
ATOM   781  O OD1 . ASP A 1 113 ? -9.276  3.437   6.572   1.00 14.01 ? 291 ASP A OD1 1 
ATOM   782  O OD2 . ASP A 1 113 ? -9.525  1.284   6.155   1.00 14.92 ? 291 ASP A OD2 1 
ATOM   783  N N   . ILE A 1 114 ? -4.578  2.738   4.762   1.00 12.79 ? 292 ILE A N   1 
ATOM   784  C CA  . ILE A 1 114 ? -3.157  2.406   4.658   1.00 12.79 ? 292 ILE A CA  1 
ATOM   785  C C   . ILE A 1 114 ? -2.295  3.677   4.785   1.00 13.24 ? 292 ILE A C   1 
ATOM   786  O O   . ILE A 1 114 ? -1.236  3.660   5.449   1.00 12.88 ? 292 ILE A O   1 
ATOM   787  C CB  . ILE A 1 114 ? -2.849  1.665   3.353   1.00 11.45 ? 292 ILE A CB  1 
ATOM   788  C CG1 . ILE A 1 114 ? -3.629  0.329   3.279   1.00 14.30 ? 292 ILE A CG1 1 
ATOM   789  C CG2 . ILE A 1 114 ? -1.353  1.387   3.240   1.00 12.79 ? 292 ILE A CG2 1 
ATOM   790  C CD1 . ILE A 1 114 ? -3.670  -0.309  1.890   1.00 16.72 ? 292 ILE A CD1 1 
ATOM   791  N N   . ALA A 1 115 ? -2.765  4.793   4.202   1.00 12.05 ? 293 ALA A N   1 
ATOM   792  C CA  . ALA A 1 115 ? -2.026  6.064   4.278   1.00 13.14 ? 293 ALA A CA  1 
ATOM   793  C C   . ALA A 1 115 ? -1.891  6.507   5.720   1.00 12.64 ? 293 ALA A C   1 
ATOM   794  O O   . ALA A 1 115 ? -0.806  6.851   6.172   1.00 13.88 ? 293 ALA A O   1 
ATOM   795  C CB  . ALA A 1 115 ? -2.753  7.130   3.472   1.00 12.92 ? 293 ALA A CB  1 
ATOM   796  N N   . THR A 1 116 ? -2.991  6.424   6.459   1.00 14.27 ? 294 THR A N   1 
ATOM   797  C CA  . THR A 1 116 ? -3.010  6.826   7.867   1.00 13.81 ? 294 THR A CA  1 
ATOM   798  C C   . THR A 1 116 ? -2.081  5.933   8.689   1.00 13.26 ? 294 THR A C   1 
ATOM   799  O O   . THR A 1 116 ? -1.302  6.442   9.500   1.00 14.78 ? 294 THR A O   1 
ATOM   800  C CB  . THR A 1 116 ? -4.445  6.765   8.430   1.00 15.12 ? 294 THR A CB  1 
ATOM   801  O OG1 . THR A 1 116 ? -5.246  7.744   7.768   1.00 17.13 ? 294 THR A OG1 1 
ATOM   802  C CG2 . THR A 1 116 ? -4.444  7.026   9.945   1.00 14.75 ? 294 THR A CG2 1 
ATOM   803  N N   . LEU A 1 117 ? -2.147  4.622   8.448   1.00 12.06 ? 295 LEU A N   1 
ATOM   804  C CA  . LEU A 1 117 ? -1.329  3.658   9.156   1.00 12.85 ? 295 LEU A CA  1 
ATOM   805  C C   . LEU A 1 117 ? 0.146   3.920   8.946   1.00 14.28 ? 295 LEU A C   1 
ATOM   806  O O   . LEU A 1 117 ? 0.947   3.683   9.861   1.00 15.00 ? 295 LEU A O   1 
ATOM   807  C CB  . LEU A 1 117 ? -1.652  2.240   8.737   1.00 13.40 ? 295 LEU A CB  1 
ATOM   808  C CG  . LEU A 1 117 ? -0.829  1.130   9.407   1.00 14.12 ? 295 LEU A CG  1 
ATOM   809  C CD1 . LEU A 1 117 ? -1.091  1.088   10.918  1.00 16.97 ? 295 LEU A CD1 1 
ATOM   810  C CD2 . LEU A 1 117 ? -1.019  -0.198  8.720   1.00 16.84 ? 295 LEU A CD2 1 
ATOM   811  N N   . THR A 1 118 ? 0.508   4.381   7.750   1.00 13.00 ? 296 THR A N   1 
ATOM   812  C CA  . THR A 1 118 ? 1.921   4.439   7.341   1.00 14.00 ? 296 THR A CA  1 
ATOM   813  C C   . THR A 1 118 ? 2.526   5.832   7.217   1.00 13.54 ? 296 THR A C   1 
ATOM   814  O O   . THR A 1 118 ? 3.641   5.964   6.757   1.00 13.14 ? 296 THR A O   1 
ATOM   815  C CB  . THR A 1 118 ? 2.151   3.732   5.975   1.00 14.20 ? 296 THR A CB  1 
ATOM   816  O OG1 . THR A 1 118 ? 1.322   4.339   4.978   1.00 13.18 ? 296 THR A OG1 1 
ATOM   817  C CG2 . THR A 1 118 ? 1.809   2.198   6.082   1.00 14.61 ? 296 THR A CG2 1 
ATOM   818  N N   . ASN A 1 119 ? 1.754   6.864   7.567   1.00 14.58 ? 297 ASN A N   1 
ATOM   819  C CA  . ASN A 1 119 ? 2.146   8.268   7.382   1.00 15.14 ? 297 ASN A CA  1 
ATOM   820  C C   . ASN A 1 119 ? 2.377   8.570   5.906   1.00 15.87 ? 297 ASN A C   1 
ATOM   821  O O   . ASN A 1 119 ? 3.257   9.342   5.540   1.00 16.52 ? 297 ASN A O   1 
ATOM   822  C CB  . ASN A 1 119 ? 3.383   8.636   8.228   1.00 16.59 ? 297 ASN A CB  1 
ATOM   823  C CG  . ASN A 1 119 ? 3.589   10.138  8.373   1.00 22.07 ? 297 ASN A CG  1 
ATOM   824  O OD1 . ASN A 1 119 ? 2.640   10.893  8.570   1.00 25.70 ? 297 ASN A OD1 1 
ATOM   825  N ND2 . ASN A 1 119 ? 4.857   10.581  8.312   1.00 27.57 ? 297 ASN A ND2 1 
ATOM   826  N N   . GLY A 1 120 ? 1.561   7.955   5.063   1.00 14.39 ? 298 GLY A N   1 
ATOM   827  C CA  . GLY A 1 120 ? 1.665   8.223   3.626   1.00 15.22 ? 298 GLY A CA  1 
ATOM   828  C C   . GLY A 1 120 ? 0.550   9.145   3.163   1.00 14.39 ? 298 GLY A C   1 
ATOM   829  O O   . GLY A 1 120 ? -0.325  9.487   3.934   1.00 16.07 ? 298 GLY A O   1 
ATOM   830  N N   . THR A 1 121 ? 0.667   9.584   1.928   1.00 13.63 ? 299 THR A N   1 
ATOM   831  C CA  . THR A 1 121 ? -0.336  10.419  1.296   1.00 16.13 ? 299 THR A CA  1 
ATOM   832  C C   . THR A 1 121 ? -0.882  9.734   0.056   1.00 15.02 ? 299 THR A C   1 
ATOM   833  O O   . THR A 1 121 ? -0.117  9.423   -0.843  1.00 17.96 ? 299 THR A O   1 
ATOM   834  C CB  . THR A 1 121 ? 0.241   11.760  0.944   1.00 17.76 ? 299 THR A CB  1 
ATOM   835  O OG1 . THR A 1 121 ? 0.685   12.400  2.138   1.00 19.58 ? 299 THR A OG1 1 
ATOM   836  C CG2 . THR A 1 121 ? -0.794  12.676  0.265   1.00 17.06 ? 299 THR A CG2 1 
ATOM   837  N N   . VAL A 1 122 ? -2.190  9.493   0.005   1.00 15.76 ? 300 VAL A N   1 
ATOM   838  C CA  . VAL A 1 122 ? -2.771  8.907   -1.214  1.00 14.95 ? 300 VAL A CA  1 
ATOM   839  C C   . VAL A 1 122 ? -2.646  9.906   -2.365  1.00 15.50 ? 300 VAL A C   1 
ATOM   840  O O   . VAL A 1 122 ? -3.122  11.048  -2.290  1.00 16.54 ? 300 VAL A O   1 
ATOM   841  C CB  . VAL A 1 122 ? -4.247  8.505   -1.034  1.00 15.10 ? 300 VAL A CB  1 
ATOM   842  C CG1 . VAL A 1 122 ? -4.850  7.939   -2.372  1.00 16.53 ? 300 VAL A CG1 1 
ATOM   843  C CG2 . VAL A 1 122 ? -4.385  7.505   0.129   1.00 14.82 ? 300 VAL A CG2 1 
ATOM   844  N N   . ILE A 1 123 ? -2.022  9.465   -3.434  1.00 15.68 ? 301 ILE A N   1 
ATOM   845  C CA  . ILE A 1 123 ? -1.865  10.320  -4.611  1.00 16.46 ? 301 ILE A CA  1 
ATOM   846  C C   . ILE A 1 123 ? -3.155  10.224  -5.378  1.00 17.31 ? 301 ILE A C   1 
ATOM   847  O O   . ILE A 1 123 ? -3.412  9.221   -6.045  1.00 17.76 ? 301 ILE A O   1 
ATOM   848  C CB  . ILE A 1 123 ? -0.639  9.953   -5.493  1.00 15.70 ? 301 ILE A CB  1 
ATOM   849  C CG1 . ILE A 1 123 ? 0.654   9.874   -4.668  1.00 17.67 ? 301 ILE A CG1 1 
ATOM   850  C CG2 . ILE A 1 123 ? -0.478  10.966  -6.599  1.00 16.38 ? 301 ILE A CG2 1 
ATOM   851  C CD1 . ILE A 1 123 ? 0.952   11.068  -3.900  1.00 16.71 ? 301 ILE A CD1 1 
ATOM   852  N N   . SER A 1 124 ? -3.981  11.254  -5.246  1.00 17.92 ? 302 SER A N   1 
ATOM   853  C CA  . SER A 1 124 ? -5.325  11.254  -5.780  1.00 20.74 ? 302 SER A CA  1 
ATOM   854  C C   . SER A 1 124 ? -5.596  12.473  -6.646  1.00 21.69 ? 302 SER A C   1 
ATOM   855  O O   . SER A 1 124 ? -5.461  13.634  -6.193  1.00 21.95 ? 302 SER A O   1 
ATOM   856  C CB  . SER A 1 124 ? -6.334  11.185  -4.646  1.00 20.24 ? 302 SER A CB  1 
ATOM   857  O OG  . SER A 1 124 ? -7.642  11.250  -5.176  1.00 21.70 ? 302 SER A OG  1 
ATOM   858  N N   . GLU A 1 125 ? -5.931  12.225  -7.904  1.00 23.56 ? 303 GLU A N   1 
ATOM   859  C CA  . GLU A 1 125 ? -6.264  13.312  -8.834  1.00 26.59 ? 303 GLU A CA  1 
ATOM   860  C C   . GLU A 1 125 ? -7.588  13.998  -8.458  1.00 28.46 ? 303 GLU A C   1 
ATOM   861  O O   . GLU A 1 125 ? -7.790  15.189  -8.754  1.00 29.02 ? 303 GLU A O   1 
ATOM   862  C CB  . GLU A 1 125 ? -6.290  12.807  -10.279 1.00 26.30 ? 303 GLU A CB  1 
ATOM   863  C CG  . GLU A 1 125 ? -4.916  12.468  -10.812 1.00 27.76 ? 303 GLU A CG  1 
ATOM   864  C CD  . GLU A 1 125 ? -4.907  12.003  -12.252 1.00 30.14 ? 303 GLU A CD  1 
ATOM   865  O OE1 . GLU A 1 125 ? -5.987  11.872  -12.854 1.00 32.04 ? 303 GLU A OE1 1 
ATOM   866  O OE2 . GLU A 1 125 ? -3.805  11.763  -12.783 1.00 30.70 ? 303 GLU A OE2 1 
ATOM   867  N N   . GLU A 1 126 ? -8.471  13.251  -7.795  1.00 30.42 ? 304 GLU A N   1 
ATOM   868  C CA  . GLU A 1 126 ? -9.710  13.803  -7.226  1.00 31.62 ? 304 GLU A CA  1 
ATOM   869  C C   . GLU A 1 126 ? -9.466  15.115  -6.470  1.00 31.70 ? 304 GLU A C   1 
ATOM   870  O O   . GLU A 1 126 ? -10.305 16.018  -6.501  1.00 32.64 ? 304 GLU A O   1 
ATOM   871  C CB  . GLU A 1 126 ? -10.382 12.787  -6.286  1.00 32.48 ? 304 GLU A CB  1 
ATOM   872  C CG  . GLU A 1 126 ? -10.688 11.471  -6.950  1.00 35.34 ? 304 GLU A CG  1 
ATOM   873  C CD  . GLU A 1 126 ? -11.735 10.657  -6.221  1.00 41.05 ? 304 GLU A CD  1 
ATOM   874  O OE1 . GLU A 1 126 ? -12.072 10.959  -5.045  1.00 42.38 ? 304 GLU A OE1 1 
ATOM   875  O OE2 . GLU A 1 126 ? -12.221 9.703   -6.857  1.00 43.60 ? 304 GLU A OE2 1 
ATOM   876  N N   . ILE A 1 127 ? -8.322  15.211  -5.792  1.00 30.91 ? 305 ILE A N   1 
ATOM   877  C CA  . ILE A 1 127 ? -7.980  16.400  -5.018  1.00 30.05 ? 305 ILE A CA  1 
ATOM   878  C C   . ILE A 1 127 ? -6.779  17.162  -5.606  1.00 29.20 ? 305 ILE A C   1 
ATOM   879  O O   . ILE A 1 127 ? -6.150  17.959  -4.929  1.00 28.51 ? 305 ILE A O   1 
ATOM   880  C CB  . ILE A 1 127 ? -7.802  16.067  -3.517  1.00 30.72 ? 305 ILE A CB  1 
ATOM   881  C CG1 . ILE A 1 127 ? -6.602  15.135  -3.281  1.00 31.60 ? 305 ILE A CG1 1 
ATOM   882  C CG2 . ILE A 1 127 ? -9.101  15.459  -2.963  1.00 30.73 ? 305 ILE A CG2 1 
ATOM   883  C CD1 . ILE A 1 127 ? -6.317  14.806  -1.826  1.00 33.21 ? 305 ILE A CD1 1 
ATOM   884  N N   . GLY A 1 128 ? -6.471  16.909  -6.875  1.00 28.33 ? 306 GLY A N   1 
ATOM   885  C CA  . GLY A 1 128 ? -5.510  17.738  -7.587  1.00 27.45 ? 306 GLY A CA  1 
ATOM   886  C C   . GLY A 1 128 ? -4.063  17.304  -7.465  1.00 26.70 ? 306 GLY A C   1 
ATOM   887  O O   . GLY A 1 128 ? -3.174  17.979  -7.974  1.00 27.85 ? 306 GLY A O   1 
ATOM   888  N N   . LEU A 1 129 ? -3.828  16.173  -6.804  1.00 25.86 ? 307 LEU A N   1 
ATOM   889  C CA  . LEU A 1 129 ? -2.474  15.600  -6.729  1.00 24.88 ? 307 LEU A CA  1 
ATOM   890  C C   . LEU A 1 129 ? -2.145  14.869  -8.034  1.00 24.74 ? 307 LEU A C   1 
ATOM   891  O O   . LEU A 1 129 ? -3.050  14.360  -8.723  1.00 25.54 ? 307 LEU A O   1 
ATOM   892  C CB  . LEU A 1 129 ? -2.338  14.664  -5.521  1.00 25.59 ? 307 LEU A CB  1 
ATOM   893  C CG  . LEU A 1 129 ? -2.571  15.278  -4.137  1.00 25.04 ? 307 LEU A CG  1 
ATOM   894  C CD1 . LEU A 1 129 ? -2.327  14.289  -3.006  1.00 26.00 ? 307 LEU A CD1 1 
ATOM   895  C CD2 . LEU A 1 129 ? -1.693  16.503  -3.958  1.00 27.79 ? 307 LEU A CD2 1 
ATOM   896  N N   . GLU A 1 130 ? -0.862  14.805  -8.365  1.00 23.30 ? 308 GLU A N   1 
ATOM   897  C CA  . GLU A 1 130 ? -0.417  14.206  -9.614  1.00 21.69 ? 308 GLU A CA  1 
ATOM   898  C C   . GLU A 1 130 ? 0.753   13.289  -9.315  1.00 19.52 ? 308 GLU A C   1 
ATOM   899  O O   . GLU A 1 130 ? 1.688   13.686  -8.620  1.00 18.35 ? 308 GLU A O   1 
ATOM   900  C CB  . GLU A 1 130 ? 0.044   15.270  -10.619 1.00 22.91 ? 308 GLU A CB  1 
ATOM   901  C CG  . GLU A 1 130 ? -0.990  16.317  -10.965 1.00 27.67 ? 308 GLU A CG  1 
ATOM   902  C CD  . GLU A 1 130 ? -0.389  17.563  -11.571 1.00 31.86 ? 308 GLU A CD  1 
ATOM   903  O OE1 . GLU A 1 130 ? 0.301   17.464  -12.613 1.00 35.65 ? 308 GLU A OE1 1 
ATOM   904  O OE2 . GLU A 1 130 ? -0.632  18.646  -11.008 1.00 33.43 ? 308 GLU A OE2 1 
ATOM   905  N N   . LEU A 1 131 ? 0.697   12.075  -9.847  1.00 17.19 ? 309 LEU A N   1 
ATOM   906  C CA  . LEU A 1 131 ? 1.745   11.077  -9.572  1.00 16.38 ? 309 LEU A CA  1 
ATOM   907  C C   . LEU A 1 131 ? 3.137   11.584  -9.920  1.00 17.11 ? 309 LEU A C   1 
ATOM   908  O O   . LEU A 1 131 ? 4.093   11.332  -9.202  1.00 17.65 ? 309 LEU A O   1 
ATOM   909  C CB  . LEU A 1 131 ? 1.442   9.752   -10.289 1.00 18.40 ? 309 LEU A CB  1 
ATOM   910  C CG  . LEU A 1 131 ? 2.337   8.552   -10.008 1.00 18.47 ? 309 LEU A CG  1 
ATOM   911  C CD1 . LEU A 1 131 ? 2.506   8.295   -8.499  1.00 19.72 ? 309 LEU A CD1 1 
ATOM   912  C CD2 . LEU A 1 131 ? 1.713   7.352   -10.730 1.00 20.84 ? 309 LEU A CD2 1 
ATOM   913  N N   . GLU A 1 132 ? 3.261   12.287  -11.033 1.00 18.14 ? 310 GLU A N   1 
ATOM   914  C CA  . GLU A 1 132 ? 4.584   12.811  -11.439 1.00 18.73 ? 310 GLU A CA  1 
ATOM   915  C C   . GLU A 1 132 ? 5.163   13.861  -10.472 1.00 19.39 ? 310 GLU A C   1 
ATOM   916  O O   . GLU A 1 132 ? 6.356   14.150  -10.514 1.00 20.85 ? 310 GLU A O   1 
ATOM   917  C CB  . GLU A 1 132 ? 4.537   13.388  -12.843 1.00 19.45 ? 310 GLU A CB  1 
ATOM   918  C CG  . GLU A 1 132 ? 3.840   14.727  -12.935 1.00 23.82 ? 310 GLU A CG  1 
ATOM   919  C CD  . GLU A 1 132 ? 4.071   15.454  -14.261 1.00 26.41 ? 310 GLU A CD  1 
ATOM   920  O OE1 . GLU A 1 132 ? 3.103   16.019  -14.822 1.00 31.32 ? 310 GLU A OE1 1 
ATOM   921  O OE2 . GLU A 1 132 ? 5.222   15.488  -14.739 1.00 28.52 ? 310 GLU A OE2 1 
ATOM   922  N N   . LYS A 1 133 ? 4.317   14.410  -9.602  1.00 18.65 ? 311 LYS A N   1 
ATOM   923  C CA  . LYS A 1 133 ? 4.747   15.374  -8.609  1.00 19.73 ? 311 LYS A CA  1 
ATOM   924  C C   . LYS A 1 133 ? 4.872   14.755  -7.219  1.00 19.18 ? 311 LYS A C   1 
ATOM   925  O O   . LYS A 1 133 ? 5.127   15.489  -6.250  1.00 19.48 ? 311 LYS A O   1 
ATOM   926  C CB  . LYS A 1 133 ? 3.794   16.571  -8.541  1.00 20.41 ? 311 LYS A CB  1 
ATOM   927  C CG  . LYS A 1 133 ? 3.581   17.337  -9.854  1.00 23.84 ? 311 LYS A CG  1 
ATOM   928  C CD  . LYS A 1 133 ? 2.840   18.665  -9.585  1.00 28.48 ? 311 LYS A CD  1 
ATOM   929  C CE  . LYS A 1 133 ? 2.443   19.377  -10.865 1.00 33.43 ? 311 LYS A CE  1 
ATOM   930  N NZ  . LYS A 1 133 ? 3.430   19.166  -11.962 1.00 35.39 ? 311 LYS A NZ  1 
ATOM   931  N N   . ALA A 1 134 ? 4.656   13.434  -7.105  1.00 19.37 ? 312 ALA A N   1 
ATOM   932  C CA  . ALA A 1 134 ? 4.831   12.746  -5.827  1.00 17.79 ? 312 ALA A CA  1 
ATOM   933  C C   . ALA A 1 134 ? 6.299   12.748  -5.418  1.00 18.55 ? 312 ALA A C   1 
ATOM   934  O O   . ALA A 1 134 ? 7.178   12.679  -6.259  1.00 20.25 ? 312 ALA A O   1 
ATOM   935  C CB  . ALA A 1 134 ? 4.278   11.339  -5.892  1.00 18.51 ? 312 ALA A CB  1 
ATOM   936  N N   . THR A 1 135 ? 6.548   12.871  -4.127  1.00 18.68 ? 313 THR A N   1 
ATOM   937  C CA  . THR A 1 135 ? 7.904   12.861  -3.597  1.00 19.09 ? 313 THR A CA  1 
ATOM   938  C C   . THR A 1 135 ? 8.054   11.800  -2.525  1.00 17.44 ? 313 THR A C   1 
ATOM   939  O O   . THR A 1 135 ? 7.085   11.181  -2.093  1.00 16.30 ? 313 THR A O   1 
ATOM   940  C CB  . THR A 1 135 ? 8.283   14.240  -2.989  1.00 19.83 ? 313 THR A CB  1 
ATOM   941  O OG1 . THR A 1 135 ? 7.346   14.549  -1.954  1.00 22.63 ? 313 THR A OG1 1 
ATOM   942  C CG2 . THR A 1 135 ? 8.247   15.323  -4.060  1.00 23.44 ? 313 THR A CG2 1 
ATOM   943  N N   . LEU A 1 136 ? 9.275   11.607  -2.066  1.00 17.00 ? 314 LEU A N   1 
ATOM   944  C CA  . LEU A 1 136 ? 9.518   10.650  -0.989  1.00 15.76 ? 314 LEU A CA  1 
ATOM   945  C C   . LEU A 1 136 ? 8.699   10.983  0.257   1.00 16.33 ? 314 LEU A C   1 
ATOM   946  O O   . LEU A 1 136 ? 8.249   10.077  0.965   1.00 16.98 ? 314 LEU A O   1 
ATOM   947  C CB  . LEU A 1 136 ? 10.993  10.653  -0.648  1.00 16.26 ? 314 LEU A CB  1 
ATOM   948  C CG  . LEU A 1 136 ? 11.921  10.008  -1.682  1.00 19.38 ? 314 LEU A CG  1 
ATOM   949  C CD1 . LEU A 1 136 ? 13.315  10.020  -1.124  1.00 19.95 ? 314 LEU A CD1 1 
ATOM   950  C CD2 . LEU A 1 136 ? 11.497  8.582   -2.038  1.00 20.80 ? 314 LEU A CD2 1 
ATOM   951  N N   . GLU A 1 137 ? 8.455   12.268  0.480   1.00 16.92 ? 315 GLU A N   1 
ATOM   952  C CA  . GLU A 1 137 ? 7.684   12.729  1.655   1.00 17.75 ? 315 GLU A CA  1 
ATOM   953  C C   . GLU A 1 137 ? 6.254   12.195  1.604   1.00 18.13 ? 315 GLU A C   1 
ATOM   954  O O   . GLU A 1 137 ? 5.624   11.975  2.646   1.00 19.20 ? 315 GLU A O   1 
ATOM   955  C CB  . GLU A 1 137 ? 7.661   14.254  1.695   1.00 18.16 ? 315 GLU A CB  1 
ATOM   956  C CG  . GLU A 1 137 ? 7.304   14.866  3.044   1.00 23.19 ? 315 GLU A CG  1 
ATOM   957  C CD  . GLU A 1 137 ? 7.516   16.380  3.094   1.00 27.97 ? 315 GLU A CD  1 
ATOM   958  O OE1 . GLU A 1 137 ? 7.376   17.046  2.044   1.00 29.47 ? 315 GLU A OE1 1 
ATOM   959  O OE2 . GLU A 1 137 ? 7.813   16.915  4.183   1.00 30.97 ? 315 GLU A OE2 1 
ATOM   960  N N   . ASP A 1 138 ? 5.749   11.981  0.381   1.00 17.04 ? 316 ASP A N   1 
ATOM   961  C CA  . ASP A 1 138 ? 4.387   11.390  0.196   1.00 16.16 ? 316 ASP A CA  1 
ATOM   962  C C   . ASP A 1 138 ? 4.281   9.874   0.470   1.00 15.43 ? 316 ASP A C   1 
ATOM   963  O O   . ASP A 1 138 ? 3.183   9.308   0.540   1.00 15.97 ? 316 ASP A O   1 
ATOM   964  C CB  . ASP A 1 138 ? 3.905   11.624  -1.235  1.00 16.55 ? 316 ASP A CB  1 
ATOM   965  C CG  . ASP A 1 138 ? 3.667   13.073  -1.540  1.00 20.21 ? 316 ASP A CG  1 
ATOM   966  O OD1 . ASP A 1 138 ? 3.133   13.789  -0.685  1.00 20.99 ? 316 ASP A OD1 1 
ATOM   967  O OD2 . ASP A 1 138 ? 4.004   13.488  -2.668  1.00 19.98 ? 316 ASP A OD2 1 
ATOM   968  N N   . LEU A 1 139 ? 5.415   9.218   0.618   1.00 14.61 ? 317 LEU A N   1 
ATOM   969  C CA  . LEU A 1 139 ? 5.431   7.768   0.720   1.00 14.87 ? 317 LEU A CA  1 
ATOM   970  C C   . LEU A 1 139 ? 5.243   7.346   2.180   1.00 14.89 ? 317 LEU A C   1 
ATOM   971  O O   . LEU A 1 139 ? 5.838   7.907   3.087   1.00 15.49 ? 317 LEU A O   1 
ATOM   972  C CB  . LEU A 1 139 ? 6.728   7.175   0.164   1.00 15.78 ? 317 LEU A CB  1 
ATOM   973  C CG  . LEU A 1 139 ? 7.046   7.615   -1.281  1.00 14.74 ? 317 LEU A CG  1 
ATOM   974  C CD1 . LEU A 1 139 ? 8.288   6.940   -1.810  1.00 16.67 ? 317 LEU A CD1 1 
ATOM   975  C CD2 . LEU A 1 139 ? 5.836   7.384   -2.225  1.00 16.70 ? 317 LEU A CD2 1 
ATOM   976  N N   . GLY A 1 140 ? 4.402   6.336   2.389   1.00 14.33 ? 318 GLY A N   1 
ATOM   977  C CA  . GLY A 1 140 ? 4.278   5.744   3.677   1.00 14.43 ? 318 GLY A CA  1 
ATOM   978  C C   . GLY A 1 140 ? 5.465   4.854   3.974   1.00 14.32 ? 318 GLY A C   1 
ATOM   979  O O   . GLY A 1 140 ? 6.250   4.523   3.088   1.00 13.82 ? 318 GLY A O   1 
ATOM   980  N N   . GLN A 1 141 ? 5.640   4.526   5.234   1.00 14.46 ? 319 GLN A N   1 
ATOM   981  C CA  . GLN A 1 141 ? 6.704   3.633   5.645   1.00 14.24 ? 319 GLN A CA  1 
ATOM   982  C C   . GLN A 1 141 ? 6.206   2.682   6.704   1.00 15.20 ? 319 GLN A C   1 
ATOM   983  O O   . GLN A 1 141 ? 5.258   3.004   7.447   1.00 14.41 ? 319 GLN A O   1 
ATOM   984  C CB  . GLN A 1 141 ? 7.960   4.397   6.145   1.00 15.36 ? 319 GLN A CB  1 
ATOM   985  C CG  . GLN A 1 141 ? 8.635   5.257   5.086   1.00 17.27 ? 319 GLN A CG  1 
ATOM   986  C CD  . GLN A 1 141 ? 9.903   5.960   5.563   1.00 20.40 ? 319 GLN A CD  1 
ATOM   987  O OE1 . GLN A 1 141 ? 10.078  7.141   5.345   1.00 24.78 ? 319 GLN A OE1 1 
ATOM   988  N NE2 . GLN A 1 141 ? 10.801  5.214   6.176   1.00 21.22 ? 319 GLN A NE2 1 
ATOM   989  N N   . ALA A 1 142 ? 6.850   1.501   6.746   1.00 15.23 ? 320 ALA A N   1 
ATOM   990  C CA  . ALA A 1 142 ? 6.553   0.466   7.741   1.00 15.64 ? 320 ALA A CA  1 
ATOM   991  C C   . ALA A 1 142 ? 7.803   -0.355  7.961   1.00 16.64 ? 320 ALA A C   1 
ATOM   992  O O   . ALA A 1 142 ? 8.760   -0.268  7.156   1.00 17.57 ? 320 ALA A O   1 
ATOM   993  C CB  . ALA A 1 142 ? 5.442   -0.412  7.248   1.00 16.85 ? 320 ALA A CB  1 
ATOM   994  N N   . LYS A 1 143 ? 7.820   -1.127  9.040   1.00 16.17 ? 321 LYS A N   1 
ATOM   995  C CA  . LYS A 1 143 ? 9.002   -1.927  9.347   1.00 17.23 ? 321 LYS A CA  1 
ATOM   996  C C   . LYS A 1 143 ? 9.232   -2.995  8.280   1.00 16.91 ? 321 LYS A C   1 
ATOM   997  O O   . LYS A 1 143 ? 10.376  -3.225  7.852   1.00 17.55 ? 321 LYS A O   1 
ATOM   998  C CB  . LYS A 1 143 ? 8.905   -2.546  10.747  1.00 17.84 ? 321 LYS A CB  1 
ATOM   999  C CG  . LYS A 1 143 ? 10.063  -3.430  11.089  1.00 24.21 ? 321 LYS A CG  1 
ATOM   1000 C CD  . LYS A 1 143 ? 10.084  -3.739  12.587  1.00 31.06 ? 321 LYS A CD  1 
ATOM   1001 C CE  . LYS A 1 143 ? 11.394  -4.392  12.975  1.00 33.61 ? 321 LYS A CE  1 
ATOM   1002 N NZ  . LYS A 1 143 ? 11.418  -5.807  12.504  1.00 35.60 ? 321 LYS A NZ  1 
ATOM   1003 N N   . ARG A 1 144 ? 8.132   -3.588  7.799   1.00 15.83 ? 322 ARG A N   1 
ATOM   1004 C CA  . ARG A 1 144 ? 8.223   -4.688  6.840   1.00 16.21 ? 322 ARG A CA  1 
ATOM   1005 C C   . ARG A 1 144 ? 6.949   -4.776  6.027   1.00 15.76 ? 322 ARG A C   1 
ATOM   1006 O O   . ARG A 1 144 ? 5.857   -4.564  6.557   1.00 16.70 ? 322 ARG A O   1 
ATOM   1007 C CB  . ARG A 1 144 ? 8.413   -6.034  7.551   1.00 18.58 ? 322 ARG A CB  1 
ATOM   1008 C CG  . ARG A 1 144 ? 8.760   -7.211  6.630   1.00 19.77 ? 322 ARG A CG  1 
ATOM   1009 C CD  . ARG A 1 144 ? 9.016   -8.504  7.424   1.00 26.88 ? 322 ARG A CD  1 
ATOM   1010 N NE  . ARG A 1 144 ? 10.072  -8.301  8.405   1.00 27.70 ? 322 ARG A NE  1 
ATOM   1011 C CZ  . ARG A 1 144 ? 9.887   -8.179  9.718   1.00 32.09 ? 322 ARG A CZ  1 
ATOM   1012 N NH1 . ARG A 1 144 ? 8.680   -8.254  10.242  1.00 35.04 ? 322 ARG A NH1 1 
ATOM   1013 N NH2 . ARG A 1 144 ? 10.926  -7.989  10.513  1.00 35.22 ? 322 ARG A NH2 1 
ATOM   1014 N N   . VAL A 1 145 ? 7.100   -5.201  4.775   1.00 15.03 ? 323 VAL A N   1 
ATOM   1015 C CA  . VAL A 1 145 ? 5.947   -5.570  3.967   1.00 15.53 ? 323 VAL A CA  1 
ATOM   1016 C C   . VAL A 1 145 ? 6.233   -6.947  3.441   1.00 15.12 ? 323 VAL A C   1 
ATOM   1017 O O   . VAL A 1 145 ? 7.302   -7.195  2.895   1.00 16.21 ? 323 VAL A O   1 
ATOM   1018 C CB  . VAL A 1 145 ? 5.699   -4.574  2.802   1.00 15.51 ? 323 VAL A CB  1 
ATOM   1019 C CG1 . VAL A 1 145 ? 4.612   -5.086  1.858   1.00 15.39 ? 323 VAL A CG1 1 
ATOM   1020 C CG2 . VAL A 1 145 ? 5.298   -3.166  3.360   1.00 16.34 ? 323 VAL A CG2 1 
ATOM   1021 N N   . VAL A 1 146 ? 5.263   -7.835  3.601   1.00 15.16 ? 324 VAL A N   1 
ATOM   1022 C CA  . VAL A 1 146 ? 5.364   -9.204  3.121   1.00 16.13 ? 324 VAL A CA  1 
ATOM   1023 C C   . VAL A 1 146 ? 4.199   -9.489  2.165   1.00 16.07 ? 324 VAL A C   1 
ATOM   1024 O O   . VAL A 1 146 ? 3.049   -9.339  2.510   1.00 15.10 ? 324 VAL A O   1 
ATOM   1025 C CB  . VAL A 1 146 ? 5.332   -10.207 4.262   1.00 15.96 ? 324 VAL A CB  1 
ATOM   1026 C CG1 . VAL A 1 146 ? 5.443   -11.662 3.733   1.00 17.34 ? 324 VAL A CG1 1 
ATOM   1027 C CG2 . VAL A 1 146 ? 6.450   -9.932  5.258   1.00 19.04 ? 324 VAL A CG2 1 
ATOM   1028 N N   . ILE A 1 147 ? 4.530   -9.931  0.959   1.00 15.93 ? 325 ILE A N   1 
ATOM   1029 C CA  . ILE A 1 147 ? 3.547   -10.180 -0.106  1.00 16.10 ? 325 ILE A CA  1 
ATOM   1030 C C   . ILE A 1 147 ? 3.788   -11.590 -0.649  1.00 16.82 ? 325 ILE A C   1 
ATOM   1031 O O   . ILE A 1 147 ? 4.888   -11.983 -0.957  1.00 18.48 ? 325 ILE A O   1 
ATOM   1032 C CB  . ILE A 1 147 ? 3.755   -9.153  -1.242  1.00 16.25 ? 325 ILE A CB  1 
ATOM   1033 C CG1 . ILE A 1 147 ? 3.645   -7.712  -0.728  1.00 14.41 ? 325 ILE A CG1 1 
ATOM   1034 C CG2 . ILE A 1 147 ? 2.881   -9.419  -2.440  1.00 15.87 ? 325 ILE A CG2 1 
ATOM   1035 C CD1 . ILE A 1 147 ? 4.250   -6.668  -1.652  1.00 18.83 ? 325 ILE A CD1 1 
ATOM   1036 N N   . ASN A 1 148 ? 2.714   -12.321 -0.835  1.00 15.76 ? 326 ASN A N   1 
ATOM   1037 C CA  . ASN A 1 148 ? 2.786   -13.597 -1.521  1.00 17.01 ? 326 ASN A CA  1 
ATOM   1038 C C   . ASN A 1 148 ? 1.764   -13.582 -2.651  1.00 16.55 ? 326 ASN A C   1 
ATOM   1039 O O   . ASN A 1 148 ? 1.318   -12.531 -3.048  1.00 15.58 ? 326 ASN A O   1 
ATOM   1040 C CB  . ASN A 1 148 ? 2.612   -14.775 -0.549  1.00 17.24 ? 326 ASN A CB  1 
ATOM   1041 C CG  . ASN A 1 148 ? 1.320   -14.737 0.242   1.00 19.90 ? 326 ASN A CG  1 
ATOM   1042 O OD1 . ASN A 1 148 ? 0.286   -14.299 -0.232  1.00 19.20 ? 326 ASN A OD1 1 
ATOM   1043 N ND2 . ASN A 1 148 ? 1.380   -15.261 1.470   1.00 23.92 ? 326 ASN A ND2 1 
ATOM   1044 N N   . LYS A 1 149 ? 1.439   -14.740 -3.209  1.00 17.92 ? 327 LYS A N   1 
ATOM   1045 C CA  . LYS A 1 149 ? 0.515   -14.784 -4.325  1.00 18.78 ? 327 LYS A CA  1 
ATOM   1046 C C   . LYS A 1 149 ? -0.867  -14.243 -3.999  1.00 19.28 ? 327 LYS A C   1 
ATOM   1047 O O   . LYS A 1 149 ? -1.535  -13.740 -4.878  1.00 19.50 ? 327 LYS A O   1 
ATOM   1048 C CB  . LYS A 1 149 ? 0.393   -16.212 -4.859  1.00 19.68 ? 327 LYS A CB  1 
ATOM   1049 C CG  . LYS A 1 149 ? -0.426  -16.311 -6.126  1.00 22.74 ? 327 LYS A CG  1 
ATOM   1050 C CD  . LYS A 1 149 ? -0.417  -17.704 -6.695  1.00 28.62 ? 327 LYS A CD  1 
ATOM   1051 C CE  . LYS A 1 149 ? -1.259  -17.770 -7.966  1.00 32.88 ? 327 LYS A CE  1 
ATOM   1052 N NZ  . LYS A 1 149 ? -0.529  -17.199 -9.118  1.00 37.66 ? 327 LYS A NZ  1 
ATOM   1053 N N   . ASP A 1 150 ? -1.263  -14.316 -2.737  1.00 18.74 ? 328 ASP A N   1 
ATOM   1054 C CA  . ASP A 1 150 ? -2.660  -14.041 -2.379  1.00 19.78 ? 328 ASP A CA  1 
ATOM   1055 C C   . ASP A 1 150 ? -2.870  -12.842 -1.456  1.00 18.52 ? 328 ASP A C   1 
ATOM   1056 O O   . ASP A 1 150 ? -3.962  -12.293 -1.410  1.00 18.10 ? 328 ASP A O   1 
ATOM   1057 C CB  . ASP A 1 150 ? -3.270  -15.260 -1.702  1.00 20.72 ? 328 ASP A CB  1 
ATOM   1058 C CG  . ASP A 1 150 ? -3.222  -16.498 -2.564  1.00 24.42 ? 328 ASP A CG  1 
ATOM   1059 O OD1 . ASP A 1 150 ? -3.511  -16.385 -3.771  1.00 28.04 ? 328 ASP A OD1 1 
ATOM   1060 O OD2 . ASP A 1 150 ? -2.924  -17.579 -2.010  1.00 28.70 ? 328 ASP A OD2 1 
ATOM   1061 N N   . THR A 1 151 ? -1.850  -12.461 -0.695  1.00 17.31 ? 329 THR A N   1 
ATOM   1062 C CA  . THR A 1 151 ? -2.012  -11.434 0.342   1.00 17.62 ? 329 THR A CA  1 
ATOM   1063 C C   . THR A 1 151 ? -0.852  -10.469 0.449   1.00 16.00 ? 329 THR A C   1 
ATOM   1064 O O   . THR A 1 151 ? 0.255   -10.753 0.013   1.00 17.26 ? 329 THR A O   1 
ATOM   1065 C CB  . THR A 1 151 ? -2.227  -12.052 1.769   1.00 17.61 ? 329 THR A CB  1 
ATOM   1066 O OG1 . THR A 1 151 ? -1.059  -12.751 2.188   1.00 19.57 ? 329 THR A OG1 1 
ATOM   1067 C CG2 . THR A 1 151 ? -3.391  -13.038 1.760   1.00 20.97 ? 329 THR A CG2 1 
ATOM   1068 N N   . THR A 1 152 ? -1.143  -9.322  1.061   1.00 15.68 ? 330 THR A N   1 
ATOM   1069 C CA  . THR A 1 152 ? -0.135  -8.314  1.400   1.00 14.28 ? 330 THR A CA  1 
ATOM   1070 C C   . THR A 1 152 ? -0.284  -8.006  2.893   1.00 15.52 ? 330 THR A C   1 
ATOM   1071 O O   . THR A 1 152 ? -1.403  -7.788  3.363   1.00 16.83 ? 330 THR A O   1 
ATOM   1072 C CB  . THR A 1 152 ? -0.364  -7.056  0.602   1.00 14.94 ? 330 THR A CB  1 
ATOM   1073 O OG1 . THR A 1 152 ? -0.063  -7.320  -0.784  1.00 14.92 ? 330 THR A OG1 1 
ATOM   1074 C CG2 . THR A 1 152 ? 0.577   -5.917  1.067   1.00 14.88 ? 330 THR A CG2 1 
ATOM   1075 N N   . THR A 1 153 ? 0.821   -8.004  3.629   1.00 13.10 ? 331 THR A N   1 
ATOM   1076 C CA  . THR A 1 153 ? 0.841   -7.711  5.069   1.00 15.50 ? 331 THR A CA  1 
ATOM   1077 C C   . THR A 1 153 ? 1.787   -6.548  5.342   1.00 14.08 ? 331 THR A C   1 
ATOM   1078 O O   . THR A 1 153 ? 2.989   -6.590  4.996   1.00 15.25 ? 331 THR A O   1 
ATOM   1079 C CB  . THR A 1 153 ? 1.249   -8.931  5.898   1.00 15.16 ? 331 THR A CB  1 
ATOM   1080 O OG1 . THR A 1 153 ? 0.389   -10.032 5.557   1.00 16.73 ? 331 THR A OG1 1 
ATOM   1081 C CG2 . THR A 1 153 ? 1.172   -8.641  7.409   1.00 16.64 ? 331 THR A CG2 1 
ATOM   1082 N N   . ILE A 1 154 ? 1.239   -5.494  5.943   1.00 14.21 ? 332 ILE A N   1 
ATOM   1083 C CA  . ILE A 1 154 ? 2.046   -4.333  6.323   1.00 13.84 ? 332 ILE A CA  1 
ATOM   1084 C C   . ILE A 1 154 ? 2.288   -4.366  7.823   1.00 14.40 ? 332 ILE A C   1 
ATOM   1085 O O   . ILE A 1 154 ? 1.352   -4.334  8.594   1.00 15.92 ? 332 ILE A O   1 
ATOM   1086 C CB  . ILE A 1 154 ? 1.322   -3.039  5.936   1.00 13.61 ? 332 ILE A CB  1 
ATOM   1087 C CG1 . ILE A 1 154 ? 0.979   -3.056  4.438   1.00 13.92 ? 332 ILE A CG1 1 
ATOM   1088 C CG2 . ILE A 1 154 ? 2.195   -1.816  6.317   1.00 13.37 ? 332 ILE A CG2 1 
ATOM   1089 C CD1 . ILE A 1 154 ? 0.131   -1.885  4.015   1.00 17.97 ? 332 ILE A CD1 1 
ATOM   1090 N N   . ILE A 1 155 ? 3.559   -4.464  8.226   1.00 13.60 ? 333 ILE A N   1 
ATOM   1091 C CA  . ILE A 1 155 ? 3.892   -4.644  9.637   1.00 15.48 ? 333 ILE A CA  1 
ATOM   1092 C C   . ILE A 1 155 ? 4.509   -3.390  10.248  1.00 16.41 ? 333 ILE A C   1 
ATOM   1093 O O   . ILE A 1 155 ? 5.452   -2.836  9.724   1.00 15.02 ? 333 ILE A O   1 
ATOM   1094 C CB  . ILE A 1 155 ? 4.861   -5.847  9.784   1.00 16.17 ? 333 ILE A CB  1 
ATOM   1095 C CG1 . ILE A 1 155 ? 4.160   -7.145  9.365   1.00 19.36 ? 333 ILE A CG1 1 
ATOM   1096 C CG2 . ILE A 1 155 ? 5.444   -5.956  11.208  1.00 18.56 ? 333 ILE A CG2 1 
ATOM   1097 C CD1 . ILE A 1 155 ? 5.127   -8.308  9.068   1.00 25.27 ? 333 ILE A CD1 1 
ATOM   1098 N N   . ASP A 1 156 ? 3.953   -2.942  11.361  1.00 16.82 ? 334 ASP A N   1 
ATOM   1099 C CA  . ASP A 1 156 ? 4.471   -1.759  12.052  1.00 17.05 ? 334 ASP A CA  1 
ATOM   1100 C C   . ASP A 1 156 ? 4.536   -0.489  11.206  1.00 16.74 ? 334 ASP A C   1 
ATOM   1101 O O   . ASP A 1 156 ? 5.622   0.064   10.984  1.00 16.08 ? 334 ASP A O   1 
ATOM   1102 C CB  . ASP A 1 156 ? 5.841   -2.067  12.649  1.00 18.28 ? 334 ASP A CB  1 
ATOM   1103 C CG  . ASP A 1 156 ? 5.771   -3.053  13.805  1.00 19.90 ? 334 ASP A CG  1 
ATOM   1104 O OD1 . ASP A 1 156 ? 4.670   -3.409  14.243  1.00 20.63 ? 334 ASP A OD1 1 
ATOM   1105 O OD2 . ASP A 1 156 ? 6.842   -3.475  14.265  1.00 22.81 ? 334 ASP A OD2 1 
ATOM   1106 N N   . GLY A 1 157 ? 3.381   -0.031  10.743  1.00 16.21 ? 335 GLY A N   1 
ATOM   1107 C CA  . GLY A 1 157 ? 3.297   1.277   10.039  1.00 16.19 ? 335 GLY A CA  1 
ATOM   1108 C C   . GLY A 1 157 ? 3.755   2.393   10.964  1.00 16.29 ? 335 GLY A C   1 
ATOM   1109 O O   . GLY A 1 157 ? 3.571   2.313   12.188  1.00 15.65 ? 335 GLY A O   1 
ATOM   1110 N N   . VAL A 1 158 ? 4.297   3.457   10.388  1.00 16.53 ? 336 VAL A N   1 
ATOM   1111 C CA  . VAL A 1 158 ? 4.887   4.531   11.215  1.00 17.00 ? 336 VAL A CA  1 
ATOM   1112 C C   . VAL A 1 158 ? 3.930   5.712   11.440  1.00 17.97 ? 336 VAL A C   1 
ATOM   1113 O O   . VAL A 1 158 ? 4.317   6.761   11.937  1.00 19.13 ? 336 VAL A O   1 
ATOM   1114 C CB  . VAL A 1 158 ? 6.223   5.038   10.624  1.00 16.69 ? 336 VAL A CB  1 
ATOM   1115 C CG1 . VAL A 1 158 ? 7.189   3.861   10.415  1.00 18.52 ? 336 VAL A CG1 1 
ATOM   1116 C CG2 . VAL A 1 158 ? 6.003   5.786   9.320   1.00 16.90 ? 336 VAL A CG2 1 
ATOM   1117 N N   . GLY A 1 159 ? 2.667   5.533   11.075  1.00 17.67 ? 337 GLY A N   1 
ATOM   1118 C CA  . GLY A 1 159 ? 1.655   6.569   11.274  1.00 18.55 ? 337 GLY A CA  1 
ATOM   1119 C C   . GLY A 1 159 ? 1.509   7.070   12.700  1.00 17.78 ? 337 GLY A C   1 
ATOM   1120 O O   . GLY A 1 159 ? 1.674   6.309   13.641  1.00 17.91 ? 337 GLY A O   1 
ATOM   1121 N N   . GLU A 1 160 ? 1.178   8.351   12.849  1.00 18.68 ? 338 GLU A N   1 
ATOM   1122 C CA  . GLU A 1 160 ? 0.984   8.934   14.164  1.00 19.79 ? 338 GLU A CA  1 
ATOM   1123 C C   . GLU A 1 160 ? -0.179  8.252   14.890  1.00 18.48 ? 338 GLU A C   1 
ATOM   1124 O O   . GLU A 1 160 ? -1.234  8.021   14.298  1.00 17.58 ? 338 GLU A O   1 
ATOM   1125 C CB  . GLU A 1 160 ? 0.762   10.426  14.045  1.00 19.57 ? 338 GLU A CB  1 
ATOM   1126 C CG  . GLU A 1 160 ? 0.999   11.183  15.333  1.00 25.33 ? 338 GLU A CG  1 
ATOM   1127 C CD  . GLU A 1 160 ? -0.244  11.355  16.143  1.00 28.47 ? 338 GLU A CD  1 
ATOM   1128 O OE1 . GLU A 1 160 ? -1.310  11.688  15.562  1.00 32.15 ? 338 GLU A OE1 1 
ATOM   1129 O OE2 . GLU A 1 160 ? -0.150  11.165  17.371  1.00 30.20 ? 338 GLU A OE2 1 
ATOM   1130 N N   . GLU A 1 161 ? 0.044   7.898   16.146  1.00 19.03 ? 339 GLU A N   1 
ATOM   1131 C CA  . GLU A 1 161 ? -0.925  7.078   16.891  1.00 19.02 ? 339 GLU A CA  1 
ATOM   1132 C C   . GLU A 1 161 ? -2.288  7.761   17.003  1.00 18.51 ? 339 GLU A C   1 
ATOM   1133 O O   . GLU A 1 161 ? -3.331  7.105   16.886  1.00 18.14 ? 339 GLU A O   1 
ATOM   1134 C CB  . GLU A 1 161 ? -0.386  6.730   18.278  1.00 19.99 ? 339 GLU A CB  1 
ATOM   1135 C CG  . GLU A 1 161 ? 0.637   5.641   18.275  1.00 23.14 ? 339 GLU A CG  1 
ATOM   1136 C CD  . GLU A 1 161 ? 2.044   6.161   18.318  1.00 28.31 ? 339 GLU A CD  1 
ATOM   1137 O OE1 . GLU A 1 161 ? 2.283   7.308   17.874  1.00 30.55 ? 339 GLU A OE1 1 
ATOM   1138 O OE2 . GLU A 1 161 ? 2.915   5.407   18.807  1.00 34.18 ? 339 GLU A OE2 1 
ATOM   1139 N N   . GLY A 1 162 ? -2.285  9.069   17.259  1.00 17.87 ? 340 GLY A N   1 
ATOM   1140 C CA  . GLY A 1 162 ? -3.542  9.811   17.358  1.00 16.40 ? 340 GLY A CA  1 
ATOM   1141 C C   . GLY A 1 162 ? -4.341  9.751   16.068  1.00 16.61 ? 340 GLY A C   1 
ATOM   1142 O O   . GLY A 1 162 ? -5.577  9.596   16.116  1.00 16.76 ? 340 GLY A O   1 
ATOM   1143 N N   . ALA A 1 163 ? -3.648  9.878   14.932  1.00 16.16 ? 341 ALA A N   1 
ATOM   1144 C CA  . ALA A 1 163 ? -4.299  9.799   13.625  1.00 16.55 ? 341 ALA A CA  1 
ATOM   1145 C C   . ALA A 1 163 ? -4.901  8.409   13.357  1.00 15.59 ? 341 ALA A C   1 
ATOM   1146 O O   . ALA A 1 163 ? -6.023  8.280   12.896  1.00 15.65 ? 341 ALA A O   1 
ATOM   1147 C CB  . ALA A 1 163 ? -3.325  10.183  12.534  1.00 17.16 ? 341 ALA A CB  1 
ATOM   1148 N N   . ILE A 1 164 ? -4.143  7.357   13.657  1.00 14.12 ? 342 ILE A N   1 
ATOM   1149 C CA  . ILE A 1 164 ? -4.655  6.007   13.531  1.00 14.45 ? 342 ILE A CA  1 
ATOM   1150 C C   . ILE A 1 164 ? -5.876  5.735   14.452  1.00 14.48 ? 342 ILE A C   1 
ATOM   1151 O O   . ILE A 1 164 ? -6.930  5.232   13.993  1.00 15.28 ? 342 ILE A O   1 
ATOM   1152 C CB  . ILE A 1 164 ? -3.543  4.989   13.840  1.00 14.64 ? 342 ILE A CB  1 
ATOM   1153 C CG1 . ILE A 1 164 ? -2.444  5.065   12.768  1.00 14.00 ? 342 ILE A CG1 1 
ATOM   1154 C CG2 . ILE A 1 164 ? -4.106  3.592   13.889  1.00 15.71 ? 342 ILE A CG2 1 
ATOM   1155 C CD1 . ILE A 1 164 ? -1.140  4.300   13.118  1.00 18.16 ? 342 ILE A CD1 1 
ATOM   1156 N N   . ALA A 1 165 ? -5.785  6.129   15.713  1.00 15.73 ? 343 ALA A N   1 
ATOM   1157 C CA  . ALA A 1 165 ? -6.895  5.989   16.657  1.00 14.87 ? 343 ALA A CA  1 
ATOM   1158 C C   . ALA A 1 165 ? -8.149  6.749   16.213  1.00 16.57 ? 343 ALA A C   1 
ATOM   1159 O O   . ALA A 1 165 ? -9.261  6.213   16.308  1.00 15.77 ? 343 ALA A O   1 
ATOM   1160 C CB  . ALA A 1 165 ? -6.441  6.435   18.052  1.00 16.59 ? 343 ALA A CB  1 
ATOM   1161 N N   . ALA A 1 166 ? -7.962  7.971   15.712  1.00 16.22 ? 344 ALA A N   1 
ATOM   1162 C CA  . ALA A 1 166 ? -9.077  8.795   15.246  1.00 17.09 ? 344 ALA A CA  1 
ATOM   1163 C C   . ALA A 1 166 ? -9.743  8.119   14.056  1.00 17.53 ? 344 ALA A C   1 
ATOM   1164 O O   . ALA A 1 166 ? -10.950 8.146   13.939  1.00 18.95 ? 344 ALA A O   1 
ATOM   1165 C CB  . ALA A 1 166 ? -8.589  10.203  14.856  1.00 17.46 ? 344 ALA A CB  1 
ATOM   1166 N N   . ARG A 1 167 ? -8.939  7.537   13.174  1.00 16.28 ? 345 ARG A N   1 
ATOM   1167 C CA  . ARG A 1 167 ? -9.464  6.842   11.993  1.00 16.67 ? 345 ARG A CA  1 
ATOM   1168 C C   . ARG A 1 167 ? -10.322 5.636   12.440  1.00 16.38 ? 345 ARG A C   1 
ATOM   1169 O O   . ARG A 1 167 ? -11.444 5.420   11.982  1.00 16.38 ? 345 ARG A O   1 
ATOM   1170 C CB  . ARG A 1 167 ? -8.316  6.433   11.087  1.00 16.00 ? 345 ARG A CB  1 
ATOM   1171 C CG  . ARG A 1 167 ? -8.788  5.779   9.789   1.00 17.82 ? 345 ARG A CG  1 
ATOM   1172 C CD  . ARG A 1 167 ? -9.166  6.775   8.763   1.00 22.40 ? 345 ARG A CD  1 
ATOM   1173 N NE  . ARG A 1 167 ? -9.436  6.144   7.466   1.00 23.82 ? 345 ARG A NE  1 
ATOM   1174 C CZ  . ARG A 1 167 ? -10.078 6.754   6.484   1.00 19.71 ? 345 ARG A CZ  1 
ATOM   1175 N NH1 . ARG A 1 167 ? -10.454 8.011   6.623   1.00 20.15 ? 345 ARG A NH1 1 
ATOM   1176 N NH2 . ARG A 1 167 ? -10.265 6.136   5.347   1.00 15.91 ? 345 ARG A NH2 1 
ATOM   1177 N N   . VAL A 1 168 ? -9.797  4.852   13.362  1.00 17.22 ? 346 VAL A N   1 
ATOM   1178 C CA  . VAL A 1 168 ? -10.540 3.702   13.845  1.00 16.69 ? 346 VAL A CA  1 
ATOM   1179 C C   . VAL A 1 168 ? -11.849 4.118   14.512  1.00 16.34 ? 346 VAL A C   1 
ATOM   1180 O O   . VAL A 1 168 ? -12.904 3.514   14.304  1.00 16.71 ? 346 VAL A O   1 
ATOM   1181 C CB  . VAL A 1 168 ? -9.692  2.844   14.785  1.00 16.45 ? 346 VAL A CB  1 
ATOM   1182 C CG1 . VAL A 1 168 ? -10.525 1.847   15.516  1.00 16.66 ? 346 VAL A CG1 1 
ATOM   1183 C CG2 . VAL A 1 168 ? -8.600  2.148   14.003  1.00 17.04 ? 346 VAL A CG2 1 
ATOM   1184 N N   . THR A 1 169 ? -11.777 5.148   15.329  1.00 15.36 ? 347 THR A N   1 
ATOM   1185 C CA  . THR A 1 169 ? -12.964 5.616   16.029  1.00 17.52 ? 347 THR A CA  1 
ATOM   1186 C C   . THR A 1 169 ? -14.035 6.107   15.042  1.00 17.49 ? 347 THR A C   1 
ATOM   1187 O O   . THR A 1 169 ? -15.202 5.838   15.234  1.00 17.17 ? 347 THR A O   1 
ATOM   1188 C CB  . THR A 1 169 ? -12.571 6.679   17.084  1.00 17.48 ? 347 THR A CB  1 
ATOM   1189 O OG1 . THR A 1 169 ? -11.774 6.045   18.088  1.00 19.69 ? 347 THR A OG1 1 
ATOM   1190 C CG2 . THR A 1 169 ? -13.809 7.302   17.747  1.00 20.40 ? 347 THR A CG2 1 
ATOM   1191 N N   . GLN A 1 170 ? -13.613 6.791   13.989  1.00 18.14 ? 348 GLN A N   1 
ATOM   1192 C CA  . GLN A 1 170 ? -14.498 7.223   12.913  1.00 20.25 ? 348 GLN A CA  1 
ATOM   1193 C C   . GLN A 1 170 ? -15.182 6.030   12.206  1.00 18.70 ? 348 GLN A C   1 
ATOM   1194 O O   . GLN A 1 170 ? -16.397 6.028   11.982  1.00 18.90 ? 348 GLN A O   1 
ATOM   1195 C CB  . GLN A 1 170 ? -13.703 8.033   11.912  1.00 21.18 ? 348 GLN A CB  1 
ATOM   1196 C CG  . GLN A 1 170 ? -14.459 8.293   10.640  1.00 27.81 ? 348 GLN A CG  1 
ATOM   1197 C CD  . GLN A 1 170 ? -13.605 8.890   9.552   1.00 35.01 ? 348 GLN A CD  1 
ATOM   1198 O OE1 . GLN A 1 170 ? -14.005 8.908   8.382   1.00 38.30 ? 348 GLN A OE1 1 
ATOM   1199 N NE2 . GLN A 1 170 ? -12.416 9.380   9.919   1.00 37.77 ? 348 GLN A NE2 1 
ATOM   1200 N N   . ILE A 1 171 ? -14.401 5.015   11.861  1.00 17.02 ? 349 ILE A N   1 
ATOM   1201 C CA  . ILE A 1 171 ? -14.971 3.778   11.275  1.00 16.56 ? 349 ILE A CA  1 
ATOM   1202 C C   . ILE A 1 171 ? -15.960 3.134   12.236  1.00 17.60 ? 349 ILE A C   1 
ATOM   1203 O O   . ILE A 1 171 ? -17.020 2.699   11.822  1.00 16.89 ? 349 ILE A O   1 
ATOM   1204 C CB  . ILE A 1 171 ? -13.893 2.785   10.881  1.00 14.48 ? 349 ILE A CB  1 
ATOM   1205 C CG1 . ILE A 1 171 ? -12.965 3.421   9.833   1.00 14.35 ? 349 ILE A CG1 1 
ATOM   1206 C CG2 . ILE A 1 171 ? -14.526 1.494   10.349  1.00 17.47 ? 349 ILE A CG2 1 
ATOM   1207 C CD1 . ILE A 1 171 ? -11.673 2.628   9.646   1.00 16.86 ? 349 ILE A CD1 1 
ATOM   1208 N N   . ARG A 1 172 ? -15.633 3.110   13.519  1.00 16.91 ? 350 ARG A N   1 
ATOM   1209 C CA  . ARG A 1 172 ? -16.535 2.522   14.484  1.00 18.18 ? 350 ARG A CA  1 
ATOM   1210 C C   . ARG A 1 172 ? -17.848 3.272   14.598  1.00 17.43 ? 350 ARG A C   1 
ATOM   1211 O O   . ARG A 1 172 ? -18.887 2.644   14.764  1.00 18.99 ? 350 ARG A O   1 
ATOM   1212 C CB  . ARG A 1 172 ? -15.844 2.318   15.832  1.00 18.39 ? 350 ARG A CB  1 
ATOM   1213 C CG  . ARG A 1 172 ? -14.791 1.213   15.795  1.00 18.79 ? 350 ARG A CG  1 
ATOM   1214 C CD  . ARG A 1 172 ? -14.211 1.010   17.205  1.00 21.77 ? 350 ARG A CD  1 
ATOM   1215 N NE  . ARG A 1 172 ? -15.222 0.457   18.107  1.00 22.02 ? 350 ARG A NE  1 
ATOM   1216 C CZ  . ARG A 1 172 ? -15.115 0.413   19.428  1.00 25.40 ? 350 ARG A CZ  1 
ATOM   1217 N NH1 . ARG A 1 172 ? -14.026 0.887   20.043  1.00 25.76 ? 350 ARG A NH1 1 
ATOM   1218 N NH2 . ARG A 1 172 ? -16.105 -0.097  20.134  1.00 26.04 ? 350 ARG A NH2 1 
ATOM   1219 N N   . GLN A 1 173 ? -17.831 4.589   14.398  1.00 17.70 ? 351 GLN A N   1 
ATOM   1220 C CA  . GLN A 1 173 ? -19.081 5.351   14.379  1.00 18.64 ? 351 GLN A CA  1 
ATOM   1221 C C   . GLN A 1 173 ? -19.881 5.060   13.124  1.00 18.54 ? 351 GLN A C   1 
ATOM   1222 O O   . GLN A 1 173 ? -21.102 5.033   13.174  1.00 19.64 ? 351 GLN A O   1 
ATOM   1223 C CB  . GLN A 1 173 ? -18.860 6.855   14.564  1.00 19.41 ? 351 GLN A CB  1 
ATOM   1224 C CG  . GLN A 1 173 ? -20.157 7.694   14.713  1.00 20.30 ? 351 GLN A CG  1 
ATOM   1225 C CD  . GLN A 1 173 ? -21.116 7.282   15.876  1.00 25.19 ? 351 GLN A CD  1 
ATOM   1226 O OE1 . GLN A 1 173 ? -20.781 6.476   16.744  1.00 28.39 ? 351 GLN A OE1 1 
ATOM   1227 N NE2 . GLN A 1 173 ? -22.302 7.868   15.881  1.00 25.58 ? 351 GLN A NE2 1 
ATOM   1228 N N   . GLN A 1 174 ? -19.188 4.775   12.021  1.00 17.80 ? 352 GLN A N   1 
ATOM   1229 C CA  . GLN A 1 174 ? -19.855 4.402   10.776  1.00 17.73 ? 352 GLN A CA  1 
ATOM   1230 C C   . GLN A 1 174 ? -20.652 3.120   10.951  1.00 18.09 ? 352 GLN A C   1 
ATOM   1231 O O   . GLN A 1 174 ? -21.720 2.960   10.379  1.00 18.15 ? 352 GLN A O   1 
ATOM   1232 C CB  . GLN A 1 174 ? -18.883 4.283   9.605   1.00 17.84 ? 352 GLN A CB  1 
ATOM   1233 C CG  . GLN A 1 174 ? -18.371 5.621   9.103   1.00 20.74 ? 352 GLN A CG  1 
ATOM   1234 C CD  . GLN A 1 174 ? -17.324 5.457   8.033   1.00 23.30 ? 352 GLN A CD  1 
ATOM   1235 O OE1 . GLN A 1 174 ? -16.152 5.761   8.237   1.00 30.53 ? 352 GLN A OE1 1 
ATOM   1236 N NE2 . GLN A 1 174 ? -17.735 4.929   6.896   1.00 24.92 ? 352 GLN A NE2 1 
ATOM   1237 N N   . ILE A 1 175 ? -20.142 2.220   11.778  1.00 16.83 ? 353 ILE A N   1 
ATOM   1238 C CA  . ILE A 1 175 ? -20.848 0.975   12.089  1.00 17.99 ? 353 ILE A CA  1 
ATOM   1239 C C   . ILE A 1 175 ? -22.177 1.303   12.767  1.00 19.39 ? 353 ILE A C   1 
ATOM   1240 O O   . ILE A 1 175 ? -23.205 0.687   12.473  1.00 19.89 ? 353 ILE A O   1 
ATOM   1241 C CB  . ILE A 1 175 ? -19.996 0.055   12.971  1.00 17.18 ? 353 ILE A CB  1 
ATOM   1242 C CG1 . ILE A 1 175 ? -18.846 -0.541  12.162  1.00 17.83 ? 353 ILE A CG1 1 
ATOM   1243 C CG2 . ILE A 1 175 ? -20.844 -1.103  13.528  1.00 19.92 ? 353 ILE A CG2 1 
ATOM   1244 C CD1 . ILE A 1 175 ? -17.680 -1.004  13.012  1.00 19.68 ? 353 ILE A CD1 1 
ATOM   1245 N N   . GLU A 1 176 ? -22.160 2.313   13.624  1.00 19.39 ? 354 GLU A N   1 
ATOM   1246 C CA  . GLU A 1 176 ? -23.358 2.711   14.349  1.00 20.96 ? 354 GLU A CA  1 
ATOM   1247 C C   . GLU A 1 176 ? -24.417 3.357   13.452  1.00 21.65 ? 354 GLU A C   1 
ATOM   1248 O O   . GLU A 1 176 ? -25.608 3.424   13.815  1.00 22.33 ? 354 GLU A O   1 
ATOM   1249 C CB  . GLU A 1 176 ? -23.018 3.611   15.527  1.00 21.42 ? 354 GLU A CB  1 
ATOM   1250 C CG  . GLU A 1 176 ? -22.135 2.945   16.572  1.00 23.67 ? 354 GLU A CG  1 
ATOM   1251 C CD  . GLU A 1 176 ? -22.733 1.664   17.138  1.00 28.77 ? 354 GLU A CD  1 
ATOM   1252 O OE1 . GLU A 1 176 ? -23.833 1.755   17.711  1.00 27.71 ? 354 GLU A OE1 1 
ATOM   1253 O OE2 . GLU A 1 176 ? -22.115 0.568   17.010  1.00 31.23 ? 354 GLU A OE2 1 
ATOM   1254 N N   . GLU A 1 177 ? -23.978 3.805   12.286  1.00 20.69 ? 355 GLU A N   1 
ATOM   1255 C CA  . GLU A 1 177 ? -24.859 4.466   11.321  1.00 21.65 ? 355 GLU A CA  1 
ATOM   1256 C C   . GLU A 1 177 ? -25.453 3.470   10.344  1.00 22.50 ? 355 GLU A C   1 
ATOM   1257 O O   . GLU A 1 177 ? -26.156 3.867   9.433   1.00 24.73 ? 355 GLU A O   1 
ATOM   1258 C CB  . GLU A 1 177 ? -24.077 5.529   10.538  1.00 21.95 ? 355 GLU A CB  1 
ATOM   1259 C CG  . GLU A 1 177 ? -23.554 6.689   11.390  1.00 18.17 ? 355 GLU A CG  1 
ATOM   1260 C CD  . GLU A 1 177 ? -22.529 7.491   10.658  1.00 20.58 ? 355 GLU A CD  1 
ATOM   1261 O OE1 . GLU A 1 177 ? -22.306 7.172   9.490   1.00 23.16 ? 355 GLU A OE1 1 
ATOM   1262 O OE2 . GLU A 1 177 ? -21.932 8.419   11.252  1.00 19.88 ? 355 GLU A OE2 1 
ATOM   1263 N N   . SER A 1 178 ? -25.168 2.183   10.535  1.00 22.05 ? 356 SER A N   1 
ATOM   1264 C CA  . SER A 1 178 ? -25.624 1.161   9.596   1.00 22.24 ? 356 SER A CA  1 
ATOM   1265 C C   . SER A 1 178 ? -26.489 0.110   10.250  1.00 22.32 ? 356 SER A C   1 
ATOM   1266 O O   . SER A 1 178 ? -26.263 -0.234  11.404  1.00 23.06 ? 356 SER A O   1 
ATOM   1267 C CB  . SER A 1 178 ? -24.437 0.453   8.959   1.00 22.25 ? 356 SER A CB  1 
ATOM   1268 O OG  . SER A 1 178 ? -24.894 -0.542  8.071   1.00 21.86 ? 356 SER A OG  1 
ATOM   1269 N N   . THR A 1 179 ? -27.469 -0.405  9.500   1.00 23.39 ? 357 THR A N   1 
ATOM   1270 C CA  . THR A 1 179 ? -28.278 -1.533  9.988   1.00 24.37 ? 357 THR A CA  1 
ATOM   1271 C C   . THR A 1 179 ? -28.113 -2.757  9.086   1.00 24.24 ? 357 THR A C   1 
ATOM   1272 O O   . THR A 1 179 ? -28.942 -3.696  9.095   1.00 25.14 ? 357 THR A O   1 
ATOM   1273 C CB  . THR A 1 179 ? -29.743 -1.149  10.132  1.00 24.78 ? 357 THR A CB  1 
ATOM   1274 O OG1 . THR A 1 179 ? -30.247 -0.736  8.859   1.00 25.87 ? 357 THR A OG1 1 
ATOM   1275 C CG2 . THR A 1 179 ? -29.881 0.004   11.149  1.00 25.75 ? 357 THR A CG2 1 
ATOM   1276 N N   . SER A 1 180 ? -27.021 -2.749  8.334   1.00 23.79 ? 358 SER A N   1 
ATOM   1277 C CA  . SER A 1 180 ? -26.659 -3.846  7.432   1.00 23.60 ? 358 SER A CA  1 
ATOM   1278 C C   . SER A 1 180 ? -25.604 -4.749  8.034   1.00 23.83 ? 358 SER A C   1 
ATOM   1279 O O   . SER A 1 180 ? -24.512 -4.297  8.308   1.00 24.17 ? 358 SER A O   1 
ATOM   1280 C CB  . SER A 1 180 ? -26.164 -3.310  6.077   1.00 22.93 ? 358 SER A CB  1 
ATOM   1281 O OG  . SER A 1 180 ? -25.581 -4.340  5.302   1.00 22.49 ? 358 SER A OG  1 
ATOM   1282 N N   . ASP A 1 181 ? -25.936 -6.024  8.220   1.00 24.52 ? 359 ASP A N   1 
ATOM   1283 C CA  . ASP A 1 181 ? -24.962 -6.997  8.682   1.00 25.62 ? 359 ASP A CA  1 
ATOM   1284 C C   . ASP A 1 181 ? -23.756 -7.038  7.759   1.00 25.79 ? 359 ASP A C   1 
ATOM   1285 O O   . ASP A 1 181 ? -22.607 -7.019  8.239   1.00 25.98 ? 359 ASP A O   1 
ATOM   1286 C CB  . ASP A 1 181 ? -25.592 -8.397  8.774   1.00 26.44 ? 359 ASP A CB  1 
ATOM   1287 C CG  . ASP A 1 181 ? -26.557 -8.527  9.933   1.00 29.19 ? 359 ASP A CG  1 
ATOM   1288 O OD1 . ASP A 1 181 ? -26.553 -7.655  10.836  1.00 31.36 ? 359 ASP A OD1 1 
ATOM   1289 O OD2 . ASP A 1 181 ? -27.307 -9.518  9.952   1.00 33.63 ? 359 ASP A OD2 1 
ATOM   1290 N N   . TYR A 1 182 ? -24.006 -7.080  6.446   1.00 25.30 ? 360 TYR A N   1 
ATOM   1291 C CA  . TYR A 1 182 ? -22.899 -7.116  5.461   1.00 25.26 ? 360 TYR A CA  1 
ATOM   1292 C C   . TYR A 1 182 ? -21.975 -5.902  5.601   1.00 24.29 ? 360 TYR A C   1 
ATOM   1293 O O   . TYR A 1 182 ? -20.765 -6.070  5.729   1.00 24.02 ? 360 TYR A O   1 
ATOM   1294 C CB  . TYR A 1 182 ? -23.391 -7.209  4.019   1.00 25.69 ? 360 TYR A CB  1 
ATOM   1295 C CG  . TYR A 1 182 ? -23.803 -8.581  3.518   1.00 30.26 ? 360 TYR A CG  1 
ATOM   1296 C CD1 . TYR A 1 182 ? -22.855 -9.566  3.250   1.00 33.35 ? 360 TYR A CD1 1 
ATOM   1297 C CD2 . TYR A 1 182 ? -25.147 -8.865  3.236   1.00 33.09 ? 360 TYR A CD2 1 
ATOM   1298 C CE1 . TYR A 1 182 ? -23.238 -10.817 2.767   1.00 35.86 ? 360 TYR A CE1 1 
ATOM   1299 C CE2 . TYR A 1 182 ? -25.535 -10.114 2.753   1.00 35.62 ? 360 TYR A CE2 1 
ATOM   1300 C CZ  . TYR A 1 182 ? -24.577 -11.071 2.512   1.00 36.96 ? 360 TYR A CZ  1 
ATOM   1301 O OH  . TYR A 1 182 ? -24.965 -12.292 2.031   1.00 40.08 ? 360 TYR A OH  1 
ATOM   1302 N N   . ASP A 1 183 ? -22.557 -4.704  5.598   1.00 21.93 ? 361 ASP A N   1 
ATOM   1303 C CA  . ASP A 1 183 ? -21.789 -3.465  5.659   1.00 19.69 ? 361 ASP A CA  1 
ATOM   1304 C C   . ASP A 1 183 ? -21.058 -3.307  6.974   1.00 20.45 ? 361 ASP A C   1 
ATOM   1305 O O   . ASP A 1 183 ? -19.915 -2.861  6.997   1.00 18.94 ? 361 ASP A O   1 
ATOM   1306 C CB  . ASP A 1 183 ? -22.681 -2.231  5.436   1.00 20.04 ? 361 ASP A CB  1 
ATOM   1307 C CG  . ASP A 1 183 ? -23.302 -2.173  4.049   1.00 21.77 ? 361 ASP A CG  1 
ATOM   1308 O OD1 . ASP A 1 183 ? -22.851 -2.876  3.135   1.00 23.84 ? 361 ASP A OD1 1 
ATOM   1309 O OD2 . ASP A 1 183 ? -24.255 -1.387  3.860   1.00 23.28 ? 361 ASP A OD2 1 
ATOM   1310 N N   . ARG A 1 184 ? -21.719 -3.677  8.070   1.00 20.03 ? 362 ARG A N   1 
ATOM   1311 C CA  . ARG A 1 184 ? -21.076 -3.632  9.383   1.00 18.60 ? 362 ARG A CA  1 
ATOM   1312 C C   . ARG A 1 184 ? -19.844 -4.542  9.478   1.00 19.56 ? 362 ARG A C   1 
ATOM   1313 O O   . ARG A 1 184 ? -18.818 -4.129  9.984   1.00 18.75 ? 362 ARG A O   1 
ATOM   1314 C CB  . ARG A 1 184 ? -22.109 -3.922  10.482  1.00 18.57 ? 362 ARG A CB  1 
ATOM   1315 C CG  . ARG A 1 184 ? -23.113 -2.794  10.679  1.00 21.00 ? 362 ARG A CG  1 
ATOM   1316 C CD  . ARG A 1 184 ? -24.379 -3.252  11.392  1.00 23.81 ? 362 ARG A CD  1 
ATOM   1317 N NE  . ARG A 1 184 ? -24.162 -3.627  12.789  1.00 27.82 ? 362 ARG A NE  1 
ATOM   1318 C CZ  . ARG A 1 184 ? -24.282 -2.817  13.845  1.00 31.35 ? 362 ARG A CZ  1 
ATOM   1319 N NH1 . ARG A 1 184 ? -24.608 -1.529  13.711  1.00 30.46 ? 362 ARG A NH1 1 
ATOM   1320 N NH2 . ARG A 1 184 ? -24.044 -3.296  15.063  1.00 33.21 ? 362 ARG A NH2 1 
ATOM   1321 N N   . GLU A 1 185 ? -19.947 -5.745  8.937   1.00 20.34 ? 363 GLU A N   1 
ATOM   1322 C CA  . GLU A 1 185 ? -18.851 -6.718  8.945   1.00 21.82 ? 363 GLU A CA  1 
ATOM   1323 C C   . GLU A 1 185 ? -17.679 -6.143  8.151   1.00 20.12 ? 363 GLU A C   1 
ATOM   1324 O O   . GLU A 1 185 ? -16.507 -6.266  8.576   1.00 20.97 ? 363 GLU A O   1 
ATOM   1325 C CB  . GLU A 1 185 ? -19.349 -8.047  8.345   1.00 23.61 ? 363 GLU A CB  1 
ATOM   1326 C CG  . GLU A 1 185 ? -18.274 -9.138  8.166   1.00 30.13 ? 363 GLU A CG  1 
ATOM   1327 C CD  . GLU A 1 185 ? -18.817 -10.435 7.532   1.00 37.91 ? 363 GLU A CD  1 
ATOM   1328 O OE1 . GLU A 1 185 ? -18.054 -11.431 7.462   1.00 42.89 ? 363 GLU A OE1 1 
ATOM   1329 O OE2 . GLU A 1 185 ? -19.996 -10.467 7.098   1.00 42.47 ? 363 GLU A OE2 1 
ATOM   1330 N N   . LYS A 1 186 ? -17.982 -5.501  7.022   1.00 18.45 ? 364 LYS A N   1 
ATOM   1331 C CA  . LYS A 1 186 ? -16.932 -4.906  6.198   1.00 18.07 ? 364 LYS A CA  1 
ATOM   1332 C C   . LYS A 1 186 ? -16.230 -3.738  6.907   1.00 16.52 ? 364 LYS A C   1 
ATOM   1333 O O   . LYS A 1 186 ? -14.995 -3.562  6.780   1.00 18.05 ? 364 LYS A O   1 
ATOM   1334 C CB  . LYS A 1 186 ? -17.490 -4.501  4.830   1.00 18.13 ? 364 LYS A CB  1 
ATOM   1335 C CG  . LYS A 1 186 ? -17.565 -5.687  3.887   1.00 21.48 ? 364 LYS A CG  1 
ATOM   1336 C CD  . LYS A 1 186 ? -18.517 -5.430  2.747   1.00 26.46 ? 364 LYS A CD  1 
ATOM   1337 C CE  . LYS A 1 186 ? -17.819 -4.694  1.610   1.00 29.49 ? 364 LYS A CE  1 
ATOM   1338 N NZ  . LYS A 1 186 ? -18.709 -4.355  0.479   1.00 31.11 ? 364 LYS A NZ  1 
ATOM   1339 N N   . LEU A 1 187 ? -16.987 -2.958  7.668   1.00 16.14 ? 365 LEU A N   1 
ATOM   1340 C CA  . LEU A 1 187 ? -16.401 -1.851  8.415   1.00 16.25 ? 365 LEU A CA  1 
ATOM   1341 C C   . LEU A 1 187 ? -15.546 -2.414  9.558   1.00 16.63 ? 365 LEU A C   1 
ATOM   1342 O O   . LEU A 1 187 ? -14.405 -1.953  9.841   1.00 16.21 ? 365 LEU A O   1 
ATOM   1343 C CB  . LEU A 1 187 ? -17.512 -0.949  8.953   1.00 15.72 ? 365 LEU A CB  1 
ATOM   1344 C CG  . LEU A 1 187 ? -18.184 -0.037  7.920   1.00 16.63 ? 365 LEU A CG  1 
ATOM   1345 C CD1 . LEU A 1 187 ? -19.516 0.422   8.433   1.00 15.43 ? 365 LEU A CD1 1 
ATOM   1346 C CD2 . LEU A 1 187 ? -17.295 1.162   7.634   1.00 14.74 ? 365 LEU A CD2 1 
ATOM   1347 N N   . GLN A 1 188 ? -16.075 -3.435  10.213  1.00 16.95 ? 366 GLN A N   1 
ATOM   1348 C CA  . GLN A 1 188 ? -15.304 -4.090  11.309  1.00 17.88 ? 366 GLN A CA  1 
ATOM   1349 C C   . GLN A 1 188 ? -13.976 -4.656  10.817  1.00 17.00 ? 366 GLN A C   1 
ATOM   1350 O O   . GLN A 1 188 ? -12.948 -4.612  11.515  1.00 16.79 ? 366 GLN A O   1 
ATOM   1351 C CB  . GLN A 1 188 ? -16.122 -5.199  11.954  1.00 20.20 ? 366 GLN A CB  1 
ATOM   1352 C CG  . GLN A 1 188 ? -17.247 -4.705  12.851  1.00 24.04 ? 366 GLN A CG  1 
ATOM   1353 C CD  . GLN A 1 188 ? -16.766 -4.246  14.228  1.00 32.34 ? 366 GLN A CD  1 
ATOM   1354 O OE1 . GLN A 1 188 ? -15.566 -4.043  14.458  1.00 34.82 ? 366 GLN A OE1 1 
ATOM   1355 N NE2 . GLN A 1 188 ? -17.713 -4.065  15.152  1.00 35.46 ? 366 GLN A NE2 1 
ATOM   1356 N N   . GLU A 1 189 ? -13.998 -5.204  9.612   1.00 16.56 ? 367 GLU A N   1 
ATOM   1357 C CA  . GLU A 1 189 ? -12.774 -5.679  8.952   1.00 17.24 ? 367 GLU A CA  1 
ATOM   1358 C C   . GLU A 1 189 ? -11.749 -4.554  8.773   1.00 17.38 ? 367 GLU A C   1 
ATOM   1359 O O   . GLU A 1 189 ? -10.578 -4.725  9.014   1.00 16.95 ? 367 GLU A O   1 
ATOM   1360 C CB  . GLU A 1 189 ? -13.046 -6.331  7.598   1.00 18.32 ? 367 GLU A CB  1 
ATOM   1361 C CG  . GLU A 1 189 ? -13.753 -7.644  7.679   1.00 24.19 ? 367 GLU A CG  1 
ATOM   1362 C CD  . GLU A 1 189 ? -14.002 -8.290  6.317   1.00 30.18 ? 367 GLU A CD  1 
ATOM   1363 O OE1 . GLU A 1 189 ? -14.954 -9.107  6.210   1.00 35.25 ? 367 GLU A OE1 1 
ATOM   1364 O OE2 . GLU A 1 189 ? -13.254 -7.986  5.357   1.00 32.87 ? 367 GLU A OE2 1 
ATOM   1365 N N   . ARG A 1 190 ? -12.211 -3.385  8.372   1.00 15.06 ? 368 ARG A N   1 
ATOM   1366 C CA  . ARG A 1 190 ? -11.275 -2.256  8.272   1.00 15.44 ? 368 ARG A CA  1 
ATOM   1367 C C   . ARG A 1 190 ? -10.666 -1.907  9.623   1.00 15.79 ? 368 ARG A C   1 
ATOM   1368 O O   . ARG A 1 190 ? -9.472  -1.578  9.712   1.00 14.92 ? 368 ARG A O   1 
ATOM   1369 C CB  . ARG A 1 190 ? -11.992 -1.073  7.670   1.00 15.22 ? 368 ARG A CB  1 
ATOM   1370 C CG  . ARG A 1 190 ? -12.216 -1.233  6.170   1.00 15.47 ? 368 ARG A CG  1 
ATOM   1371 C CD  . ARG A 1 190 ? -12.950 -0.048  5.617   1.00 15.99 ? 368 ARG A CD  1 
ATOM   1372 N NE  . ARG A 1 190 ? -12.304 1.238   5.888   1.00 17.00 ? 368 ARG A NE  1 
ATOM   1373 C CZ  . ARG A 1 190 ? -12.919 2.419   6.000   1.00 15.96 ? 368 ARG A CZ  1 
ATOM   1374 N NH1 . ARG A 1 190 ? -14.243 2.555   5.795   1.00 20.34 ? 368 ARG A NH1 1 
ATOM   1375 N NH2 . ARG A 1 190 ? -12.212 3.508   6.259   1.00 17.97 ? 368 ARG A NH2 1 
ATOM   1376 N N   . VAL A 1 191 ? -11.493 -1.976  10.675  1.00 15.00 ? 369 VAL A N   1 
ATOM   1377 C CA  . VAL A 1 191 ? -11.008 -1.697  12.018  1.00 16.03 ? 369 VAL A CA  1 
ATOM   1378 C C   . VAL A 1 191 ? -9.921  -2.703  12.424  1.00 15.52 ? 369 VAL A C   1 
ATOM   1379 O O   . VAL A 1 191 ? -8.880  -2.314  12.951  1.00 16.20 ? 369 VAL A O   1 
ATOM   1380 C CB  . VAL A 1 191 ? -12.148 -1.687  13.057  1.00 16.60 ? 369 VAL A CB  1 
ATOM   1381 C CG1 . VAL A 1 191 ? -11.555 -1.618  14.461  1.00 16.70 ? 369 VAL A CG1 1 
ATOM   1382 C CG2 . VAL A 1 191 ? -13.088 -0.518  12.807  1.00 17.96 ? 369 VAL A CG2 1 
ATOM   1383 N N   . ALA A 1 192 ? -10.199 -3.979  12.191  1.00 16.40 ? 370 ALA A N   1 
ATOM   1384 C CA  . ALA A 1 192 ? -9.287  -5.079  12.549  1.00 16.21 ? 370 ALA A CA  1 
ATOM   1385 C C   . ALA A 1 192 ? -7.971  -4.976  11.805  1.00 16.20 ? 370 ALA A C   1 
ATOM   1386 O O   . ALA A 1 192 ? -6.901  -5.222  12.390  1.00 16.44 ? 370 ALA A O   1 
ATOM   1387 C CB  . ALA A 1 192 ? -9.903  -6.404  12.287  1.00 16.95 ? 370 ALA A CB  1 
ATOM   1388 N N   . LYS A 1 193 ? -8.055  -4.576  10.534  1.00 16.03 ? 371 LYS A N   1 
ATOM   1389 C CA  . LYS A 1 193 ? -6.845  -4.374  9.726   1.00 15.35 ? 371 LYS A CA  1 
ATOM   1390 C C   . LYS A 1 193 ? -5.956  -3.245  10.234  1.00 15.05 ? 371 LYS A C   1 
ATOM   1391 O O   . LYS A 1 193 ? -4.743  -3.376  10.320  1.00 16.09 ? 371 LYS A O   1 
ATOM   1392 C CB  . LYS A 1 193 ? -7.177  -4.195  8.235   1.00 15.11 ? 371 LYS A CB  1 
ATOM   1393 C CG  . LYS A 1 193 ? -7.665  -5.465  7.563   1.00 18.43 ? 371 LYS A CG  1 
ATOM   1394 C CD  . LYS A 1 193 ? -8.228  -5.210  6.184   1.00 25.08 ? 371 LYS A CD  1 
ATOM   1395 C CE  . LYS A 1 193 ? -8.632  -6.500  5.529   1.00 24.45 ? 371 LYS A CE  1 
ATOM   1396 N NZ  . LYS A 1 193 ? -9.272  -6.203  4.193   1.00 31.01 ? 371 LYS A NZ  1 
ATOM   1397 N N   . LEU A 1 194 ? -6.560  -2.113  10.539  1.00 14.91 ? 372 LEU A N   1 
ATOM   1398 C CA  . LEU A 1 194 ? -5.822  -0.983  11.117  1.00 15.85 ? 372 LEU A CA  1 
ATOM   1399 C C   . LEU A 1 194 ? -5.172  -1.341  12.442  1.00 16.21 ? 372 LEU A C   1 
ATOM   1400 O O   . LEU A 1 194 ? -3.993  -1.069  12.645  1.00 16.30 ? 372 LEU A O   1 
ATOM   1401 C CB  . LEU A 1 194 ? -6.715  0.230   11.331  1.00 16.34 ? 372 LEU A CB  1 
ATOM   1402 C CG  . LEU A 1 194 ? -6.878  1.100   10.090  1.00 17.97 ? 372 LEU A CG  1 
ATOM   1403 C CD1 . LEU A 1 194 ? -8.132  1.978   10.171  1.00 18.84 ? 372 LEU A CD1 1 
ATOM   1404 C CD2 . LEU A 1 194 ? -5.674  1.952   9.882   1.00 17.31 ? 372 LEU A CD2 1 
ATOM   1405 N N   . ALA A 1 195 ? -5.924  -2.005  13.310  1.00 17.72 ? 373 ALA A N   1 
ATOM   1406 C CA  . ALA A 1 195 ? -5.393  -2.452  14.583  1.00 17.24 ? 373 ALA A CA  1 
ATOM   1407 C C   . ALA A 1 195 ? -4.218  -3.411  14.402  1.00 18.83 ? 373 ALA A C   1 
ATOM   1408 O O   . ALA A 1 195 ? -3.256  -3.343  15.147  1.00 18.39 ? 373 ALA A O   1 
ATOM   1409 C CB  . ALA A 1 195 ? -6.500  -3.095  15.419  1.00 18.68 ? 373 ALA A CB  1 
ATOM   1410 N N   . GLY A 1 196 ? -4.302  -4.303  13.411  1.00 19.08 ? 374 GLY A N   1 
ATOM   1411 C CA  . GLY A 1 196 ? -3.227  -5.241  13.151  1.00 18.85 ? 374 GLY A CA  1 
ATOM   1412 C C   . GLY A 1 196 ? -1.906  -4.600  12.781  1.00 17.63 ? 374 GLY A C   1 
ATOM   1413 O O   . GLY A 1 196 ? -0.853  -5.183  13.035  1.00 18.92 ? 374 GLY A O   1 
ATOM   1414 N N   . GLY A 1 197 ? -1.974  -3.414  12.184  1.00 16.42 ? 375 GLY A N   1 
ATOM   1415 C CA  . GLY A 1 197 ? -0.831  -2.740  11.624  1.00 16.36 ? 375 GLY A CA  1 
ATOM   1416 C C   . GLY A 1 197 ? -0.099  -1.851  12.598  1.00 15.64 ? 375 GLY A C   1 
ATOM   1417 O O   . GLY A 1 197 ? 0.963   -1.321  12.245  1.00 17.31 ? 375 GLY A O   1 
ATOM   1418 N N   . VAL A 1 198 ? -0.665  -1.632  13.794  1.00 16.73 ? 376 VAL A N   1 
ATOM   1419 C CA  . VAL A 1 198 ? -0.032  -0.710  14.749  1.00 17.86 ? 376 VAL A CA  1 
ATOM   1420 C C   . VAL A 1 198 ? 1.330   -1.196  15.242  1.00 17.89 ? 376 VAL A C   1 
ATOM   1421 O O   . VAL A 1 198 ? 1.608   -2.381  15.315  1.00 17.60 ? 376 VAL A O   1 
ATOM   1422 C CB  . VAL A 1 198 ? -0.961  -0.338  15.963  1.00 18.81 ? 376 VAL A CB  1 
ATOM   1423 C CG1 . VAL A 1 198 ? -2.267  0.252   15.462  1.00 20.66 ? 376 VAL A CG1 1 
ATOM   1424 C CG2 . VAL A 1 198 ? -1.160  -1.520  16.879  1.00 19.97 ? 376 VAL A CG2 1 
ATOM   1425 N N   . LYS A 1 199 ? 2.169   -0.239  15.601  1.00 19.11 ? 377 LYS A N   1 
ATOM   1426 C CA  . LYS A 1 199 ? 3.541   -0.496  16.030  1.00 21.71 ? 377 LYS A CA  1 
ATOM   1427 C C   . LYS A 1 199 ? 3.709   -0.378  17.558  1.00 23.18 ? 377 LYS A C   1 
ATOM   1428 O O   . LYS A 1 199 ? 3.477   0.679   18.136  1.00 24.76 ? 377 LYS A O   1 
ATOM   1429 C CB  . LYS A 1 199 ? 4.449   0.506   15.327  1.00 21.39 ? 377 LYS A CB  1 
ATOM   1430 C CG  . LYS A 1 199 ? 5.913   0.444   15.711  1.00 24.26 ? 377 LYS A CG  1 
ATOM   1431 C CD  . LYS A 1 199 ? 6.721   1.424   14.856  1.00 28.68 ? 377 LYS A CD  1 
ATOM   1432 C CE  . LYS A 1 199 ? 8.211   1.245   15.111  1.00 32.71 ? 377 LYS A CE  1 
ATOM   1433 N NZ  . LYS A 1 199 ? 8.496   1.445   16.551  1.00 33.88 ? 377 LYS A NZ  1 
ATOM   1434 N N   . LEU A 1 200 ? 4.124   -1.461  18.201  1.00 25.44 ? 378 LEU A N   1 
ATOM   1435 C CA  . LEU A 1 200 ? 4.278   -1.475  19.658  1.00 27.01 ? 378 LEU A CA  1 
ATOM   1436 C C   . LEU A 1 200 ? 5.671   -1.968  20.100  1.00 28.61 ? 378 LEU A C   1 
ATOM   1437 O O   . LEU A 1 200 ? 6.231   -2.878  19.471  1.00 30.21 ? 378 LEU A O   1 
ATOM   1438 C CB  . LEU A 1 200 ? 3.193   -2.355  20.277  1.00 27.30 ? 378 LEU A CB  1 
ATOM   1439 C CG  . LEU A 1 200 ? 1.727   -2.043  19.942  1.00 27.56 ? 378 LEU A CG  1 
ATOM   1440 C CD1 . LEU A 1 200 ? 0.807   -3.137  20.423  1.00 28.21 ? 378 LEU A CD1 1 
ATOM   1441 C CD2 . LEU A 1 200 ? 1.308   -0.709  20.529  1.00 28.58 ? 378 LEU A CD2 1 
ATOM   1442 N N   . ASN A 1 201 ? 6.236   -1.372  21.164  1.00 28.68 ? 379 ASN A N   1 
ATOM   1443 C CA  . ASN A 1 201 ? 7.509   -1.860  21.755  1.00 28.65 ? 379 ASN A CA  1 
ATOM   1444 C C   . ASN A 1 201 ? 8.699   -1.873  20.745  1.00 29.66 ? 379 ASN A C   1 
ATOM   1445 O O   . ASN A 1 201 ? 9.606   -2.721  20.761  1.00 30.15 ? 379 ASN A O   1 
ATOM   1446 C CB  . ASN A 1 201 ? 7.317   -3.267  22.357  1.00 27.60 ? 379 ASN A CB  1 
ATOM   1447 C CG  . ASN A 1 201 ? 6.489   -3.289  23.656  1.00 22.54 ? 379 ASN A CG  1 
ATOM   1448 O OD1 . ASN A 1 201 ? 5.653   -4.185  23.849  1.00 20.58 ? 379 ASN A OD1 1 
ATOM   1449 N ND2 . ASN A 1 201 ? 6.762   -2.372  24.568  1.00 23.28 ? 379 ASN A ND2 1 
ATOM   1450 O OXT . ASN A 1 201 ? 8.822   -1.027  19.856  1.00 29.70 ? 379 ASN A OXT 1 
HETATM 1451 O O   . HOH B 2 .   ? -14.686 -3.515  -1.077  1.00 12.76 ? 1   HOH A O   1 
HETATM 1452 O O   . HOH B 2 .   ? -3.910  10.777  2.018   1.00 16.59 ? 2   HOH A O   1 
HETATM 1453 O O   . HOH B 2 .   ? 3.392   9.586   -22.624 1.00 14.16 ? 3   HOH A O   1 
HETATM 1454 O O   . HOH B 2 .   ? -16.262 -0.634  4.969   1.00 17.64 ? 4   HOH A O   1 
HETATM 1455 O O   . HOH B 2 .   ? 2.771   3.950   14.291  1.00 17.81 ? 5   HOH A O   1 
HETATM 1456 O O   . HOH B 2 .   ? -7.079  10.187  11.222  1.00 22.30 ? 6   HOH A O   1 
HETATM 1457 O O   . HOH B 2 .   ? 1.180   -11.392 3.223   1.00 16.19 ? 7   HOH A O   1 
HETATM 1458 O O   . HOH B 2 .   ? -2.642  -7.622  -6.569  1.00 19.12 ? 8   HOH A O   1 
HETATM 1459 O O   . HOH B 2 .   ? -18.718 1.827   -4.601  1.00 20.26 ? 9   HOH A O   1 
HETATM 1460 O O   . HOH B 2 .   ? 7.088   -14.487 -18.224 1.00 17.69 ? 10  HOH A O   1 
HETATM 1461 O O   . HOH B 2 .   ? -7.696  9.657   0.792   1.00 20.26 ? 11  HOH A O   1 
HETATM 1462 O O   . HOH B 2 .   ? -7.521  -2.349  -6.907  1.00 19.45 ? 12  HOH A O   1 
HETATM 1463 O O   . HOH B 2 .   ? -16.089 1.738   3.663   1.00 20.67 ? 13  HOH A O   1 
HETATM 1464 O O   . HOH B 2 .   ? 2.040   -4.537  13.060  1.00 19.64 ? 14  HOH A O   1 
HETATM 1465 O O   . HOH B 2 .   ? -8.327  -1.049  7.075   1.00 15.80 ? 15  HOH A O   1 
HETATM 1466 O O   . HOH B 2 .   ? 1.888   7.610   -1.430  1.00 15.73 ? 16  HOH A O   1 
HETATM 1467 O O   . HOH B 2 .   ? 10.928  -7.226  -5.102  1.00 20.96 ? 17  HOH A O   1 
HETATM 1468 O O   . HOH B 2 .   ? 12.064  -13.943 -8.223  1.00 18.22 ? 18  HOH A O   1 
HETATM 1469 O O   . HOH B 2 .   ? -0.473  6.069   -15.939 1.00 23.91 ? 19  HOH A O   1 
HETATM 1470 O O   . HOH B 2 .   ? -4.481  12.334  -0.310  1.00 19.78 ? 20  HOH A O   1 
HETATM 1471 O O   . HOH B 2 .   ? -11.475 7.827   3.303   1.00 22.36 ? 21  HOH A O   1 
HETATM 1472 O O   . HOH B 2 .   ? -22.270 3.415   7.760   1.00 21.06 ? 22  HOH A O   1 
HETATM 1473 O O   . HOH B 2 .   ? 12.465  -12.307 -10.507 1.00 18.00 ? 23  HOH A O   1 
HETATM 1474 O O   . HOH B 2 .   ? -6.998  10.406  18.390  1.00 18.93 ? 24  HOH A O   1 
HETATM 1475 O O   . HOH B 2 .   ? -7.694  -0.107  -1.174  1.00 18.63 ? 25  HOH A O   1 
HETATM 1476 O O   . HOH B 2 .   ? -7.970  7.374   -0.969  1.00 19.12 ? 26  HOH A O   1 
HETATM 1477 O O   . HOH B 2 .   ? 6.559   10.004  -9.612  1.00 24.11 ? 27  HOH A O   1 
HETATM 1478 O O   . HOH B 2 .   ? -9.270  8.778   -2.975  1.00 22.39 ? 28  HOH A O   1 
HETATM 1479 O O   . HOH B 2 .   ? -18.994 -1.456  4.774   1.00 18.51 ? 29  HOH A O   1 
HETATM 1480 O O   . HOH B 2 .   ? -12.038 2.491   -6.393  1.00 20.83 ? 30  HOH A O   1 
HETATM 1481 O O   . HOH B 2 .   ? -4.945  -7.471  9.442   1.00 19.21 ? 31  HOH A O   1 
HETATM 1482 O O   . HOH B 2 .   ? 3.102   11.339  3.520   1.00 19.49 ? 32  HOH A O   1 
HETATM 1483 O O   . HOH B 2 .   ? 16.487  -11.019 -10.085 1.00 23.11 ? 33  HOH A O   1 
HETATM 1484 O O   . HOH B 2 .   ? -10.265 7.152   19.961  1.00 20.95 ? 34  HOH A O   1 
HETATM 1485 O O   . HOH B 2 .   ? -3.388  9.624   -8.951  1.00 24.31 ? 35  HOH A O   1 
HETATM 1486 O O   . HOH B 2 .   ? 16.296  -19.382 -6.892  1.00 21.78 ? 36  HOH A O   1 
HETATM 1487 O O   . HOH B 2 .   ? 10.224  2.235   6.060   1.00 26.10 ? 37  HOH A O   1 
HETATM 1488 O O   . HOH B 2 .   ? 10.555  14.330  -0.188  1.00 23.50 ? 38  HOH A O   1 
HETATM 1489 O O   . HOH B 2 .   ? 15.526  -6.346  -7.200  1.00 19.94 ? 39  HOH A O   1 
HETATM 1490 O O   . HOH B 2 .   ? -9.262  3.837   18.115  1.00 22.56 ? 40  HOH A O   1 
HETATM 1491 O O   . HOH B 2 .   ? 11.435  12.753  -3.809  1.00 24.23 ? 41  HOH A O   1 
HETATM 1492 O O   . HOH B 2 .   ? 9.882   -15.445 -8.983  1.00 24.54 ? 42  HOH A O   1 
HETATM 1493 O O   . HOH B 2 .   ? 14.458  -5.560  2.017   1.00 23.07 ? 43  HOH A O   1 
HETATM 1494 O O   . HOH B 2 .   ? 9.014   -18.975 -5.534  1.00 25.32 ? 44  HOH A O   1 
HETATM 1495 O O   . HOH B 2 .   ? 8.352   12.071  -16.072 1.00 27.60 ? 45  HOH A O   1 
HETATM 1496 O O   . HOH B 2 .   ? -1.435  -5.740  -13.887 1.00 27.73 ? 46  HOH A O   1 
HETATM 1497 O O   . HOH B 2 .   ? -8.852  11.789  -2.690  1.00 23.90 ? 47  HOH A O   1 
HETATM 1498 O O   . HOH B 2 .   ? 9.835   -17.923 -7.928  1.00 26.21 ? 48  HOH A O   1 
HETATM 1499 O O   . HOH B 2 .   ? -1.738  11.091  -10.770 1.00 27.93 ? 49  HOH A O   1 
HETATM 1500 O O   . HOH B 2 .   ? -6.010  9.558   -8.956  1.00 26.13 ? 50  HOH A O   1 
HETATM 1501 O O   . HOH B 2 .   ? -14.425 6.530   -0.013  1.00 25.44 ? 51  HOH A O   1 
HETATM 1502 O O   . HOH B 2 .   ? 13.549  -10.118 -6.496  1.00 22.40 ? 52  HOH A O   1 
HETATM 1503 O O   . HOH B 2 .   ? -13.785 5.765   6.856   1.00 23.32 ? 53  HOH A O   1 
HETATM 1504 O O   . HOH B 2 .   ? -9.651  9.347   18.452  1.00 19.80 ? 54  HOH A O   1 
HETATM 1505 O O   . HOH B 2 .   ? -17.727 0.593   -2.088  1.00 21.37 ? 55  HOH A O   1 
HETATM 1506 O O   . HOH B 2 .   ? -3.886  -11.114 -5.813  1.00 24.24 ? 56  HOH A O   1 
HETATM 1507 O O   . HOH B 2 .   ? -20.144 1.160   4.454   1.00 31.60 ? 57  HOH A O   1 
HETATM 1508 O O   . HOH B 2 .   ? -27.291 0.148   13.829  1.00 28.62 ? 58  HOH A O   1 
HETATM 1509 O O   . HOH B 2 .   ? -21.570 -4.703  1.532   1.00 27.33 ? 59  HOH A O   1 
HETATM 1510 O O   . HOH B 2 .   ? 7.456   14.242  -14.990 1.00 34.80 ? 60  HOH A O   1 
HETATM 1511 O O   . HOH B 2 .   ? 8.567   8.781   3.451   1.00 24.52 ? 61  HOH A O   1 
HETATM 1512 O O   . HOH B 2 .   ? -16.607 5.539   17.694  1.00 27.64 ? 62  HOH A O   1 
HETATM 1513 O O   . HOH B 2 .   ? 15.950  -11.539 -5.881  1.00 27.70 ? 63  HOH A O   1 
HETATM 1514 O O   . HOH B 2 .   ? -7.242  12.011  -0.514  1.00 21.71 ? 64  HOH A O   1 
HETATM 1515 O O   . HOH B 2 .   ? 4.221   -17.544 -4.571  1.00 26.01 ? 65  HOH A O   1 
HETATM 1516 O O   . HOH B 2 .   ? 1.281   12.396  -13.085 1.00 26.50 ? 66  HOH A O   1 
HETATM 1517 O O   . HOH B 2 .   ? 1.317   15.062  -6.133  1.00 28.78 ? 67  HOH A O   1 
HETATM 1518 O O   . HOH B 2 .   ? -13.047 4.021   19.515  1.00 22.35 ? 68  HOH A O   1 
HETATM 1519 O O   . HOH B 2 .   ? -3.811  14.835  0.747   1.00 33.82 ? 69  HOH A O   1 
HETATM 1520 O O   . HOH B 2 .   ? 4.416   -11.781 -14.273 1.00 24.70 ? 70  HOH A O   1 
HETATM 1521 O O   . HOH B 2 .   ? 2.032   2.703   18.873  1.00 29.52 ? 71  HOH A O   1 
HETATM 1522 O O   . HOH B 2 .   ? 1.371   1.297   -20.865 1.00 29.57 ? 72  HOH A O   1 
HETATM 1523 O O   . HOH B 2 .   ? -12.568 10.066  15.146  1.00 25.40 ? 73  HOH A O   1 
HETATM 1524 O O   . HOH B 2 .   ? -19.383 0.747   16.562  1.00 22.93 ? 74  HOH A O   1 
HETATM 1525 O O   . HOH B 2 .   ? -29.918 -8.972  9.865   1.00 26.19 ? 75  HOH A O   1 
HETATM 1526 O O   . HOH B 2 .   ? -0.902  -12.770 -7.337  1.00 24.88 ? 76  HOH A O   1 
HETATM 1527 O O   . HOH B 2 .   ? 1.772   -17.502 -2.112  1.00 27.79 ? 77  HOH A O   1 
HETATM 1528 O O   . HOH B 2 .   ? -5.568  10.211  8.871   1.00 22.97 ? 78  HOH A O   1 
HETATM 1529 O O   . HOH B 2 .   ? 14.390  -21.899 -3.725  1.00 36.31 ? 79  HOH A O   1 
HETATM 1530 O O   . HOH B 2 .   ? -6.453  -13.603 -0.917  1.00 43.37 ? 80  HOH A O   1 
HETATM 1531 O O   . HOH B 2 .   ? -0.112  4.702   -20.615 1.00 29.01 ? 81  HOH A O   1 
HETATM 1532 O O   . HOH B 2 .   ? 14.406  9.317   -14.292 1.00 36.74 ? 82  HOH A O   1 
HETATM 1533 O O   . HOH B 2 .   ? 13.457  7.329   -12.602 1.00 28.35 ? 83  HOH A O   1 
HETATM 1534 O O   . HOH B 2 .   ? 4.797   4.581   15.877  1.00 39.94 ? 84  HOH A O   1 
HETATM 1535 O O   . HOH B 2 .   ? -6.617  -7.267  14.197  1.00 30.03 ? 85  HOH A O   1 
HETATM 1536 O O   . HOH B 2 .   ? -26.845 3.490   16.234  1.00 28.36 ? 86  HOH A O   1 
HETATM 1537 O O   . HOH B 2 .   ? 15.428  -0.073  -4.267  1.00 28.93 ? 87  HOH A O   1 
HETATM 1538 O O   . HOH B 2 .   ? -0.639  10.134  6.595   1.00 28.17 ? 88  HOH A O   1 
HETATM 1539 O O   . HOH B 2 .   ? 7.626   17.283  -7.057  1.00 35.30 ? 89  HOH A O   1 
HETATM 1540 O O   . HOH B 2 .   ? -18.857 1.748   0.053   1.00 33.16 ? 90  HOH A O   1 
HETATM 1541 O O   . HOH B 2 .   ? 4.506   -14.876 2.907   1.00 37.26 ? 91  HOH A O   1 
HETATM 1542 O O   . HOH B 2 .   ? -25.061 0.374   5.628   1.00 23.38 ? 92  HOH A O   1 
HETATM 1543 O O   . HOH B 2 .   ? 2.805   2.380   -23.222 1.00 26.98 ? 93  HOH A O   1 
HETATM 1544 O O   . HOH B 2 .   ? -14.901 0.359   23.047  1.00 31.59 ? 94  HOH A O   1 
HETATM 1545 O O   . HOH B 2 .   ? -18.953 -6.964  -0.721  1.00 33.54 ? 95  HOH A O   1 
HETATM 1546 O O   . HOH B 2 .   ? 15.895  6.166   -11.112 1.00 39.15 ? 96  HOH A O   1 
HETATM 1547 O O   . HOH B 2 .   ? 3.166   -17.330 -8.833  1.00 29.62 ? 97  HOH A O   1 
HETATM 1548 O O   . HOH B 2 .   ? -9.300  3.693   -6.719  1.00 28.12 ? 98  HOH A O   1 
HETATM 1549 O O   . HOH B 2 .   ? 0.980   -12.472 -13.075 1.00 34.95 ? 99  HOH A O   1 
HETATM 1550 O O   . HOH B 2 .   ? -0.761  9.070   9.349   1.00 26.52 ? 100 HOH A O   1 
HETATM 1551 O O   . HOH B 2 .   ? -19.908 -2.309  2.339   1.00 27.66 ? 101 HOH A O   1 
HETATM 1552 O O   . HOH B 2 .   ? -29.798 1.706   13.957  1.00 26.36 ? 102 HOH A O   1 
HETATM 1553 O O   . HOH B 2 .   ? -27.925 -8.529  13.182  1.00 36.71 ? 103 HOH A O   1 
HETATM 1554 O O   . HOH B 2 .   ? -19.299 4.792   17.942  1.00 27.45 ? 104 HOH A O   1 
HETATM 1555 O O   . HOH B 2 .   ? -7.532  4.784   -13.425 1.00 29.57 ? 105 HOH A O   1 
HETATM 1556 O O   . HOH B 2 .   ? 7.873   14.370  -8.118  1.00 27.33 ? 106 HOH A O   1 
HETATM 1557 O O   . HOH B 2 .   ? 16.295  2.078   -7.048  1.00 40.22 ? 107 HOH A O   1 
HETATM 1558 O O   . HOH B 2 .   ? 14.163  -10.237 -9.297  1.00 23.39 ? 108 HOH A O   1 
HETATM 1559 O O   . HOH B 2 .   ? -6.711  -2.164  5.106   1.00 29.65 ? 109 HOH A O   1 
HETATM 1560 O O   . HOH B 2 .   ? 8.639   12.382  -18.879 1.00 32.73 ? 110 HOH A O   1 
HETATM 1561 O O   . HOH B 2 .   ? -20.440 8.358   7.685   1.00 32.15 ? 111 HOH A O   1 
HETATM 1562 O O   . HOH B 2 .   ? -8.868  -7.521  1.948   1.00 26.08 ? 112 HOH A O   1 
HETATM 1563 O O   . HOH B 2 .   ? 21.889  -4.436  -11.184 1.00 35.15 ? 113 HOH A O   1 
HETATM 1564 O O   . HOH B 2 .   ? 2.369   -13.327 4.820   1.00 29.55 ? 114 HOH A O   1 
HETATM 1565 O O   . HOH B 2 .   ? -9.175  -4.910  -5.391  1.00 33.08 ? 115 HOH A O   1 
HETATM 1566 O O   . HOH B 2 .   ? 14.371  3.521   -8.459  1.00 32.45 ? 116 HOH A O   1 
HETATM 1567 O O   . HOH B 2 .   ? -17.457 -1.198  16.889  1.00 32.01 ? 117 HOH A O   1 
HETATM 1568 O O   . HOH B 2 .   ? 4.252   -4.097  16.820  1.00 29.32 ? 118 HOH A O   1 
HETATM 1569 O O   . HOH B 2 .   ? -27.211 -11.587 7.970   1.00 35.39 ? 119 HOH A O   1 
HETATM 1570 O O   . HOH B 2 .   ? 17.548  -18.535 -4.479  1.00 35.46 ? 120 HOH A O   1 
HETATM 1571 O O   . HOH B 2 .   ? 8.197   0.957   11.829  1.00 30.96 ? 121 HOH A O   1 
HETATM 1572 O O   . HOH B 2 .   ? 14.891  -7.682  -2.915  1.00 26.63 ? 122 HOH A O   1 
HETATM 1573 O O   . HOH B 2 .   ? 5.971   -6.354  14.587  1.00 30.37 ? 123 HOH A O   1 
HETATM 1574 O O   . HOH B 2 .   ? -15.803 3.714   19.312  1.00 30.24 ? 124 HOH A O   1 
HETATM 1575 O O   . HOH B 2 .   ? -10.244 9.796   1.718   1.00 36.33 ? 125 HOH A O   1 
HETATM 1576 O O   . HOH B 2 .   ? 13.238  4.669   -13.317 1.00 34.90 ? 126 HOH A O   1 
HETATM 1577 O O   . HOH B 2 .   ? 6.252   8.182   5.905   1.00 32.77 ? 127 HOH A O   1 
HETATM 1578 O O   . HOH B 2 .   ? -19.641 -8.247  4.219   1.00 31.08 ? 128 HOH A O   1 
HETATM 1579 O O   . HOH B 2 .   ? 3.594   -11.501 7.162   1.00 35.40 ? 129 HOH A O   1 
HETATM 1580 O O   . HOH B 2 .   ? -7.445  12.915  18.130  1.00 30.73 ? 130 HOH A O   1 
HETATM 1581 O O   . HOH B 2 .   ? -2.946  10.569  5.281   1.00 40.85 ? 131 HOH A O   1 
HETATM 1582 O O   . HOH B 2 .   ? 21.348  -6.661  -16.143 1.00 35.95 ? 132 HOH A O   1 
HETATM 1583 O O   . HOH B 2 .   ? 10.769  4.312   8.974   1.00 30.00 ? 133 HOH A O   1 
HETATM 1584 O O   . HOH B 2 .   ? 13.782  -7.636  -5.210  1.00 26.11 ? 134 HOH A O   1 
HETATM 1585 O O   . HOH B 2 .   ? 6.354   -19.437 -5.892  1.00 36.85 ? 135 HOH A O   1 
HETATM 1586 O O   . HOH B 2 .   ? -9.833  -1.740  -11.188 1.00 37.15 ? 136 HOH A O   1 
HETATM 1587 O O   . HOH B 2 .   ? 14.004  2.337   -11.137 1.00 34.07 ? 137 HOH A O   1 
HETATM 1588 O O   . HOH B 2 .   ? 18.388  9.524   -8.325  1.00 39.08 ? 138 HOH A O   1 
HETATM 1589 O O   . HOH B 2 .   ? 16.537  -19.947 -1.928  1.00 42.67 ? 139 HOH A O   1 
HETATM 1590 O O   . HOH B 2 .   ? 16.370  3.590   -11.669 1.00 43.96 ? 140 HOH A O   1 
HETATM 1591 O O   . HOH B 2 .   ? 3.342   15.047  1.827   1.00 32.63 ? 141 HOH A O   1 
HETATM 1592 O O   . HOH B 2 .   ? -15.826 4.635   4.543   1.00 37.12 ? 142 HOH A O   1 
HETATM 1593 O O   . HOH B 2 .   ? 3.337   6.606   21.738  1.00 42.90 ? 143 HOH A O   1 
HETATM 1594 O O   . HOH B 2 .   ? -3.410  -17.695 0.638   1.00 35.56 ? 144 HOH A O   1 
HETATM 1595 O O   . HOH B 2 .   ? 16.373  -1.632  6.750   1.00 35.87 ? 145 HOH A O   1 
HETATM 1596 O O   . HOH B 2 .   ? -11.746 9.817   -2.186  1.00 45.12 ? 146 HOH A O   1 
HETATM 1597 O O   . HOH B 2 .   ? 4.915   16.431  -17.722 1.00 42.10 ? 147 HOH A O   1 
HETATM 1598 O O   . HOH B 2 .   ? -7.348  11.715  7.514   1.00 46.84 ? 148 HOH A O   1 
HETATM 1599 O O   . HOH B 2 .   ? 2.225   -10.193 -14.322 1.00 34.85 ? 149 HOH A O   1 
HETATM 1600 O O   . HOH B 2 .   ? -23.707 -6.572  12.376  1.00 38.20 ? 150 HOH A O   1 
HETATM 1601 O O   . HOH B 2 .   ? -8.403  13.764  1.280   1.00 37.94 ? 151 HOH A O   1 
HETATM 1602 O O   . HOH B 2 .   ? 1.166   16.000  -1.074  1.00 36.30 ? 152 HOH A O   1 
HETATM 1603 O O   . HOH B 2 .   ? 16.633  -11.815 -1.016  1.00 45.22 ? 153 HOH A O   1 
HETATM 1604 O O   . HOH B 2 .   ? 11.181  -16.759 3.724   1.00 48.65 ? 154 HOH A O   1 
HETATM 1605 O O   . HOH B 2 .   ? 4.924   -20.835 -2.525  1.00 39.65 ? 155 HOH A O   1 
HETATM 1606 O O   . HOH B 2 .   ? -1.403  -16.279 1.965   1.00 46.86 ? 156 HOH A O   1 
HETATM 1607 O O   . HOH B 2 .   ? 6.728   11.463  5.047   1.00 32.95 ? 157 HOH A O   1 
HETATM 1608 O O   . HOH B 2 .   ? 2.232   15.369  -3.787  1.00 45.90 ? 158 HOH A O   1 
HETATM 1609 O O   . HOH B 2 .   ? -30.375 -5.216  6.732   1.00 43.48 ? 159 HOH A O   1 
HETATM 1610 O O   . HOH B 2 .   ? 2.373   -19.396 -4.093  1.00 36.82 ? 160 HOH A O   1 
HETATM 1611 O O   . HOH B 2 .   ? -13.994 3.669   -8.239  1.00 47.78 ? 161 HOH A O   1 
HETATM 1612 O O   . HOH B 2 .   ? -1.336  13.438  13.455  1.00 45.77 ? 162 HOH A O   1 
HETATM 1613 O O   . HOH B 2 .   ? -2.814  13.039  3.721   1.00 43.79 ? 163 HOH A O   1 
HETATM 1614 O O   . HOH B 2 .   ? 5.248   0.355   23.223  1.00 34.78 ? 164 HOH A O   1 
HETATM 1615 O O   . HOH B 2 .   ? -28.299 -2.222  14.528  1.00 38.95 ? 165 HOH A O   1 
HETATM 1616 O O   . HOH B 2 .   ? 15.130  -21.692 -6.687  1.00 42.58 ? 166 HOH A O   1 
HETATM 1617 O O   . HOH B 2 .   ? 7.232   -14.901 3.519   1.00 32.13 ? 167 HOH A O   1 
HETATM 1618 O O   . HOH B 2 .   ? -3.829  -9.152  -8.360  1.00 36.17 ? 168 HOH A O   1 
HETATM 1619 O O   . HOH B 2 .   ? -17.143 3.144   1.135   1.00 40.62 ? 169 HOH A O   1 
HETATM 1620 O O   . HOH B 2 .   ? -9.513  6.950   -9.772  1.00 37.01 ? 170 HOH A O   1 
HETATM 1621 O O   . HOH B 2 .   ? -14.679 6.929   4.524   1.00 44.32 ? 171 HOH A O   1 
HETATM 1622 O O   . HOH B 2 .   ? 12.303  -8.600  5.409   1.00 39.01 ? 172 HOH A O   1 
HETATM 1623 O O   . HOH B 2 .   ? 9.839   1.778   9.296   1.00 33.35 ? 173 HOH A O   1 
HETATM 1624 O O   . HOH B 2 .   ? 15.794  -1.781  3.779   1.00 31.48 ? 174 HOH A O   1 
HETATM 1625 O O   . HOH B 2 .   ? -4.874  6.057   -15.803 1.00 52.68 ? 175 HOH A O   1 
HETATM 1626 O O   . HOH B 2 .   ? -12.158 7.155   21.833  1.00 23.07 ? 176 HOH A O   1 
HETATM 1627 O O   . HOH B 2 .   ? -14.724 -6.052  -2.476  1.00 27.69 ? 177 HOH A O   1 
HETATM 1628 O O   . HOH B 2 .   ? 7.236   17.332  -13.439 1.00 44.77 ? 178 HOH A O   1 
HETATM 1629 O O   . HOH B 2 .   ? 2.984   -5.117  -18.716 1.00 26.37 ? 380 HOH A O   1 
HETATM 1630 O O   . HOH B 2 .   ? -8.046  -3.824  3.247   1.00 28.40 ? 381 HOH A O   1 
HETATM 1631 O O   . HOH B 2 .   ? 2.217   15.825  -17.388 1.00 32.59 ? 382 HOH A O   1 
HETATM 1632 O O   . HOH B 2 .   ? 3.450   -6.923  14.057  1.00 29.00 ? 383 HOH A O   1 
HETATM 1633 O O   . HOH B 2 .   ? 5.586   19.548  -12.568 1.00 34.80 ? 384 HOH A O   1 
HETATM 1634 O O   . HOH B 2 .   ? -0.590  13.910  3.868   1.00 36.06 ? 385 HOH A O   1 
HETATM 1635 O O   . HOH B 2 .   ? -7.999  -3.366  -10.196 1.00 34.24 ? 386 HOH A O   1 
HETATM 1636 O O   . HOH B 2 .   ? 11.293  12.179  -15.676 1.00 34.71 ? 387 HOH A O   1 
HETATM 1637 O O   . HOH B 2 .   ? 2.456   8.116   23.663  1.00 37.57 ? 388 HOH A O   1 
HETATM 1638 O O   . HOH B 2 .   ? -19.709 9.345   10.025  1.00 33.76 ? 389 HOH A O   1 
HETATM 1639 O O   . HOH B 2 .   ? 17.167  -15.416 -3.833  1.00 31.12 ? 390 HOH A O   1 
HETATM 1640 O O   . HOH B 2 .   ? 0.960   10.189  10.801  1.00 32.74 ? 391 HOH A O   1 
HETATM 1641 O O   . HOH B 2 .   ? -14.985 -2.468  15.988  1.00 32.32 ? 392 HOH A O   1 
HETATM 1642 O O   . HOH B 2 .   ? 15.453  3.969   -1.327  1.00 26.16 ? 393 HOH A O   1 
HETATM 1643 O O   . HOH B 2 .   ? -0.152  -8.417  -13.486 1.00 32.47 ? 394 HOH A O   1 
HETATM 1644 O O   . HOH B 2 .   ? 7.180   -18.796 -9.154  1.00 38.49 ? 395 HOH A O   1 
HETATM 1645 O O   . HOH B 2 .   ? -11.787 11.630  12.508  1.00 38.28 ? 396 HOH A O   1 
HETATM 1646 O O   . HOH B 2 .   ? 14.454  -8.925  2.380   1.00 43.25 ? 397 HOH A O   1 
HETATM 1647 O O   . HOH B 2 .   ? -7.846  9.506   -10.908 1.00 44.73 ? 398 HOH A O   1 
HETATM 1648 O O   . HOH B 2 .   ? 11.575  4.997   -19.571 1.00 47.25 ? 399 HOH A O   1 
HETATM 1649 O O   . HOH B 2 .   ? -17.115 7.978   19.053  1.00 30.71 ? 400 HOH A O   1 
HETATM 1650 O O   . HOH B 2 .   ? -22.911 -10.588 6.780   1.00 34.40 ? 401 HOH A O   1 
HETATM 1651 O O   . HOH B 2 .   ? -0.910  -4.851  16.020  1.00 35.73 ? 402 HOH A O   1 
HETATM 1652 O O   . HOH B 2 .   ? 7.974   -22.405 2.125   1.00 39.15 ? 403 HOH A O   1 
HETATM 1653 O O   . HOH B 2 .   ? 17.125  1.824   -4.568  1.00 34.57 ? 404 HOH A O   1 
HETATM 1654 O O   . HOH B 2 .   ? 6.720   -7.126  16.839  1.00 33.75 ? 405 HOH A O   1 
HETATM 1655 O O   . HOH B 2 .   ? -25.380 -11.155 6.001   1.00 39.67 ? 406 HOH A O   1 
HETATM 1656 O O   . HOH B 2 .   ? -9.540  4.410   -11.684 1.00 39.89 ? 407 HOH A O   1 
HETATM 1657 O O   . HOH B 2 .   ? -15.469 9.693   15.428  1.00 31.97 ? 408 HOH A O   1 
HETATM 1658 O O   . HOH B 2 .   ? 8.002   8.746   7.646   1.00 37.36 ? 409 HOH A O   1 
HETATM 1659 O O   . HOH B 2 .   ? 5.726   6.875   -21.505 1.00 33.56 ? 410 HOH A O   1 
HETATM 1660 O O   . HOH B 2 .   ? -22.563 1.606   5.631   1.00 30.92 ? 411 HOH A O   1 
HETATM 1661 O O   . HOH B 2 .   ? 20.246  -17.900 -4.814  1.00 36.14 ? 412 HOH A O   1 
HETATM 1662 O O   . HOH B 2 .   ? -4.053  8.594   -15.582 1.00 32.65 ? 413 HOH A O   1 
HETATM 1663 O O   . HOH B 2 .   ? -9.197  -9.189  -3.378  1.00 40.17 ? 414 HOH A O   1 
HETATM 1664 O O   . HOH B 2 .   ? 6.223   -5.085  18.389  1.00 30.12 ? 415 HOH A O   1 
HETATM 1665 O O   . HOH B 2 .   ? 17.262  -9.884  -4.167  1.00 35.25 ? 416 HOH A O   1 
HETATM 1666 O O   . HOH B 2 .   ? -26.146 -10.706 13.271  1.00 40.63 ? 417 HOH A O   1 
HETATM 1667 O O   . HOH B 2 .   ? -9.801  10.087  11.144  1.00 30.06 ? 418 HOH A O   1 
HETATM 1668 O O   . HOH B 2 .   ? -25.367 5.068   7.196   1.00 41.55 ? 419 HOH A O   1 
HETATM 1669 O O   . HOH B 2 .   ? -6.411  12.655  12.514  1.00 43.65 ? 420 HOH A O   1 
HETATM 1670 O O   . HOH B 2 .   ? 1.266   17.863  -6.147  1.00 39.80 ? 421 HOH A O   1 
HETATM 1671 O O   . HOH B 2 .   ? 5.030   16.491  0.392   1.00 45.93 ? 422 HOH A O   1 
HETATM 1672 O O   . HOH B 2 .   ? -4.412  -6.768  -13.468 1.00 46.36 ? 423 HOH A O   1 
HETATM 1673 O O   . HOH B 2 .   ? 8.341   -1.183  17.354  1.00 42.78 ? 424 HOH A O   1 
HETATM 1674 O O   . HOH B 2 .   ? 19.622  1.772   -9.049  1.00 41.55 ? 425 HOH A O   1 
HETATM 1675 O O   . HOH B 2 .   ? 16.690  -15.309 -1.193  1.00 38.82 ? 426 HOH A O   1 
HETATM 1676 O O   . HOH B 2 .   ? 8.018   -8.077  13.143  1.00 36.09 ? 427 HOH A O   1 
HETATM 1677 O O   . HOH B 2 .   ? 2.992   -23.176 -2.275  1.00 41.48 ? 428 HOH A O   1 
HETATM 1678 O O   . HOH B 2 .   ? -9.333  -4.658  -8.455  1.00 40.18 ? 429 HOH A O   1 
HETATM 1679 O O   . HOH B 2 .   ? -3.075  10.432  8.546   1.00 44.83 ? 430 HOH A O   1 
HETATM 1680 O O   . HOH B 2 .   ? 9.873   7.061   9.270   1.00 40.37 ? 431 HOH A O   1 
HETATM 1681 O O   . HOH B 2 .   ? -17.252 -8.966  3.709   1.00 43.72 ? 432 HOH A O   1 
HETATM 1682 O O   . HOH B 2 .   ? 9.890   17.880  -6.149  1.00 42.59 ? 433 HOH A O   1 
HETATM 1683 O O   . HOH B 2 .   ? -8.500  -9.021  15.366  1.00 36.51 ? 434 HOH A O   1 
HETATM 1684 O O   . HOH B 2 .   ? 8.154   15.256  6.527   1.00 45.99 ? 435 HOH A O   1 
HETATM 1685 O O   . HOH B 2 .   ? -23.238 -10.534 11.997  1.00 48.57 ? 436 HOH A O   1 
HETATM 1686 O O   . HOH B 2 .   ? -2.347  13.887  -12.863 1.00 50.69 ? 437 HOH A O   1 
HETATM 1687 O O   . HOH B 2 .   ? 6.700   15.267  -19.236 1.00 47.87 ? 438 HOH A O   1 
HETATM 1688 O O   . HOH B 2 .   ? 3.643   -17.111 2.360   1.00 46.38 ? 439 HOH A O   1 
HETATM 1689 O O   . HOH B 2 .   ? 6.991   9.443   10.088  1.00 57.15 ? 440 HOH A O   1 
HETATM 1690 O O   . HOH B 2 .   ? 11.658  12.499  -6.474  1.00 39.97 ? 441 HOH A O   1 
HETATM 1691 O O   . HOH B 2 .   ? -15.040 -8.217  2.685   1.00 43.78 ? 442 HOH A O   1 
HETATM 1692 O O   . HOH B 2 .   ? -22.237 -8.066  10.773  1.00 47.99 ? 443 HOH A O   1 
HETATM 1693 O O   . HOH B 2 .   ? 5.057   7.643   14.363  1.00 42.11 ? 444 HOH A O   1 
HETATM 1694 O O   . HOH B 2 .   ? -4.289  3.833   -17.130 1.00 44.51 ? 445 HOH A O   1 
HETATM 1695 O O   . HOH B 2 .   ? -4.738  -10.805 9.264   1.00 39.98 ? 446 HOH A O   1 
HETATM 1696 O O   . HOH B 2 .   ? 0.902   -12.419 -10.266 1.00 40.11 ? 447 HOH A O   1 
HETATM 1697 O O   . HOH B 2 .   ? 1.642   -4.733  17.137  1.00 37.95 ? 448 HOH A O   1 
HETATM 1698 O O   . HOH B 2 .   ? -14.166 8.691   -2.376  1.00 40.76 ? 449 HOH A O   1 
HETATM 1699 O O   . HOH B 2 .   ? -4.298  18.046  -2.777  1.00 44.47 ? 450 HOH A O   1 
HETATM 1700 O O   . HOH B 2 .   ? -12.193 3.610   -12.886 1.00 47.93 ? 451 HOH A O   1 
HETATM 1701 O O   . HOH B 2 .   ? -17.896 8.448   11.613  1.00 44.33 ? 452 HOH A O   1 
HETATM 1702 O O   . HOH B 2 .   ? -7.309  -4.846  -12.389 1.00 47.48 ? 453 HOH A O   1 
HETATM 1703 O O   . HOH B 2 .   ? -5.821  -12.729 -3.335  1.00 40.88 ? 454 HOH A O   1 
HETATM 1704 O O   . HOH B 2 .   ? 1.957   10.058  19.326  1.00 38.07 ? 455 HOH A O   1 
HETATM 1705 O O   . HOH B 2 .   ? 12.411  3.533   -17.545 1.00 52.27 ? 456 HOH A O   1 
HETATM 1706 O O   . HOH B 2 .   ? -33.012 -1.802  9.002   1.00 43.43 ? 457 HOH A O   1 
HETATM 1707 O O   . HOH B 2 .   ? -20.112 3.644   6.179   1.00 42.94 ? 458 HOH A O   1 
HETATM 1708 O O   . HOH B 2 .   ? 15.672  -7.342  -0.067  1.00 34.60 ? 459 HOH A O   1 
HETATM 1709 O O   . HOH B 2 .   ? -18.698 2.027   18.923  1.00 44.59 ? 460 HOH A O   1 
HETATM 1710 O O   . HOH B 2 .   ? -0.482  18.915  -7.819  1.00 44.20 ? 461 HOH A O   1 
HETATM 1711 O O   . HOH B 2 .   ? 7.645   4.731   14.174  1.00 42.12 ? 462 HOH A O   1 
HETATM 1712 O O   . HOH B 2 .   ? -28.171 -4.095  2.906   1.00 43.75 ? 463 HOH A O   1 
HETATM 1713 O O   . HOH B 2 .   ? -0.531  -14.437 7.455   1.00 43.61 ? 464 HOH A O   1 
HETATM 1714 O O   . HOH B 2 .   ? 14.263  1.850   -16.954 1.00 43.37 ? 465 HOH A O   1 
HETATM 1715 O O   . HOH B 2 .   ? -11.378 -5.981  1.157   1.00 29.14 ? 466 HOH A O   1 
HETATM 1716 O O   . HOH B 2 .   ? -11.871 -6.319  4.291   1.00 29.26 ? 467 HOH A O   1 
HETATM 1717 O O   . HOH B 2 .   ? -17.135 9.935   13.636  1.00 31.40 ? 468 HOH A O   1 
HETATM 1718 O O   . HOH B 2 .   ? 14.624  -5.112  -0.670  1.00 26.78 ? 469 HOH A O   1 
HETATM 1719 O O   . HOH B 2 .   ? 3.595   -5.125  -21.432 1.00 30.90 ? 470 HOH A O   1 
HETATM 1720 O O   . HOH B 2 .   ? -4.346  16.111  -10.676 1.00 30.35 ? 471 HOH A O   1 
HETATM 1721 O O   . HOH B 2 .   ? -9.669  9.745   8.732   1.00 28.12 ? 472 HOH A O   1 
HETATM 1722 O O   . HOH B 2 .   ? -3.462  -11.958 13.967  1.00 29.14 ? 473 HOH A O   1 
HETATM 1723 O O   . HOH B 2 .   ? -23.376 6.232   6.959   1.00 31.51 ? 474 HOH A O   1 
HETATM 1724 O O   . HOH B 2 .   ? 7.461   -4.100  16.855  1.00 32.22 ? 475 HOH A O   1 
HETATM 1725 O O   . HOH B 2 .   ? -15.471 5.062   -6.250  1.00 30.37 ? 476 HOH A O   1 
HETATM 1726 O O   . HOH B 2 .   ? -32.991 -1.383  5.729   1.00 30.40 ? 477 HOH A O   1 
HETATM 1727 O O   . HOH B 2 .   ? -22.931 3.834   3.199   1.00 32.25 ? 478 HOH A O   1 
HETATM 1728 O O   . HOH B 2 .   ? -1.576  -10.369 -11.828 1.00 27.65 ? 479 HOH A O   1 
HETATM 1729 O O   . HOH B 2 .   ? 2.914   -19.996 -8.081  1.00 28.86 ? 480 HOH A O   1 
HETATM 1730 O O   . HOH B 2 .   ? -1.821  -0.682  -20.572 1.00 32.29 ? 481 HOH A O   1 
HETATM 1731 O O   . HOH B 2 .   ? -1.122  -3.772  -20.566 1.00 27.25 ? 482 HOH A O   1 
HETATM 1732 O O   . HOH B 2 .   ? 4.577   7.942   16.718  1.00 30.73 ? 483 HOH A O   1 
HETATM 1733 O O   . HOH B 2 .   ? -0.132  -14.249 -9.492  1.00 29.49 ? 484 HOH A O   1 
HETATM 1734 O O   . HOH B 2 .   ? -19.124 -1.581  20.145  1.00 31.22 ? 485 HOH A O   1 
HETATM 1735 O O   . HOH B 2 .   ? 9.201   5.711   13.297  1.00 28.08 ? 486 HOH A O   1 
HETATM 1736 O O   . HOH B 2 .   ? 0.891   15.670  -13.934 1.00 31.44 ? 487 HOH A O   1 
HETATM 1737 O O   . HOH B 2 .   ? 1.279   12.913  11.407  1.00 28.98 ? 488 HOH A O   1 
HETATM 1738 O O   . HOH B 2 .   ? 4.647   4.224   -20.440 1.00 26.30 ? 489 HOH A O   1 
HETATM 1739 O O   . HOH B 2 .   ? -9.014  -9.582  3.610   1.00 34.71 ? 490 HOH A O   1 
HETATM 1740 O O   . HOH B 2 .   ? -25.204 -0.261  16.136  1.00 31.41 ? 491 HOH A O   1 
HETATM 1741 O O   . HOH B 2 .   ? -20.298 -4.717  13.679  1.00 29.19 ? 492 HOH A O   1 
HETATM 1742 O O   . HOH B 2 .   ? -6.098  -3.169  -15.203 1.00 32.59 ? 493 HOH A O   1 
HETATM 1743 O O   . HOH B 2 .   ? -7.707  -9.812  12.471  1.00 29.61 ? 494 HOH A O   1 
HETATM 1744 O O   . HOH B 2 .   ? -15.510 -10.327 8.904   1.00 32.97 ? 495 HOH A O   1 
HETATM 1745 O O   . HOH B 2 .   ? 16.631  -3.475  2.600   1.00 34.08 ? 496 HOH A O   1 
HETATM 1746 O O   . HOH B 2 .   ? -12.694 7.358   1.581   1.00 30.02 ? 497 HOH A O   1 
HETATM 1747 O O   . HOH B 2 .   ? -9.886  -6.759  -1.622  1.00 30.26 ? 498 HOH A O   1 
HETATM 1748 O O   . HOH B 2 .   ? 14.127  -18.106 0.059   1.00 28.63 ? 499 HOH A O   1 
# 
loop_
_pdbx_poly_seq_scheme.asym_id 
_pdbx_poly_seq_scheme.entity_id 
_pdbx_poly_seq_scheme.seq_id 
_pdbx_poly_seq_scheme.mon_id 
_pdbx_poly_seq_scheme.ndb_seq_num 
_pdbx_poly_seq_scheme.pdb_seq_num 
_pdbx_poly_seq_scheme.auth_seq_num 
_pdbx_poly_seq_scheme.pdb_mon_id 
_pdbx_poly_seq_scheme.auth_mon_id 
_pdbx_poly_seq_scheme.pdb_strand_id 
_pdbx_poly_seq_scheme.pdb_ins_code 
_pdbx_poly_seq_scheme.hetero 
A 1 1   MET 1   179 ?   ?   ?   A . n 
A 1 2   ARG 2   180 ?   ?   ?   A . n 
A 1 3   GLY 3   181 ?   ?   ?   A . n 
A 1 4   SER 4   182 ?   ?   ?   A . n 
A 1 5   HIS 5   183 ?   ?   ?   A . n 
A 1 6   HIS 6   184 ?   ?   ?   A . n 
A 1 7   HIS 7   185 ?   ?   ?   A . n 
A 1 8   HIS 8   186 ?   ?   ?   A . n 
A 1 9   HIS 9   187 ?   ?   ?   A . n 
A 1 10  HIS 10  188 ?   ?   ?   A . n 
A 1 11  GLY 11  189 ?   ?   ?   A . n 
A 1 12  SER 12  190 190 SER SER A . n 
A 1 13  GLU 13  191 191 GLU GLU A . n 
A 1 14  GLY 14  192 192 GLY GLY A . n 
A 1 15  MET 15  193 193 MET MET A . n 
A 1 16  GLN 16  194 194 GLN GLN A . n 
A 1 17  PHE 17  195 195 PHE PHE A . n 
A 1 18  ASP 18  196 196 ASP ASP A . n 
A 1 19  ARG 19  197 197 ARG ARG A . n 
A 1 20  GLY 20  198 198 GLY GLY A . n 
A 1 21  TYR 21  199 199 TYR TYR A . n 
A 1 22  LEU 22  200 200 LEU LEU A . n 
A 1 23  SER 23  201 201 SER SER A . n 
A 1 24  PRO 24  202 202 PRO PRO A . n 
A 1 25  TYR 25  203 203 TYR TYR A . n 
A 1 26  PHE 26  204 204 PHE PHE A . n 
A 1 27  ILE 27  205 205 ILE ILE A . n 
A 1 28  ASN 28  206 206 ASN ASN A . n 
A 1 29  LYS 29  207 207 LYS LYS A . n 
A 1 30  PRO 30  208 208 PRO PRO A . n 
A 1 31  GLU 31  209 209 GLU GLU A . n 
A 1 32  SER 32  210 210 SER SER A . n 
A 1 33  GLY 33  211 211 GLY GLY A . n 
A 1 34  SER 34  212 212 SER SER A . n 
A 1 35  VAL 35  213 213 VAL VAL A . n 
A 1 36  GLU 36  214 214 GLU GLU A . n 
A 1 37  LEU 37  215 215 LEU LEU A . n 
A 1 38  GLU 38  216 216 GLU GLU A . n 
A 1 39  ASN 39  217 217 ASN ASN A . n 
A 1 40  PRO 40  218 218 PRO PRO A . n 
A 1 41  TYR 41  219 219 TYR TYR A . n 
A 1 42  ILE 42  220 220 ILE ILE A . n 
A 1 43  LEU 43  221 221 LEU LEU A . n 
A 1 44  LEU 44  222 222 LEU LEU A . n 
A 1 45  VAL 45  223 223 VAL VAL A . n 
A 1 46  ASP 46  224 224 ASP ASP A . n 
A 1 47  LYS 47  225 225 LYS LYS A . n 
A 1 48  LYS 48  226 226 LYS LYS A . n 
A 1 49  ILE 49  227 227 ILE ILE A . n 
A 1 50  SER 50  228 228 SER SER A . n 
A 1 51  ASN 51  229 229 ASN ASN A . n 
A 1 52  ILE 52  230 230 ILE ILE A . n 
A 1 53  ARG 53  231 231 ARG ARG A . n 
A 1 54  GLU 54  232 232 GLU GLU A . n 
A 1 55  LEU 55  233 233 LEU LEU A . n 
A 1 56  LEU 56  234 234 LEU LEU A . n 
A 1 57  PRO 57  235 235 PRO PRO A . n 
A 1 58  VAL 58  236 236 VAL VAL A . n 
A 1 59  LEU 59  237 237 LEU LEU A . n 
A 1 60  GLU 60  238 238 GLU GLU A . n 
A 1 61  GLY 61  239 239 GLY GLY A . n 
A 1 62  VAL 62  240 240 VAL VAL A . n 
A 1 63  ALA 63  241 241 ALA ALA A . n 
A 1 64  LYS 64  242 242 LYS LYS A . n 
A 1 65  ALA 65  243 243 ALA ALA A . n 
A 1 66  SER 66  244 244 SER SER A . n 
A 1 67  LYS 67  245 245 LYS LYS A . n 
A 1 68  PRO 68  246 246 PRO PRO A . n 
A 1 69  LEU 69  247 247 LEU LEU A . n 
A 1 70  VAL 70  248 248 VAL VAL A . n 
A 1 71  ILE 71  249 249 ILE ILE A . n 
A 1 72  ILE 72  250 250 ILE ILE A . n 
A 1 73  ALA 73  251 251 ALA ALA A . n 
A 1 74  GLU 74  252 252 GLU GLU A . n 
A 1 75  ASP 75  253 253 ASP ASP A . n 
A 1 76  VAL 76  254 254 VAL VAL A . n 
A 1 77  GLU 77  255 255 GLU GLU A . n 
A 1 78  GLY 78  256 256 GLY GLY A . n 
A 1 79  GLU 79  257 257 GLU GLU A . n 
A 1 80  ALA 80  258 258 ALA ALA A . n 
A 1 81  LEU 81  259 259 LEU LEU A . n 
A 1 82  ALA 82  260 260 ALA ALA A . n 
A 1 83  THR 83  261 261 THR THR A . n 
A 1 84  LEU 84  262 262 LEU LEU A . n 
A 1 85  VAL 85  263 263 VAL VAL A . n 
A 1 86  VAL 86  264 264 VAL VAL A . n 
A 1 87  ASN 87  265 265 ASN ASN A . n 
A 1 88  ASN 88  266 266 ASN ASN A . n 
A 1 89  MET 89  267 267 MET MET A . n 
A 1 90  ARG 90  268 268 ARG ARG A . n 
A 1 91  GLY 91  269 269 GLY GLY A . n 
A 1 92  ILE 92  270 270 ILE ILE A . n 
A 1 93  VAL 93  271 271 VAL VAL A . n 
A 1 94  LYS 94  272 272 LYS LYS A . n 
A 1 95  VAL 95  273 273 VAL VAL A . n 
A 1 96  ALA 96  274 274 ALA ALA A . n 
A 1 97  SER 97  275 275 SER SER A . n 
A 1 98  VAL 98  276 276 VAL VAL A . n 
A 1 99  LYS 99  277 277 LYS LYS A . n 
A 1 100 ALA 100 278 278 ALA ALA A . n 
A 1 101 PRO 101 279 279 PRO PRO A . n 
A 1 102 GLY 102 280 280 GLY GLY A . n 
A 1 103 PHE 103 281 281 PHE PHE A . n 
A 1 104 GLY 104 282 282 GLY GLY A . n 
A 1 105 ASP 105 283 283 ASP ASP A . n 
A 1 106 ARG 106 284 284 ARG ARG A . n 
A 1 107 ARG 107 285 285 ARG ARG A . n 
A 1 108 LYS 108 286 286 LYS LYS A . n 
A 1 109 ALA 109 287 287 ALA ALA A . n 
A 1 110 MET 110 288 288 MET MET A . n 
A 1 111 LEU 111 289 289 LEU LEU A . n 
A 1 112 GLN 112 290 290 GLN GLN A . n 
A 1 113 ASP 113 291 291 ASP ASP A . n 
A 1 114 ILE 114 292 292 ILE ILE A . n 
A 1 115 ALA 115 293 293 ALA ALA A . n 
A 1 116 THR 116 294 294 THR THR A . n 
A 1 117 LEU 117 295 295 LEU LEU A . n 
A 1 118 THR 118 296 296 THR THR A . n 
A 1 119 ASN 119 297 297 ASN ASN A . n 
A 1 120 GLY 120 298 298 GLY GLY A . n 
A 1 121 THR 121 299 299 THR THR A . n 
A 1 122 VAL 122 300 300 VAL VAL A . n 
A 1 123 ILE 123 301 301 ILE ILE A . n 
A 1 124 SER 124 302 302 SER SER A . n 
A 1 125 GLU 125 303 303 GLU GLU A . n 
A 1 126 GLU 126 304 304 GLU GLU A . n 
A 1 127 ILE 127 305 305 ILE ILE A . n 
A 1 128 GLY 128 306 306 GLY GLY A . n 
A 1 129 LEU 129 307 307 LEU LEU A . n 
A 1 130 GLU 130 308 308 GLU GLU A . n 
A 1 131 LEU 131 309 309 LEU LEU A . n 
A 1 132 GLU 132 310 310 GLU GLU A . n 
A 1 133 LYS 133 311 311 LYS LYS A . n 
A 1 134 ALA 134 312 312 ALA ALA A . n 
A 1 135 THR 135 313 313 THR THR A . n 
A 1 136 LEU 136 314 314 LEU LEU A . n 
A 1 137 GLU 137 315 315 GLU GLU A . n 
A 1 138 ASP 138 316 316 ASP ASP A . n 
A 1 139 LEU 139 317 317 LEU LEU A . n 
A 1 140 GLY 140 318 318 GLY GLY A . n 
A 1 141 GLN 141 319 319 GLN GLN A . n 
A 1 142 ALA 142 320 320 ALA ALA A . n 
A 1 143 LYS 143 321 321 LYS LYS A . n 
A 1 144 ARG 144 322 322 ARG ARG A . n 
A 1 145 VAL 145 323 323 VAL VAL A . n 
A 1 146 VAL 146 324 324 VAL VAL A . n 
A 1 147 ILE 147 325 325 ILE ILE A . n 
A 1 148 ASN 148 326 326 ASN ASN A . n 
A 1 149 LYS 149 327 327 LYS LYS A . n 
A 1 150 ASP 150 328 328 ASP ASP A . n 
A 1 151 THR 151 329 329 THR THR A . n 
A 1 152 THR 152 330 330 THR THR A . n 
A 1 153 THR 153 331 331 THR THR A . n 
A 1 154 ILE 154 332 332 ILE ILE A . n 
A 1 155 ILE 155 333 333 ILE ILE A . n 
A 1 156 ASP 156 334 334 ASP ASP A . n 
A 1 157 GLY 157 335 335 GLY GLY A . n 
A 1 158 VAL 158 336 336 VAL VAL A . n 
A 1 159 GLY 159 337 337 GLY GLY A . n 
A 1 160 GLU 160 338 338 GLU GLU A . n 
A 1 161 GLU 161 339 339 GLU GLU A . n 
A 1 162 GLY 162 340 340 GLY GLY A . n 
A 1 163 ALA 163 341 341 ALA ALA A . n 
A 1 164 ILE 164 342 342 ILE ILE A . n 
A 1 165 ALA 165 343 343 ALA ALA A . n 
A 1 166 ALA 166 344 344 ALA ALA A . n 
A 1 167 ARG 167 345 345 ARG ARG A . n 
A 1 168 VAL 168 346 346 VAL VAL A . n 
A 1 169 THR 169 347 347 THR THR A . n 
A 1 170 GLN 170 348 348 GLN GLN A . n 
A 1 171 ILE 171 349 349 ILE ILE A . n 
A 1 172 ARG 172 350 350 ARG ARG A . n 
A 1 173 GLN 173 351 351 GLN GLN A . n 
A 1 174 GLN 174 352 352 GLN GLN A . n 
A 1 175 ILE 175 353 353 ILE ILE A . n 
A 1 176 GLU 176 354 354 GLU GLU A . n 
A 1 177 GLU 177 355 355 GLU GLU A . n 
A 1 178 SER 178 356 356 SER SER A . n 
A 1 179 THR 179 357 357 THR THR A . n 
A 1 180 SER 180 358 358 SER SER A . n 
A 1 181 ASP 181 359 359 ASP ASP A . n 
A 1 182 TYR 182 360 360 TYR TYR A . n 
A 1 183 ASP 183 361 361 ASP ASP A . n 
A 1 184 ARG 184 362 362 ARG ARG A . n 
A 1 185 GLU 185 363 363 GLU GLU A . n 
A 1 186 LYS 186 364 364 LYS LYS A . n 
A 1 187 LEU 187 365 365 LEU LEU A . n 
A 1 188 GLN 188 366 366 GLN GLN A . n 
A 1 189 GLU 189 367 367 GLU GLU A . n 
A 1 190 ARG 190 368 368 ARG ARG A . n 
A 1 191 VAL 191 369 369 VAL VAL A . n 
A 1 192 ALA 192 370 370 ALA ALA A . n 
A 1 193 LYS 193 371 371 LYS LYS A . n 
A 1 194 LEU 194 372 372 LEU LEU A . n 
A 1 195 ALA 195 373 373 ALA ALA A . n 
A 1 196 GLY 196 374 374 GLY GLY A . n 
A 1 197 GLY 197 375 375 GLY GLY A . n 
A 1 198 VAL 198 376 376 VAL VAL A . n 
A 1 199 LYS 199 377 377 LYS LYS A . n 
A 1 200 LEU 200 378 378 LEU LEU A . n 
A 1 201 ASN 201 379 379 ASN ASN A . n 
# 
loop_
_pdbx_nonpoly_scheme.asym_id 
_pdbx_nonpoly_scheme.entity_id 
_pdbx_nonpoly_scheme.mon_id 
_pdbx_nonpoly_scheme.ndb_seq_num 
_pdbx_nonpoly_scheme.pdb_seq_num 
_pdbx_nonpoly_scheme.auth_seq_num 
_pdbx_nonpoly_scheme.pdb_mon_id 
_pdbx_nonpoly_scheme.auth_mon_id 
_pdbx_nonpoly_scheme.pdb_strand_id 
_pdbx_nonpoly_scheme.pdb_ins_code 
B 2 HOH 1   1   1   HOH HOH A . 
B 2 HOH 2   2   2   HOH HOH A . 
B 2 HOH 3   3   3   HOH HOH A . 
B 2 HOH 4   4   4   HOH HOH A . 
B 2 HOH 5   5   5   HOH HOH A . 
B 2 HOH 6   6   6   HOH HOH A . 
B 2 HOH 7   7   7   HOH HOH A . 
B 2 HOH 8   8   8   HOH HOH A . 
B 2 HOH 9   9   9   HOH HOH A . 
B 2 HOH 10  10  10  HOH HOH A . 
B 2 HOH 11  11  11  HOH HOH A . 
B 2 HOH 12  12  12  HOH HOH A . 
B 2 HOH 13  13  13  HOH HOH A . 
B 2 HOH 14  14  14  HOH HOH A . 
B 2 HOH 15  15  15  HOH HOH A . 
B 2 HOH 16  16  16  HOH HOH A . 
B 2 HOH 17  17  17  HOH HOH A . 
B 2 HOH 18  18  18  HOH HOH A . 
B 2 HOH 19  19  19  HOH HOH A . 
B 2 HOH 20  20  20  HOH HOH A . 
B 2 HOH 21  21  21  HOH HOH A . 
B 2 HOH 22  22  22  HOH HOH A . 
B 2 HOH 23  23  23  HOH HOH A . 
B 2 HOH 24  24  24  HOH HOH A . 
B 2 HOH 25  25  25  HOH HOH A . 
B 2 HOH 26  26  26  HOH HOH A . 
B 2 HOH 27  27  27  HOH HOH A . 
B 2 HOH 28  28  28  HOH HOH A . 
B 2 HOH 29  29  29  HOH HOH A . 
B 2 HOH 30  30  30  HOH HOH A . 
B 2 HOH 31  31  31  HOH HOH A . 
B 2 HOH 32  32  32  HOH HOH A . 
B 2 HOH 33  33  33  HOH HOH A . 
B 2 HOH 34  34  34  HOH HOH A . 
B 2 HOH 35  35  35  HOH HOH A . 
B 2 HOH 36  36  36  HOH HOH A . 
B 2 HOH 37  37  37  HOH HOH A . 
B 2 HOH 38  38  38  HOH HOH A . 
B 2 HOH 39  39  39  HOH HOH A . 
B 2 HOH 40  40  40  HOH HOH A . 
B 2 HOH 41  41  41  HOH HOH A . 
B 2 HOH 42  42  42  HOH HOH A . 
B 2 HOH 43  43  43  HOH HOH A . 
B 2 HOH 44  44  44  HOH HOH A . 
B 2 HOH 45  45  45  HOH HOH A . 
B 2 HOH 46  46  46  HOH HOH A . 
B 2 HOH 47  47  47  HOH HOH A . 
B 2 HOH 48  48  48  HOH HOH A . 
B 2 HOH 49  49  49  HOH HOH A . 
B 2 HOH 50  50  50  HOH HOH A . 
B 2 HOH 51  51  51  HOH HOH A . 
B 2 HOH 52  52  52  HOH HOH A . 
B 2 HOH 53  53  53  HOH HOH A . 
B 2 HOH 54  54  54  HOH HOH A . 
B 2 HOH 55  55  55  HOH HOH A . 
B 2 HOH 56  56  56  HOH HOH A . 
B 2 HOH 57  57  57  HOH HOH A . 
B 2 HOH 58  58  58  HOH HOH A . 
B 2 HOH 59  59  59  HOH HOH A . 
B 2 HOH 60  60  60  HOH HOH A . 
B 2 HOH 61  61  61  HOH HOH A . 
B 2 HOH 62  62  62  HOH HOH A . 
B 2 HOH 63  63  63  HOH HOH A . 
B 2 HOH 64  64  64  HOH HOH A . 
B 2 HOH 65  65  65  HOH HOH A . 
B 2 HOH 66  66  66  HOH HOH A . 
B 2 HOH 67  67  67  HOH HOH A . 
B 2 HOH 68  68  68  HOH HOH A . 
B 2 HOH 69  69  69  HOH HOH A . 
B 2 HOH 70  70  70  HOH HOH A . 
B 2 HOH 71  71  71  HOH HOH A . 
B 2 HOH 72  72  72  HOH HOH A . 
B 2 HOH 73  73  73  HOH HOH A . 
B 2 HOH 74  74  74  HOH HOH A . 
B 2 HOH 75  75  75  HOH HOH A . 
B 2 HOH 76  76  76  HOH HOH A . 
B 2 HOH 77  77  77  HOH HOH A . 
B 2 HOH 78  78  78  HOH HOH A . 
B 2 HOH 79  79  79  HOH HOH A . 
B 2 HOH 80  80  80  HOH HOH A . 
B 2 HOH 81  81  81  HOH HOH A . 
B 2 HOH 82  82  82  HOH HOH A . 
B 2 HOH 83  83  83  HOH HOH A . 
B 2 HOH 84  84  84  HOH HOH A . 
B 2 HOH 85  85  85  HOH HOH A . 
B 2 HOH 86  86  86  HOH HOH A . 
B 2 HOH 87  87  87  HOH HOH A . 
B 2 HOH 88  88  88  HOH HOH A . 
B 2 HOH 89  89  89  HOH HOH A . 
B 2 HOH 90  90  90  HOH HOH A . 
B 2 HOH 91  91  91  HOH HOH A . 
B 2 HOH 92  92  92  HOH HOH A . 
B 2 HOH 93  93  93  HOH HOH A . 
B 2 HOH 94  94  94  HOH HOH A . 
B 2 HOH 95  95  95  HOH HOH A . 
B 2 HOH 96  96  96  HOH HOH A . 
B 2 HOH 97  97  97  HOH HOH A . 
B 2 HOH 98  98  98  HOH HOH A . 
B 2 HOH 99  99  99  HOH HOH A . 
B 2 HOH 100 100 100 HOH HOH A . 
B 2 HOH 101 101 101 HOH HOH A . 
B 2 HOH 102 102 102 HOH HOH A . 
B 2 HOH 103 103 103 HOH HOH A . 
B 2 HOH 104 104 104 HOH HOH A . 
B 2 HOH 105 105 105 HOH HOH A . 
B 2 HOH 106 106 106 HOH HOH A . 
B 2 HOH 107 107 107 HOH HOH A . 
B 2 HOH 108 108 108 HOH HOH A . 
B 2 HOH 109 109 109 HOH HOH A . 
B 2 HOH 110 110 110 HOH HOH A . 
B 2 HOH 111 111 111 HOH HOH A . 
B 2 HOH 112 112 112 HOH HOH A . 
B 2 HOH 113 113 113 HOH HOH A . 
B 2 HOH 114 114 114 HOH HOH A . 
B 2 HOH 115 115 115 HOH HOH A . 
B 2 HOH 116 116 116 HOH HOH A . 
B 2 HOH 117 117 117 HOH HOH A . 
B 2 HOH 118 118 118 HOH HOH A . 
B 2 HOH 119 119 119 HOH HOH A . 
B 2 HOH 120 120 120 HOH HOH A . 
B 2 HOH 121 121 121 HOH HOH A . 
B 2 HOH 122 122 122 HOH HOH A . 
B 2 HOH 123 123 123 HOH HOH A . 
B 2 HOH 124 124 124 HOH HOH A . 
B 2 HOH 125 125 125 HOH HOH A . 
B 2 HOH 126 126 126 HOH HOH A . 
B 2 HOH 127 127 127 HOH HOH A . 
B 2 HOH 128 128 128 HOH HOH A . 
B 2 HOH 129 129 129 HOH HOH A . 
B 2 HOH 130 130 130 HOH HOH A . 
B 2 HOH 131 131 131 HOH HOH A . 
B 2 HOH 132 132 132 HOH HOH A . 
B 2 HOH 133 133 133 HOH HOH A . 
B 2 HOH 134 134 134 HOH HOH A . 
B 2 HOH 135 135 135 HOH HOH A . 
B 2 HOH 136 136 136 HOH HOH A . 
B 2 HOH 137 137 137 HOH HOH A . 
B 2 HOH 138 138 138 HOH HOH A . 
B 2 HOH 139 139 139 HOH HOH A . 
B 2 HOH 140 140 140 HOH HOH A . 
B 2 HOH 141 141 141 HOH HOH A . 
B 2 HOH 142 142 142 HOH HOH A . 
B 2 HOH 143 143 143 HOH HOH A . 
B 2 HOH 144 144 144 HOH HOH A . 
B 2 HOH 145 145 145 HOH HOH A . 
B 2 HOH 146 146 146 HOH HOH A . 
B 2 HOH 147 147 147 HOH HOH A . 
B 2 HOH 148 148 148 HOH HOH A . 
B 2 HOH 149 149 149 HOH HOH A . 
B 2 HOH 150 150 150 HOH HOH A . 
B 2 HOH 151 151 151 HOH HOH A . 
B 2 HOH 152 152 152 HOH HOH A . 
B 2 HOH 153 153 153 HOH HOH A . 
B 2 HOH 154 154 154 HOH HOH A . 
B 2 HOH 155 155 155 HOH HOH A . 
B 2 HOH 156 156 156 HOH HOH A . 
B 2 HOH 157 157 157 HOH HOH A . 
B 2 HOH 158 158 158 HOH HOH A . 
B 2 HOH 159 159 159 HOH HOH A . 
B 2 HOH 160 160 160 HOH HOH A . 
B 2 HOH 161 161 161 HOH HOH A . 
B 2 HOH 162 162 162 HOH HOH A . 
B 2 HOH 163 163 163 HOH HOH A . 
B 2 HOH 164 164 164 HOH HOH A . 
B 2 HOH 165 165 165 HOH HOH A . 
B 2 HOH 166 166 166 HOH HOH A . 
B 2 HOH 167 167 167 HOH HOH A . 
B 2 HOH 168 168 168 HOH HOH A . 
B 2 HOH 169 169 169 HOH HOH A . 
B 2 HOH 170 170 170 HOH HOH A . 
B 2 HOH 171 171 171 HOH HOH A . 
B 2 HOH 172 172 172 HOH HOH A . 
B 2 HOH 173 173 173 HOH HOH A . 
B 2 HOH 174 174 174 HOH HOH A . 
B 2 HOH 175 175 175 HOH HOH A . 
B 2 HOH 176 176 176 HOH HOH A . 
B 2 HOH 177 177 177 HOH HOH A . 
B 2 HOH 178 178 178 HOH HOH A . 
B 2 HOH 179 380 179 HOH HOH A . 
B 2 HOH 180 381 180 HOH HOH A . 
B 2 HOH 181 382 181 HOH HOH A . 
B 2 HOH 182 383 182 HOH HOH A . 
B 2 HOH 183 384 183 HOH HOH A . 
B 2 HOH 184 385 184 HOH HOH A . 
B 2 HOH 185 386 185 HOH HOH A . 
B 2 HOH 186 387 186 HOH HOH A . 
B 2 HOH 187 388 187 HOH HOH A . 
B 2 HOH 188 389 188 HOH HOH A . 
B 2 HOH 189 390 189 HOH HOH A . 
B 2 HOH 190 391 190 HOH HOH A . 
B 2 HOH 191 392 191 HOH HOH A . 
B 2 HOH 192 393 192 HOH HOH A . 
B 2 HOH 193 394 193 HOH HOH A . 
B 2 HOH 194 395 194 HOH HOH A . 
B 2 HOH 195 396 195 HOH HOH A . 
B 2 HOH 196 397 196 HOH HOH A . 
B 2 HOH 197 398 197 HOH HOH A . 
B 2 HOH 198 399 198 HOH HOH A . 
B 2 HOH 199 400 199 HOH HOH A . 
B 2 HOH 200 401 200 HOH HOH A . 
B 2 HOH 201 402 201 HOH HOH A . 
B 2 HOH 202 403 202 HOH HOH A . 
B 2 HOH 203 404 203 HOH HOH A . 
B 2 HOH 204 405 204 HOH HOH A . 
B 2 HOH 205 406 205 HOH HOH A . 
B 2 HOH 206 407 206 HOH HOH A . 
B 2 HOH 207 408 207 HOH HOH A . 
B 2 HOH 208 409 208 HOH HOH A . 
B 2 HOH 209 410 209 HOH HOH A . 
B 2 HOH 210 411 210 HOH HOH A . 
B 2 HOH 211 412 211 HOH HOH A . 
B 2 HOH 212 413 212 HOH HOH A . 
B 2 HOH 213 414 213 HOH HOH A . 
B 2 HOH 214 415 214 HOH HOH A . 
B 2 HOH 215 416 215 HOH HOH A . 
B 2 HOH 216 417 216 HOH HOH A . 
B 2 HOH 217 418 217 HOH HOH A . 
B 2 HOH 218 419 218 HOH HOH A . 
B 2 HOH 219 420 219 HOH HOH A . 
B 2 HOH 220 421 220 HOH HOH A . 
B 2 HOH 221 422 221 HOH HOH A . 
B 2 HOH 222 423 222 HOH HOH A . 
B 2 HOH 223 424 223 HOH HOH A . 
B 2 HOH 224 425 224 HOH HOH A . 
B 2 HOH 225 426 225 HOH HOH A . 
B 2 HOH 226 427 226 HOH HOH A . 
B 2 HOH 227 428 227 HOH HOH A . 
B 2 HOH 228 429 228 HOH HOH A . 
B 2 HOH 229 430 229 HOH HOH A . 
B 2 HOH 230 431 230 HOH HOH A . 
B 2 HOH 231 432 231 HOH HOH A . 
B 2 HOH 232 433 232 HOH HOH A . 
B 2 HOH 233 434 233 HOH HOH A . 
B 2 HOH 234 435 234 HOH HOH A . 
B 2 HOH 235 436 235 HOH HOH A . 
B 2 HOH 236 437 236 HOH HOH A . 
B 2 HOH 237 438 237 HOH HOH A . 
B 2 HOH 238 439 238 HOH HOH A . 
B 2 HOH 239 440 239 HOH HOH A . 
B 2 HOH 240 441 240 HOH HOH A . 
B 2 HOH 241 442 241 HOH HOH A . 
B 2 HOH 242 443 242 HOH HOH A . 
B 2 HOH 243 444 243 HOH HOH A . 
B 2 HOH 244 445 244 HOH HOH A . 
B 2 HOH 245 446 245 HOH HOH A . 
B 2 HOH 246 447 246 HOH HOH A . 
B 2 HOH 247 448 247 HOH HOH A . 
B 2 HOH 248 449 248 HOH HOH A . 
B 2 HOH 249 450 249 HOH HOH A . 
B 2 HOH 250 451 250 HOH HOH A . 
B 2 HOH 251 452 251 HOH HOH A . 
B 2 HOH 252 453 252 HOH HOH A . 
B 2 HOH 253 454 253 HOH HOH A . 
B 2 HOH 254 455 254 HOH HOH A . 
B 2 HOH 255 456 255 HOH HOH A . 
B 2 HOH 256 457 256 HOH HOH A . 
B 2 HOH 257 458 257 HOH HOH A . 
B 2 HOH 258 459 258 HOH HOH A . 
B 2 HOH 259 460 259 HOH HOH A . 
B 2 HOH 260 461 260 HOH HOH A . 
B 2 HOH 261 462 261 HOH HOH A . 
B 2 HOH 262 463 262 HOH HOH A . 
B 2 HOH 263 464 263 HOH HOH A . 
B 2 HOH 264 465 264 HOH HOH A . 
B 2 HOH 265 466 265 HOH HOH A . 
B 2 HOH 266 467 266 HOH HOH A . 
B 2 HOH 267 468 267 HOH HOH A . 
B 2 HOH 268 469 268 HOH HOH A . 
B 2 HOH 269 470 269 HOH HOH A . 
B 2 HOH 270 471 270 HOH HOH A . 
B 2 HOH 271 472 271 HOH HOH A . 
B 2 HOH 272 473 272 HOH HOH A . 
B 2 HOH 273 474 273 HOH HOH A . 
B 2 HOH 274 475 274 HOH HOH A . 
B 2 HOH 275 476 275 HOH HOH A . 
B 2 HOH 276 477 276 HOH HOH A . 
B 2 HOH 277 478 277 HOH HOH A . 
B 2 HOH 278 479 278 HOH HOH A . 
B 2 HOH 279 480 279 HOH HOH A . 
B 2 HOH 280 481 280 HOH HOH A . 
B 2 HOH 281 482 281 HOH HOH A . 
B 2 HOH 282 483 282 HOH HOH A . 
B 2 HOH 283 484 283 HOH HOH A . 
B 2 HOH 284 485 284 HOH HOH A . 
B 2 HOH 285 486 285 HOH HOH A . 
B 2 HOH 286 487 286 HOH HOH A . 
B 2 HOH 287 488 287 HOH HOH A . 
B 2 HOH 288 489 288 HOH HOH A . 
B 2 HOH 289 490 289 HOH HOH A . 
B 2 HOH 290 491 290 HOH HOH A . 
B 2 HOH 291 492 291 HOH HOH A . 
B 2 HOH 292 493 292 HOH HOH A . 
B 2 HOH 293 494 293 HOH HOH A . 
B 2 HOH 294 495 294 HOH HOH A . 
B 2 HOH 295 496 295 HOH HOH A . 
B 2 HOH 296 497 296 HOH HOH A . 
B 2 HOH 297 498 297 HOH HOH A . 
B 2 HOH 298 499 298 HOH HOH A . 
# 
_pdbx_struct_assembly.id                   1 
_pdbx_struct_assembly.details              author_and_software_defined_assembly 
_pdbx_struct_assembly.method_details       PISA 
_pdbx_struct_assembly.oligomeric_details   monomeric 
_pdbx_struct_assembly.oligomeric_count     1 
# 
_pdbx_struct_assembly_gen.assembly_id       1 
_pdbx_struct_assembly_gen.oper_expression   1 
_pdbx_struct_assembly_gen.asym_id_list      A,B 
# 
_pdbx_struct_oper_list.id                   1 
_pdbx_struct_oper_list.type                 'identity operation' 
_pdbx_struct_oper_list.name                 1_555 
_pdbx_struct_oper_list.symmetry_operation   x,y,z 
_pdbx_struct_oper_list.matrix[1][1]         1.0000000000 
_pdbx_struct_oper_list.matrix[1][2]         0.0000000000 
_pdbx_struct_oper_list.matrix[1][3]         0.0000000000 
_pdbx_struct_oper_list.vector[1]            0.0000000000 
_pdbx_struct_oper_list.matrix[2][1]         0.0000000000 
_pdbx_struct_oper_list.matrix[2][2]         1.0000000000 
_pdbx_struct_oper_list.matrix[2][3]         0.0000000000 
_pdbx_struct_oper_list.vector[2]            0.0000000000 
_pdbx_struct_oper_list.matrix[3][1]         0.0000000000 
_pdbx_struct_oper_list.matrix[3][2]         0.0000000000 
_pdbx_struct_oper_list.matrix[3][3]         1.0000000000 
_pdbx_struct_oper_list.vector[3]            0.0000000000 
# 
loop_
_pdbx_audit_revision_history.ordinal 
_pdbx_audit_revision_history.data_content_type 
_pdbx_audit_revision_history.major_revision 
_pdbx_audit_revision_history.minor_revision 
_pdbx_audit_revision_history.revision_date 
1 'Structure model' 1 0 2011-10-05 
2 'Structure model' 1 1 2023-11-01 
# 
_pdbx_audit_revision_details.ordinal             1 
_pdbx_audit_revision_details.revision_ordinal    1 
_pdbx_audit_revision_details.data_content_type   'Structure model' 
_pdbx_audit_revision_details.provider            repository 
_pdbx_audit_revision_details.type                'Initial release' 
_pdbx_audit_revision_details.description         ? 
_pdbx_audit_revision_details.details             ? 
# 
loop_
_pdbx_audit_revision_group.ordinal 
_pdbx_audit_revision_group.revision_ordinal 
_pdbx_audit_revision_group.data_content_type 
_pdbx_audit_revision_group.group 
1 2 'Structure model' 'Data collection'        
2 2 'Structure model' 'Database references'    
3 2 'Structure model' 'Refinement description' 
# 
loop_
_pdbx_audit_revision_category.ordinal 
_pdbx_audit_revision_category.revision_ordinal 
_pdbx_audit_revision_category.data_content_type 
_pdbx_audit_revision_category.category 
1 2 'Structure model' chem_comp_atom                
2 2 'Structure model' chem_comp_bond                
3 2 'Structure model' database_2                    
4 2 'Structure model' pdbx_initial_refinement_model 
5 2 'Structure model' struct_ref_seq_dif            
# 
loop_
_pdbx_audit_revision_item.ordinal 
_pdbx_audit_revision_item.revision_ordinal 
_pdbx_audit_revision_item.data_content_type 
_pdbx_audit_revision_item.item 
1 2 'Structure model' '_database_2.pdbx_DOI'                
2 2 'Structure model' '_database_2.pdbx_database_accession' 
3 2 'Structure model' '_struct_ref_seq_dif.details'         
# 
loop_
_software.pdbx_ordinal 
_software.name 
_software.version 
_software.date 
_software.type 
_software.contact_author 
_software.contact_author_email 
_software.classification 
_software.location 
_software.language 
_software.citation_id 
1 REFMAC        .    ?               program 'Garib N. Murshudov' garib@ysbl.york.ac.uk    refinement        
http://www.ccp4.ac.uk/dist/html/refmac5.html Fortran_77 ? 
2 PDB_EXTRACT   3.10 'June 10, 2010' package PDB                  deposit@deposit.rcsb.org 'data extraction' 
http://sw-tools.pdb.org/apps/PDB_EXTRACT/    C++        ? 
3 MAR345dtb     .    ?               ?       ?                    ?                        'data collection' ? ?          ? 
4 DENZO         .    ?               ?       ?                    ?                        'data reduction'  ? ?          ? 
5 SCALEPACK     .    ?               ?       ?                    ?                        'data scaling'    ? ?          ? 
6 Auto-Rickshaw .    ?               ?       ?                    ?                        phasing           ? ?          ? 
# 
loop_
_pdbx_validate_close_contact.id 
_pdbx_validate_close_contact.PDB_model_num 
_pdbx_validate_close_contact.auth_atom_id_1 
_pdbx_validate_close_contact.auth_asym_id_1 
_pdbx_validate_close_contact.auth_comp_id_1 
_pdbx_validate_close_contact.auth_seq_id_1 
_pdbx_validate_close_contact.PDB_ins_code_1 
_pdbx_validate_close_contact.label_alt_id_1 
_pdbx_validate_close_contact.auth_atom_id_2 
_pdbx_validate_close_contact.auth_asym_id_2 
_pdbx_validate_close_contact.auth_comp_id_2 
_pdbx_validate_close_contact.auth_seq_id_2 
_pdbx_validate_close_contact.PDB_ins_code_2 
_pdbx_validate_close_contact.label_alt_id_2 
_pdbx_validate_close_contact.dist 
1 1 O A HOH 462 ? ? O A HOH 486 ? ? 2.04 
2 1 O A HOH 21  ? ? O A HOH 497 ? ? 2.16 
# 
loop_
_pdbx_validate_torsion.id 
_pdbx_validate_torsion.PDB_model_num 
_pdbx_validate_torsion.auth_comp_id 
_pdbx_validate_torsion.auth_asym_id 
_pdbx_validate_torsion.auth_seq_id 
_pdbx_validate_torsion.PDB_ins_code 
_pdbx_validate_torsion.label_alt_id 
_pdbx_validate_torsion.phi 
_pdbx_validate_torsion.psi 
1 1 GLU A 191 ? ? -98.95  38.74   
2 1 ASP A 196 ? ? -89.63  47.96   
3 1 ASP A 224 ? ? -89.50  35.97   
4 1 ASN A 326 ? ? -126.90 -164.70 
# 
loop_
_pdbx_unobs_or_zero_occ_atoms.id 
_pdbx_unobs_or_zero_occ_atoms.PDB_model_num 
_pdbx_unobs_or_zero_occ_atoms.polymer_flag 
_pdbx_unobs_or_zero_occ_atoms.occupancy_flag 
_pdbx_unobs_or_zero_occ_atoms.auth_asym_id 
_pdbx_unobs_or_zero_occ_atoms.auth_comp_id 
_pdbx_unobs_or_zero_occ_atoms.auth_seq_id 
_pdbx_unobs_or_zero_occ_atoms.PDB_ins_code 
_pdbx_unobs_or_zero_occ_atoms.auth_atom_id 
_pdbx_unobs_or_zero_occ_atoms.label_alt_id 
_pdbx_unobs_or_zero_occ_atoms.label_asym_id 
_pdbx_unobs_or_zero_occ_atoms.label_comp_id 
_pdbx_unobs_or_zero_occ_atoms.label_seq_id 
_pdbx_unobs_or_zero_occ_atoms.label_atom_id 
1 1 Y 1 A LYS 242 ? CG ? A LYS 64 CG 
2 1 Y 1 A LYS 242 ? CD ? A LYS 64 CD 
3 1 Y 1 A LYS 242 ? CE ? A LYS 64 CE 
4 1 Y 1 A LYS 242 ? NZ ? A LYS 64 NZ 
# 
loop_
_pdbx_unobs_or_zero_occ_residues.id 
_pdbx_unobs_or_zero_occ_residues.PDB_model_num 
_pdbx_unobs_or_zero_occ_residues.polymer_flag 
_pdbx_unobs_or_zero_occ_residues.occupancy_flag 
_pdbx_unobs_or_zero_occ_residues.auth_asym_id 
_pdbx_unobs_or_zero_occ_residues.auth_comp_id 
_pdbx_unobs_or_zero_occ_residues.auth_seq_id 
_pdbx_unobs_or_zero_occ_residues.PDB_ins_code 
_pdbx_unobs_or_zero_occ_residues.label_asym_id 
_pdbx_unobs_or_zero_occ_residues.label_comp_id 
_pdbx_unobs_or_zero_occ_residues.label_seq_id 
1  1 Y 1 A MET 179 ? A MET 1  
2  1 Y 1 A ARG 180 ? A ARG 2  
3  1 Y 1 A GLY 181 ? A GLY 3  
4  1 Y 1 A SER 182 ? A SER 4  
5  1 Y 1 A HIS 183 ? A HIS 5  
6  1 Y 1 A HIS 184 ? A HIS 6  
7  1 Y 1 A HIS 185 ? A HIS 7  
8  1 Y 1 A HIS 186 ? A HIS 8  
9  1 Y 1 A HIS 187 ? A HIS 9  
10 1 Y 1 A HIS 188 ? A HIS 10 
11 1 Y 1 A GLY 189 ? A GLY 11 
# 
loop_
_chem_comp_atom.comp_id 
_chem_comp_atom.atom_id 
_chem_comp_atom.type_symbol 
_chem_comp_atom.pdbx_aromatic_flag 
_chem_comp_atom.pdbx_stereo_config 
_chem_comp_atom.pdbx_ordinal 
ALA N    N N N 1   
ALA CA   C N S 2   
ALA C    C N N 3   
ALA O    O N N 4   
ALA CB   C N N 5   
ALA OXT  O N N 6   
ALA H    H N N 7   
ALA H2   H N N 8   
ALA HA   H N N 9   
ALA HB1  H N N 10  
ALA HB2  H N N 11  
ALA HB3  H N N 12  
ALA HXT  H N N 13  
ARG N    N N N 14  
ARG CA   C N S 15  
ARG C    C N N 16  
ARG O    O N N 17  
ARG CB   C N N 18  
ARG CG   C N N 19  
ARG CD   C N N 20  
ARG NE   N N N 21  
ARG CZ   C N N 22  
ARG NH1  N N N 23  
ARG NH2  N N N 24  
ARG OXT  O N N 25  
ARG H    H N N 26  
ARG H2   H N N 27  
ARG HA   H N N 28  
ARG HB2  H N N 29  
ARG HB3  H N N 30  
ARG HG2  H N N 31  
ARG HG3  H N N 32  
ARG HD2  H N N 33  
ARG HD3  H N N 34  
ARG HE   H N N 35  
ARG HH11 H N N 36  
ARG HH12 H N N 37  
ARG HH21 H N N 38  
ARG HH22 H N N 39  
ARG HXT  H N N 40  
ASN N    N N N 41  
ASN CA   C N S 42  
ASN C    C N N 43  
ASN O    O N N 44  
ASN CB   C N N 45  
ASN CG   C N N 46  
ASN OD1  O N N 47  
ASN ND2  N N N 48  
ASN OXT  O N N 49  
ASN H    H N N 50  
ASN H2   H N N 51  
ASN HA   H N N 52  
ASN HB2  H N N 53  
ASN HB3  H N N 54  
ASN HD21 H N N 55  
ASN HD22 H N N 56  
ASN HXT  H N N 57  
ASP N    N N N 58  
ASP CA   C N S 59  
ASP C    C N N 60  
ASP O    O N N 61  
ASP CB   C N N 62  
ASP CG   C N N 63  
ASP OD1  O N N 64  
ASP OD2  O N N 65  
ASP OXT  O N N 66  
ASP H    H N N 67  
ASP H2   H N N 68  
ASP HA   H N N 69  
ASP HB2  H N N 70  
ASP HB3  H N N 71  
ASP HD2  H N N 72  
ASP HXT  H N N 73  
GLN N    N N N 74  
GLN CA   C N S 75  
GLN C    C N N 76  
GLN O    O N N 77  
GLN CB   C N N 78  
GLN CG   C N N 79  
GLN CD   C N N 80  
GLN OE1  O N N 81  
GLN NE2  N N N 82  
GLN OXT  O N N 83  
GLN H    H N N 84  
GLN H2   H N N 85  
GLN HA   H N N 86  
GLN HB2  H N N 87  
GLN HB3  H N N 88  
GLN HG2  H N N 89  
GLN HG3  H N N 90  
GLN HE21 H N N 91  
GLN HE22 H N N 92  
GLN HXT  H N N 93  
GLU N    N N N 94  
GLU CA   C N S 95  
GLU C    C N N 96  
GLU O    O N N 97  
GLU CB   C N N 98  
GLU CG   C N N 99  
GLU CD   C N N 100 
GLU OE1  O N N 101 
GLU OE2  O N N 102 
GLU OXT  O N N 103 
GLU H    H N N 104 
GLU H2   H N N 105 
GLU HA   H N N 106 
GLU HB2  H N N 107 
GLU HB3  H N N 108 
GLU HG2  H N N 109 
GLU HG3  H N N 110 
GLU HE2  H N N 111 
GLU HXT  H N N 112 
GLY N    N N N 113 
GLY CA   C N N 114 
GLY C    C N N 115 
GLY O    O N N 116 
GLY OXT  O N N 117 
GLY H    H N N 118 
GLY H2   H N N 119 
GLY HA2  H N N 120 
GLY HA3  H N N 121 
GLY HXT  H N N 122 
HIS N    N N N 123 
HIS CA   C N S 124 
HIS C    C N N 125 
HIS O    O N N 126 
HIS CB   C N N 127 
HIS CG   C Y N 128 
HIS ND1  N Y N 129 
HIS CD2  C Y N 130 
HIS CE1  C Y N 131 
HIS NE2  N Y N 132 
HIS OXT  O N N 133 
HIS H    H N N 134 
HIS H2   H N N 135 
HIS HA   H N N 136 
HIS HB2  H N N 137 
HIS HB3  H N N 138 
HIS HD1  H N N 139 
HIS HD2  H N N 140 
HIS HE1  H N N 141 
HIS HE2  H N N 142 
HIS HXT  H N N 143 
HOH O    O N N 144 
HOH H1   H N N 145 
HOH H2   H N N 146 
ILE N    N N N 147 
ILE CA   C N S 148 
ILE C    C N N 149 
ILE O    O N N 150 
ILE CB   C N S 151 
ILE CG1  C N N 152 
ILE CG2  C N N 153 
ILE CD1  C N N 154 
ILE OXT  O N N 155 
ILE H    H N N 156 
ILE H2   H N N 157 
ILE HA   H N N 158 
ILE HB   H N N 159 
ILE HG12 H N N 160 
ILE HG13 H N N 161 
ILE HG21 H N N 162 
ILE HG22 H N N 163 
ILE HG23 H N N 164 
ILE HD11 H N N 165 
ILE HD12 H N N 166 
ILE HD13 H N N 167 
ILE HXT  H N N 168 
LEU N    N N N 169 
LEU CA   C N S 170 
LEU C    C N N 171 
LEU O    O N N 172 
LEU CB   C N N 173 
LEU CG   C N N 174 
LEU CD1  C N N 175 
LEU CD2  C N N 176 
LEU OXT  O N N 177 
LEU H    H N N 178 
LEU H2   H N N 179 
LEU HA   H N N 180 
LEU HB2  H N N 181 
LEU HB3  H N N 182 
LEU HG   H N N 183 
LEU HD11 H N N 184 
LEU HD12 H N N 185 
LEU HD13 H N N 186 
LEU HD21 H N N 187 
LEU HD22 H N N 188 
LEU HD23 H N N 189 
LEU HXT  H N N 190 
LYS N    N N N 191 
LYS CA   C N S 192 
LYS C    C N N 193 
LYS O    O N N 194 
LYS CB   C N N 195 
LYS CG   C N N 196 
LYS CD   C N N 197 
LYS CE   C N N 198 
LYS NZ   N N N 199 
LYS OXT  O N N 200 
LYS H    H N N 201 
LYS H2   H N N 202 
LYS HA   H N N 203 
LYS HB2  H N N 204 
LYS HB3  H N N 205 
LYS HG2  H N N 206 
LYS HG3  H N N 207 
LYS HD2  H N N 208 
LYS HD3  H N N 209 
LYS HE2  H N N 210 
LYS HE3  H N N 211 
LYS HZ1  H N N 212 
LYS HZ2  H N N 213 
LYS HZ3  H N N 214 
LYS HXT  H N N 215 
MET N    N N N 216 
MET CA   C N S 217 
MET C    C N N 218 
MET O    O N N 219 
MET CB   C N N 220 
MET CG   C N N 221 
MET SD   S N N 222 
MET CE   C N N 223 
MET OXT  O N N 224 
MET H    H N N 225 
MET H2   H N N 226 
MET HA   H N N 227 
MET HB2  H N N 228 
MET HB3  H N N 229 
MET HG2  H N N 230 
MET HG3  H N N 231 
MET HE1  H N N 232 
MET HE2  H N N 233 
MET HE3  H N N 234 
MET HXT  H N N 235 
PHE N    N N N 236 
PHE CA   C N S 237 
PHE C    C N N 238 
PHE O    O N N 239 
PHE CB   C N N 240 
PHE CG   C Y N 241 
PHE CD1  C Y N 242 
PHE CD2  C Y N 243 
PHE CE1  C Y N 244 
PHE CE2  C Y N 245 
PHE CZ   C Y N 246 
PHE OXT  O N N 247 
PHE H    H N N 248 
PHE H2   H N N 249 
PHE HA   H N N 250 
PHE HB2  H N N 251 
PHE HB3  H N N 252 
PHE HD1  H N N 253 
PHE HD2  H N N 254 
PHE HE1  H N N 255 
PHE HE2  H N N 256 
PHE HZ   H N N 257 
PHE HXT  H N N 258 
PRO N    N N N 259 
PRO CA   C N S 260 
PRO C    C N N 261 
PRO O    O N N 262 
PRO CB   C N N 263 
PRO CG   C N N 264 
PRO CD   C N N 265 
PRO OXT  O N N 266 
PRO H    H N N 267 
PRO HA   H N N 268 
PRO HB2  H N N 269 
PRO HB3  H N N 270 
PRO HG2  H N N 271 
PRO HG3  H N N 272 
PRO HD2  H N N 273 
PRO HD3  H N N 274 
PRO HXT  H N N 275 
SER N    N N N 276 
SER CA   C N S 277 
SER C    C N N 278 
SER O    O N N 279 
SER CB   C N N 280 
SER OG   O N N 281 
SER OXT  O N N 282 
SER H    H N N 283 
SER H2   H N N 284 
SER HA   H N N 285 
SER HB2  H N N 286 
SER HB3  H N N 287 
SER HG   H N N 288 
SER HXT  H N N 289 
THR N    N N N 290 
THR CA   C N S 291 
THR C    C N N 292 
THR O    O N N 293 
THR CB   C N R 294 
THR OG1  O N N 295 
THR CG2  C N N 296 
THR OXT  O N N 297 
THR H    H N N 298 
THR H2   H N N 299 
THR HA   H N N 300 
THR HB   H N N 301 
THR HG1  H N N 302 
THR HG21 H N N 303 
THR HG22 H N N 304 
THR HG23 H N N 305 
THR HXT  H N N 306 
TYR N    N N N 307 
TYR CA   C N S 308 
TYR C    C N N 309 
TYR O    O N N 310 
TYR CB   C N N 311 
TYR CG   C Y N 312 
TYR CD1  C Y N 313 
TYR CD2  C Y N 314 
TYR CE1  C Y N 315 
TYR CE2  C Y N 316 
TYR CZ   C Y N 317 
TYR OH   O N N 318 
TYR OXT  O N N 319 
TYR H    H N N 320 
TYR H2   H N N 321 
TYR HA   H N N 322 
TYR HB2  H N N 323 
TYR HB3  H N N 324 
TYR HD1  H N N 325 
TYR HD2  H N N 326 
TYR HE1  H N N 327 
TYR HE2  H N N 328 
TYR HH   H N N 329 
TYR HXT  H N N 330 
VAL N    N N N 331 
VAL CA   C N S 332 
VAL C    C N N 333 
VAL O    O N N 334 
VAL CB   C N N 335 
VAL CG1  C N N 336 
VAL CG2  C N N 337 
VAL OXT  O N N 338 
VAL H    H N N 339 
VAL H2   H N N 340 
VAL HA   H N N 341 
VAL HB   H N N 342 
VAL HG11 H N N 343 
VAL HG12 H N N 344 
VAL HG13 H N N 345 
VAL HG21 H N N 346 
VAL HG22 H N N 347 
VAL HG23 H N N 348 
VAL HXT  H N N 349 
# 
loop_
_chem_comp_bond.comp_id 
_chem_comp_bond.atom_id_1 
_chem_comp_bond.atom_id_2 
_chem_comp_bond.value_order 
_chem_comp_bond.pdbx_aromatic_flag 
_chem_comp_bond.pdbx_stereo_config 
_chem_comp_bond.pdbx_ordinal 
ALA N   CA   sing N N 1   
ALA N   H    sing N N 2   
ALA N   H2   sing N N 3   
ALA CA  C    sing N N 4   
ALA CA  CB   sing N N 5   
ALA CA  HA   sing N N 6   
ALA C   O    doub N N 7   
ALA C   OXT  sing N N 8   
ALA CB  HB1  sing N N 9   
ALA CB  HB2  sing N N 10  
ALA CB  HB3  sing N N 11  
ALA OXT HXT  sing N N 12  
ARG N   CA   sing N N 13  
ARG N   H    sing N N 14  
ARG N   H2   sing N N 15  
ARG CA  C    sing N N 16  
ARG CA  CB   sing N N 17  
ARG CA  HA   sing N N 18  
ARG C   O    doub N N 19  
ARG C   OXT  sing N N 20  
ARG CB  CG   sing N N 21  
ARG CB  HB2  sing N N 22  
ARG CB  HB3  sing N N 23  
ARG CG  CD   sing N N 24  
ARG CG  HG2  sing N N 25  
ARG CG  HG3  sing N N 26  
ARG CD  NE   sing N N 27  
ARG CD  HD2  sing N N 28  
ARG CD  HD3  sing N N 29  
ARG NE  CZ   sing N N 30  
ARG NE  HE   sing N N 31  
ARG CZ  NH1  sing N N 32  
ARG CZ  NH2  doub N N 33  
ARG NH1 HH11 sing N N 34  
ARG NH1 HH12 sing N N 35  
ARG NH2 HH21 sing N N 36  
ARG NH2 HH22 sing N N 37  
ARG OXT HXT  sing N N 38  
ASN N   CA   sing N N 39  
ASN N   H    sing N N 40  
ASN N   H2   sing N N 41  
ASN CA  C    sing N N 42  
ASN CA  CB   sing N N 43  
ASN CA  HA   sing N N 44  
ASN C   O    doub N N 45  
ASN C   OXT  sing N N 46  
ASN CB  CG   sing N N 47  
ASN CB  HB2  sing N N 48  
ASN CB  HB3  sing N N 49  
ASN CG  OD1  doub N N 50  
ASN CG  ND2  sing N N 51  
ASN ND2 HD21 sing N N 52  
ASN ND2 HD22 sing N N 53  
ASN OXT HXT  sing N N 54  
ASP N   CA   sing N N 55  
ASP N   H    sing N N 56  
ASP N   H2   sing N N 57  
ASP CA  C    sing N N 58  
ASP CA  CB   sing N N 59  
ASP CA  HA   sing N N 60  
ASP C   O    doub N N 61  
ASP C   OXT  sing N N 62  
ASP CB  CG   sing N N 63  
ASP CB  HB2  sing N N 64  
ASP CB  HB3  sing N N 65  
ASP CG  OD1  doub N N 66  
ASP CG  OD2  sing N N 67  
ASP OD2 HD2  sing N N 68  
ASP OXT HXT  sing N N 69  
GLN N   CA   sing N N 70  
GLN N   H    sing N N 71  
GLN N   H2   sing N N 72  
GLN CA  C    sing N N 73  
GLN CA  CB   sing N N 74  
GLN CA  HA   sing N N 75  
GLN C   O    doub N N 76  
GLN C   OXT  sing N N 77  
GLN CB  CG   sing N N 78  
GLN CB  HB2  sing N N 79  
GLN CB  HB3  sing N N 80  
GLN CG  CD   sing N N 81  
GLN CG  HG2  sing N N 82  
GLN CG  HG3  sing N N 83  
GLN CD  OE1  doub N N 84  
GLN CD  NE2  sing N N 85  
GLN NE2 HE21 sing N N 86  
GLN NE2 HE22 sing N N 87  
GLN OXT HXT  sing N N 88  
GLU N   CA   sing N N 89  
GLU N   H    sing N N 90  
GLU N   H2   sing N N 91  
GLU CA  C    sing N N 92  
GLU CA  CB   sing N N 93  
GLU CA  HA   sing N N 94  
GLU C   O    doub N N 95  
GLU C   OXT  sing N N 96  
GLU CB  CG   sing N N 97  
GLU CB  HB2  sing N N 98  
GLU CB  HB3  sing N N 99  
GLU CG  CD   sing N N 100 
GLU CG  HG2  sing N N 101 
GLU CG  HG3  sing N N 102 
GLU CD  OE1  doub N N 103 
GLU CD  OE2  sing N N 104 
GLU OE2 HE2  sing N N 105 
GLU OXT HXT  sing N N 106 
GLY N   CA   sing N N 107 
GLY N   H    sing N N 108 
GLY N   H2   sing N N 109 
GLY CA  C    sing N N 110 
GLY CA  HA2  sing N N 111 
GLY CA  HA3  sing N N 112 
GLY C   O    doub N N 113 
GLY C   OXT  sing N N 114 
GLY OXT HXT  sing N N 115 
HIS N   CA   sing N N 116 
HIS N   H    sing N N 117 
HIS N   H2   sing N N 118 
HIS CA  C    sing N N 119 
HIS CA  CB   sing N N 120 
HIS CA  HA   sing N N 121 
HIS C   O    doub N N 122 
HIS C   OXT  sing N N 123 
HIS CB  CG   sing N N 124 
HIS CB  HB2  sing N N 125 
HIS CB  HB3  sing N N 126 
HIS CG  ND1  sing Y N 127 
HIS CG  CD2  doub Y N 128 
HIS ND1 CE1  doub Y N 129 
HIS ND1 HD1  sing N N 130 
HIS CD2 NE2  sing Y N 131 
HIS CD2 HD2  sing N N 132 
HIS CE1 NE2  sing Y N 133 
HIS CE1 HE1  sing N N 134 
HIS NE2 HE2  sing N N 135 
HIS OXT HXT  sing N N 136 
HOH O   H1   sing N N 137 
HOH O   H2   sing N N 138 
ILE N   CA   sing N N 139 
ILE N   H    sing N N 140 
ILE N   H2   sing N N 141 
ILE CA  C    sing N N 142 
ILE CA  CB   sing N N 143 
ILE CA  HA   sing N N 144 
ILE C   O    doub N N 145 
ILE C   OXT  sing N N 146 
ILE CB  CG1  sing N N 147 
ILE CB  CG2  sing N N 148 
ILE CB  HB   sing N N 149 
ILE CG1 CD1  sing N N 150 
ILE CG1 HG12 sing N N 151 
ILE CG1 HG13 sing N N 152 
ILE CG2 HG21 sing N N 153 
ILE CG2 HG22 sing N N 154 
ILE CG2 HG23 sing N N 155 
ILE CD1 HD11 sing N N 156 
ILE CD1 HD12 sing N N 157 
ILE CD1 HD13 sing N N 158 
ILE OXT HXT  sing N N 159 
LEU N   CA   sing N N 160 
LEU N   H    sing N N 161 
LEU N   H2   sing N N 162 
LEU CA  C    sing N N 163 
LEU CA  CB   sing N N 164 
LEU CA  HA   sing N N 165 
LEU C   O    doub N N 166 
LEU C   OXT  sing N N 167 
LEU CB  CG   sing N N 168 
LEU CB  HB2  sing N N 169 
LEU CB  HB3  sing N N 170 
LEU CG  CD1  sing N N 171 
LEU CG  CD2  sing N N 172 
LEU CG  HG   sing N N 173 
LEU CD1 HD11 sing N N 174 
LEU CD1 HD12 sing N N 175 
LEU CD1 HD13 sing N N 176 
LEU CD2 HD21 sing N N 177 
LEU CD2 HD22 sing N N 178 
LEU CD2 HD23 sing N N 179 
LEU OXT HXT  sing N N 180 
LYS N   CA   sing N N 181 
LYS N   H    sing N N 182 
LYS N   H2   sing N N 183 
LYS CA  C    sing N N 184 
LYS CA  CB   sing N N 185 
LYS CA  HA   sing N N 186 
LYS C   O    doub N N 187 
LYS C   OXT  sing N N 188 
LYS CB  CG   sing N N 189 
LYS CB  HB2  sing N N 190 
LYS CB  HB3  sing N N 191 
LYS CG  CD   sing N N 192 
LYS CG  HG2  sing N N 193 
LYS CG  HG3  sing N N 194 
LYS CD  CE   sing N N 195 
LYS CD  HD2  sing N N 196 
LYS CD  HD3  sing N N 197 
LYS CE  NZ   sing N N 198 
LYS CE  HE2  sing N N 199 
LYS CE  HE3  sing N N 200 
LYS NZ  HZ1  sing N N 201 
LYS NZ  HZ2  sing N N 202 
LYS NZ  HZ3  sing N N 203 
LYS OXT HXT  sing N N 204 
MET N   CA   sing N N 205 
MET N   H    sing N N 206 
MET N   H2   sing N N 207 
MET CA  C    sing N N 208 
MET CA  CB   sing N N 209 
MET CA  HA   sing N N 210 
MET C   O    doub N N 211 
MET C   OXT  sing N N 212 
MET CB  CG   sing N N 213 
MET CB  HB2  sing N N 214 
MET CB  HB3  sing N N 215 
MET CG  SD   sing N N 216 
MET CG  HG2  sing N N 217 
MET CG  HG3  sing N N 218 
MET SD  CE   sing N N 219 
MET CE  HE1  sing N N 220 
MET CE  HE2  sing N N 221 
MET CE  HE3  sing N N 222 
MET OXT HXT  sing N N 223 
PHE N   CA   sing N N 224 
PHE N   H    sing N N 225 
PHE N   H2   sing N N 226 
PHE CA  C    sing N N 227 
PHE CA  CB   sing N N 228 
PHE CA  HA   sing N N 229 
PHE C   O    doub N N 230 
PHE C   OXT  sing N N 231 
PHE CB  CG   sing N N 232 
PHE CB  HB2  sing N N 233 
PHE CB  HB3  sing N N 234 
PHE CG  CD1  doub Y N 235 
PHE CG  CD2  sing Y N 236 
PHE CD1 CE1  sing Y N 237 
PHE CD1 HD1  sing N N 238 
PHE CD2 CE2  doub Y N 239 
PHE CD2 HD2  sing N N 240 
PHE CE1 CZ   doub Y N 241 
PHE CE1 HE1  sing N N 242 
PHE CE2 CZ   sing Y N 243 
PHE CE2 HE2  sing N N 244 
PHE CZ  HZ   sing N N 245 
PHE OXT HXT  sing N N 246 
PRO N   CA   sing N N 247 
PRO N   CD   sing N N 248 
PRO N   H    sing N N 249 
PRO CA  C    sing N N 250 
PRO CA  CB   sing N N 251 
PRO CA  HA   sing N N 252 
PRO C   O    doub N N 253 
PRO C   OXT  sing N N 254 
PRO CB  CG   sing N N 255 
PRO CB  HB2  sing N N 256 
PRO CB  HB3  sing N N 257 
PRO CG  CD   sing N N 258 
PRO CG  HG2  sing N N 259 
PRO CG  HG3  sing N N 260 
PRO CD  HD2  sing N N 261 
PRO CD  HD3  sing N N 262 
PRO OXT HXT  sing N N 263 
SER N   CA   sing N N 264 
SER N   H    sing N N 265 
SER N   H2   sing N N 266 
SER CA  C    sing N N 267 
SER CA  CB   sing N N 268 
SER CA  HA   sing N N 269 
SER C   O    doub N N 270 
SER C   OXT  sing N N 271 
SER CB  OG   sing N N 272 
SER CB  HB2  sing N N 273 
SER CB  HB3  sing N N 274 
SER OG  HG   sing N N 275 
SER OXT HXT  sing N N 276 
THR N   CA   sing N N 277 
THR N   H    sing N N 278 
THR N   H2   sing N N 279 
THR CA  C    sing N N 280 
THR CA  CB   sing N N 281 
THR CA  HA   sing N N 282 
THR C   O    doub N N 283 
THR C   OXT  sing N N 284 
THR CB  OG1  sing N N 285 
THR CB  CG2  sing N N 286 
THR CB  HB   sing N N 287 
THR OG1 HG1  sing N N 288 
THR CG2 HG21 sing N N 289 
THR CG2 HG22 sing N N 290 
THR CG2 HG23 sing N N 291 
THR OXT HXT  sing N N 292 
TYR N   CA   sing N N 293 
TYR N   H    sing N N 294 
TYR N   H2   sing N N 295 
TYR CA  C    sing N N 296 
TYR CA  CB   sing N N 297 
TYR CA  HA   sing N N 298 
TYR C   O    doub N N 299 
TYR C   OXT  sing N N 300 
TYR CB  CG   sing N N 301 
TYR CB  HB2  sing N N 302 
TYR CB  HB3  sing N N 303 
TYR CG  CD1  doub Y N 304 
TYR CG  CD2  sing Y N 305 
TYR CD1 CE1  sing Y N 306 
TYR CD1 HD1  sing N N 307 
TYR CD2 CE2  doub Y N 308 
TYR CD2 HD2  sing N N 309 
TYR CE1 CZ   doub Y N 310 
TYR CE1 HE1  sing N N 311 
TYR CE2 CZ   sing Y N 312 
TYR CE2 HE2  sing N N 313 
TYR CZ  OH   sing N N 314 
TYR OH  HH   sing N N 315 
TYR OXT HXT  sing N N 316 
VAL N   CA   sing N N 317 
VAL N   H    sing N N 318 
VAL N   H2   sing N N 319 
VAL CA  C    sing N N 320 
VAL CA  CB   sing N N 321 
VAL CA  HA   sing N N 322 
VAL C   O    doub N N 323 
VAL C   OXT  sing N N 324 
VAL CB  CG1  sing N N 325 
VAL CB  CG2  sing N N 326 
VAL CB  HB   sing N N 327 
VAL CG1 HG11 sing N N 328 
VAL CG1 HG12 sing N N 329 
VAL CG1 HG13 sing N N 330 
VAL CG2 HG21 sing N N 331 
VAL CG2 HG22 sing N N 332 
VAL CG2 HG23 sing N N 333 
VAL OXT HXT  sing N N 334 
# 
_pdbx_entity_nonpoly.entity_id   2 
_pdbx_entity_nonpoly.name        water 
_pdbx_entity_nonpoly.comp_id     HOH 
# 
_pdbx_initial_refinement_model.id               1 
_pdbx_initial_refinement_model.entity_id_list   ? 
_pdbx_initial_refinement_model.type             'experimental model' 
_pdbx_initial_refinement_model.source_name      PDB 
_pdbx_initial_refinement_model.accession_code   1LA1 
_pdbx_initial_refinement_model.details          ? 
# 
